data_3TWB
#
_entry.id   3TWB
#
_cell.length_a   144.727
_cell.length_b   144.727
_cell.length_c   446.996
_cell.angle_alpha   90.00
_cell.angle_beta   90.00
_cell.angle_gamma   90.00
#
_symmetry.space_group_name_H-M   'I 4 2 2'
#
loop_
_entity.id
_entity.type
_entity.pdbx_description
1 polymer 'Putative dehydratase'
2 non-polymer 'MAGNESIUM ION'
3 non-polymer GLYCEROL
4 non-polymer 'CHLORIDE ION'
5 non-polymer 'D-gluconic acid'
6 water water
#
_entity_poly.entity_id   1
_entity_poly.type   'polypeptide(L)'
_entity_poly.pdbx_seq_one_letter_code
;MHHHHHHSSGVDLGTENLYFQSMMKVSNLKITNVKTILTAPGGIDLAVVKIETNEPGLYGLGCATFTQRIFAVKSAIDEY
MAPFLVGKDPTRIEDIWQSGVVSGYWRNGPIMNNALSGVDMALWDIKGKLAGMPVYDLLGGKCRDGIPLYCHTDGGDEVE
VEDNIRARMEEGYQYVRCQMGMYGGAGTDDLKLIATQLARAKNIQPKRSPRSKTPGIYFDPDAYAKSVPRLFDHLRNKLG
FGIEFIHDVHERVTPVTAINLAKTLEQYQLFYLEDPVAPENIDWLKMLRQQSSTPISMGELFVNVNEWKPLIDNRLIDYI
RCHVSTIGGITPARKLAVYSELNGVRTAWHGPGDISPVGVCANMHLDLSSPNFGIQEYTPMNDALRDVFPGCPEIDHGYA
YLNDKPGLGIDIDEAKAAKYPCEGGIPSWTMARTPDGTASRP
;
_entity_poly.pdbx_strand_id   A,B,C,D,E
#
# COMPACT_ATOMS: atom_id res chain seq x y z
N ASN A 28 -29.77 -32.36 29.29
CA ASN A 28 -30.05 -31.81 27.95
C ASN A 28 -29.47 -30.38 27.75
N LEU A 29 -28.58 -29.96 28.66
CA LEU A 29 -27.93 -28.65 28.51
C LEU A 29 -26.92 -28.63 27.35
N LYS A 30 -27.04 -27.61 26.48
CA LYS A 30 -26.22 -27.50 25.28
C LYS A 30 -25.78 -26.06 25.03
N ILE A 31 -24.58 -25.89 24.49
CA ILE A 31 -24.13 -24.59 24.01
C ILE A 31 -24.91 -24.26 22.74
N THR A 32 -25.40 -23.03 22.64
CA THR A 32 -26.19 -22.64 21.48
C THR A 32 -25.51 -21.57 20.66
N ASN A 33 -24.61 -20.79 21.27
CA ASN A 33 -23.99 -19.66 20.55
C ASN A 33 -22.72 -19.27 21.28
N VAL A 34 -21.73 -18.88 20.48
CA VAL A 34 -20.42 -18.48 20.96
C VAL A 34 -20.10 -17.18 20.23
N LYS A 35 -19.80 -16.12 20.96
CA LYS A 35 -19.42 -14.90 20.25
C LYS A 35 -18.34 -14.10 20.93
N THR A 36 -17.65 -13.29 20.12
CA THR A 36 -16.57 -12.46 20.62
C THR A 36 -17.12 -11.08 20.73
N ILE A 37 -16.86 -10.44 21.85
CA ILE A 37 -17.13 -9.04 22.05
C ILE A 37 -15.81 -8.29 22.14
N LEU A 38 -15.61 -7.34 21.24
CA LEU A 38 -14.42 -6.48 21.28
C LEU A 38 -14.80 -5.13 21.82
N THR A 39 -14.13 -4.71 22.88
CA THR A 39 -14.45 -3.43 23.51
C THR A 39 -13.23 -2.82 24.21
N ALA A 40 -13.20 -1.49 24.35
CA ALA A 40 -12.07 -0.80 24.95
C ALA A 40 -12.42 0.33 25.94
N PRO A 41 -13.20 0.02 27.01
CA PRO A 41 -13.68 1.07 27.93
C PRO A 41 -12.57 1.75 28.73
N GLY A 42 -11.45 1.05 28.91
CA GLY A 42 -10.31 1.62 29.62
C GLY A 42 -9.22 2.08 28.66
N GLY A 43 -9.56 2.22 27.38
CA GLY A 43 -8.63 2.73 26.38
C GLY A 43 -7.63 1.68 25.89
N ILE A 44 -7.94 0.41 26.15
CA ILE A 44 -7.09 -0.71 25.75
C ILE A 44 -7.99 -1.78 25.17
N ASP A 45 -7.66 -2.26 23.97
CA ASP A 45 -8.48 -3.28 23.29
C ASP A 45 -8.62 -4.57 24.12
N LEU A 46 -9.87 -4.98 24.38
CA LEU A 46 -10.19 -6.22 25.10
C LEU A 46 -11.00 -7.15 24.21
N ALA A 47 -10.85 -8.46 24.43
CA ALA A 47 -11.71 -9.45 23.79
C ALA A 47 -12.37 -10.31 24.84
N VAL A 48 -13.70 -10.38 24.79
CA VAL A 48 -14.48 -11.16 25.75
C VAL A 48 -15.36 -12.15 24.98
N VAL A 49 -15.42 -13.39 25.46
CA VAL A 49 -16.26 -14.41 24.84
C VAL A 49 -17.52 -14.59 25.69
N LYS A 50 -18.67 -14.66 25.02
CA LYS A 50 -19.93 -14.98 25.68
C LYS A 50 -20.47 -16.26 25.08
N ILE A 51 -20.73 -17.23 25.95
CA ILE A 51 -21.30 -18.49 25.54
C ILE A 51 -22.73 -18.56 26.02
N GLU A 52 -23.65 -18.71 25.08
CA GLU A 52 -25.05 -18.94 25.43
C GLU A 52 -25.43 -20.41 25.40
N THR A 53 -26.48 -20.75 26.13
CA THR A 53 -26.94 -22.12 26.24
C THR A 53 -28.44 -22.20 25.92
N ASN A 54 -28.97 -23.41 25.83
CA ASN A 54 -30.44 -23.59 25.68
C ASN A 54 -31.26 -23.43 26.96
N GLU A 55 -30.61 -23.03 28.06
CA GLU A 55 -31.30 -22.71 29.29
C GLU A 55 -31.47 -21.20 29.33
N PRO A 56 -32.73 -20.73 29.23
CA PRO A 56 -33.01 -19.29 29.15
C PRO A 56 -32.28 -18.53 30.25
N GLY A 57 -31.56 -17.49 29.86
CA GLY A 57 -30.85 -16.63 30.79
C GLY A 57 -29.52 -17.14 31.32
N LEU A 58 -29.15 -18.38 30.99
CA LEU A 58 -27.87 -18.96 31.47
C LEU A 58 -26.77 -18.80 30.41
N TYR A 59 -25.72 -18.06 30.76
CA TYR A 59 -24.63 -17.81 29.83
C TYR A 59 -23.34 -17.66 30.64
N GLY A 60 -22.21 -17.72 29.95
CA GLY A 60 -20.92 -17.57 30.64
C GLY A 60 -20.11 -16.53 29.92
N LEU A 61 -19.20 -15.92 30.65
CA LEU A 61 -18.25 -14.97 30.06
C LEU A 61 -16.81 -15.40 30.30
N GLY A 62 -15.97 -15.21 29.28
CA GLY A 62 -14.54 -15.53 29.39
C GLY A 62 -13.66 -14.44 28.83
N CYS A 63 -12.40 -14.39 29.29
CA CYS A 63 -11.45 -13.42 28.74
C CYS A 63 -10.55 -14.04 27.68
N ALA A 64 -10.40 -13.34 26.56
CA ALA A 64 -9.54 -13.77 25.47
C ALA A 64 -8.61 -12.63 25.08
N THR A 65 -8.26 -11.78 26.05
CA THR A 65 -7.46 -10.59 25.73
C THR A 65 -5.98 -10.82 25.54
N PHE A 66 -5.60 -10.94 24.25
CA PHE A 66 -4.22 -10.74 23.75
C PHE A 66 -4.38 -9.47 22.92
N THR A 67 -4.15 -8.32 23.56
CA THR A 67 -4.55 -7.04 23.03
C THR A 67 -3.90 -6.72 21.67
N GLN A 68 -2.67 -7.16 21.46
CA GLN A 68 -1.89 -6.80 20.28
C GLN A 68 -2.35 -7.55 19.02
N ARG A 69 -3.13 -8.62 19.20
CA ARG A 69 -3.61 -9.41 18.08
C ARG A 69 -5.10 -9.65 18.21
N ILE A 70 -5.81 -8.68 18.76
CA ILE A 70 -7.24 -8.82 19.06
C ILE A 70 -8.12 -9.34 17.88
N PHE A 71 -7.87 -8.86 16.65
CA PHE A 71 -8.65 -9.33 15.49
C PHE A 71 -8.39 -10.76 15.05
N ALA A 72 -7.16 -11.23 15.27
CA ALA A 72 -6.82 -12.65 14.96
C ALA A 72 -7.43 -13.61 16.01
N VAL A 73 -7.47 -13.16 17.25
CA VAL A 73 -8.17 -13.89 18.32
C VAL A 73 -9.67 -13.99 18.00
N LYS A 74 -10.28 -12.86 17.63
CA LYS A 74 -11.68 -12.86 17.17
C LYS A 74 -11.89 -13.88 16.06
N SER A 75 -10.99 -13.89 15.06
CA SER A 75 -11.07 -14.84 13.96
C SER A 75 -11.00 -16.30 14.43
N ALA A 76 -10.05 -16.61 15.31
CA ALA A 76 -9.87 -17.95 15.85
C ALA A 76 -11.14 -18.41 16.58
N ILE A 77 -11.76 -17.50 17.32
CA ILE A 77 -13.00 -17.83 18.02
C ILE A 77 -14.21 -17.98 17.07
N ASP A 78 -14.48 -16.96 16.27
CA ASP A 78 -15.66 -16.95 15.42
C ASP A 78 -15.64 -18.03 14.36
N GLU A 79 -14.50 -18.25 13.71
CA GLU A 79 -14.44 -19.19 12.58
C GLU A 79 -14.23 -20.62 13.01
N TYR A 80 -13.68 -20.85 14.21
CA TYR A 80 -13.21 -22.17 14.59
C TYR A 80 -13.77 -22.70 15.91
N MET A 81 -13.80 -21.87 16.93
CA MET A 81 -14.37 -22.26 18.22
C MET A 81 -15.88 -22.37 18.15
N ALA A 82 -16.53 -21.39 17.54
CA ALA A 82 -18.00 -21.41 17.42
C ALA A 82 -18.54 -22.73 16.83
N PRO A 83 -18.10 -23.13 15.61
CA PRO A 83 -18.60 -24.42 15.12
C PRO A 83 -18.14 -25.65 15.91
N PHE A 84 -16.98 -25.57 16.57
CA PHE A 84 -16.50 -26.66 17.43
C PHE A 84 -17.41 -26.94 18.63
N LEU A 85 -18.10 -25.91 19.12
CA LEU A 85 -18.76 -25.99 20.42
C LEU A 85 -20.28 -26.12 20.40
N VAL A 86 -20.91 -25.61 19.35
CA VAL A 86 -22.38 -25.53 19.34
C VAL A 86 -22.95 -26.94 19.41
N GLY A 87 -23.85 -27.15 20.39
CA GLY A 87 -24.50 -28.44 20.54
C GLY A 87 -23.91 -29.31 21.63
N LYS A 88 -22.76 -28.91 22.15
CA LYS A 88 -22.08 -29.71 23.16
C LYS A 88 -22.50 -29.30 24.57
N ASP A 89 -22.31 -30.24 25.49
CA ASP A 89 -22.65 -30.09 26.88
C ASP A 89 -21.54 -29.26 27.55
N PRO A 90 -21.87 -28.06 28.05
CA PRO A 90 -20.88 -27.14 28.62
C PRO A 90 -20.32 -27.57 29.96
N THR A 91 -20.94 -28.58 30.58
CA THR A 91 -20.51 -29.07 31.89
C THR A 91 -19.17 -29.80 31.82
N ARG A 92 -18.84 -30.27 30.61
CA ARG A 92 -17.64 -31.06 30.41
C ARG A 92 -16.46 -30.14 30.08
N ILE A 93 -16.05 -29.35 31.08
CA ILE A 93 -15.04 -28.31 30.87
C ILE A 93 -13.72 -28.92 30.44
N GLU A 94 -13.28 -29.93 31.19
CA GLU A 94 -12.00 -30.56 30.92
C GLU A 94 -11.97 -31.26 29.55
N ASP A 95 -13.03 -31.98 29.21
CA ASP A 95 -13.08 -32.65 27.91
C ASP A 95 -13.08 -31.64 26.78
N ILE A 96 -13.88 -30.56 26.91
CA ILE A 96 -13.88 -29.48 25.89
C ILE A 96 -12.51 -28.82 25.75
N TRP A 97 -11.82 -28.66 26.88
CA TRP A 97 -10.48 -28.05 26.85
C TRP A 97 -9.47 -28.96 26.13
N GLN A 98 -9.43 -30.24 26.52
CA GLN A 98 -8.48 -31.21 25.97
C GLN A 98 -8.69 -31.46 24.49
N SER A 99 -9.96 -31.55 24.08
CA SER A 99 -10.28 -31.70 22.67
C SER A 99 -10.08 -30.39 21.88
N GLY A 100 -10.44 -29.26 22.48
CA GLY A 100 -10.28 -27.96 21.86
C GLY A 100 -8.81 -27.59 21.61
N VAL A 101 -7.94 -27.94 22.56
CA VAL A 101 -6.52 -27.60 22.44
CA VAL A 101 -6.49 -27.68 22.46
C VAL A 101 -5.83 -28.30 21.25
N VAL A 102 -6.30 -29.48 20.89
CA VAL A 102 -5.73 -30.22 19.78
C VAL A 102 -6.57 -30.18 18.49
N SER A 103 -7.69 -29.44 18.51
CA SER A 103 -8.65 -29.43 17.41
C SER A 103 -8.03 -28.90 16.11
N GLY A 104 -7.03 -28.00 16.23
CA GLY A 104 -6.31 -27.51 15.06
C GLY A 104 -4.97 -28.19 14.80
N TYR A 105 -4.71 -29.28 15.54
CA TYR A 105 -3.44 -30.03 15.53
C TYR A 105 -2.29 -29.24 16.17
N TRP A 106 -1.80 -28.22 15.45
CA TRP A 106 -0.78 -27.31 16.02
C TRP A 106 -1.45 -26.53 17.14
N ARG A 107 -0.65 -26.12 18.12
CA ARG A 107 -1.18 -25.61 19.38
C ARG A 107 -0.05 -24.89 20.10
N ASN A 108 -0.31 -24.48 21.34
CA ASN A 108 0.71 -23.83 22.20
C ASN A 108 1.16 -22.48 21.68
N GLY A 109 0.21 -21.57 21.49
CA GLY A 109 0.58 -20.21 21.06
C GLY A 109 -0.38 -19.21 21.64
N PRO A 110 0.01 -17.92 21.65
CA PRO A 110 -0.83 -16.93 22.34
C PRO A 110 -2.24 -16.74 21.71
N ILE A 111 -2.36 -16.79 20.39
CA ILE A 111 -3.69 -16.59 19.78
C ILE A 111 -4.63 -17.77 20.02
N MET A 112 -4.14 -18.98 19.72
CA MET A 112 -4.79 -20.26 20.03
C MET A 112 -5.21 -20.33 21.51
N ASN A 113 -4.30 -19.97 22.41
CA ASN A 113 -4.60 -20.11 23.84
C ASN A 113 -5.65 -19.13 24.30
N ASN A 114 -5.62 -17.92 23.76
CA ASN A 114 -6.65 -16.96 24.17
C ASN A 114 -8.07 -17.33 23.74
N ALA A 115 -8.19 -17.91 22.56
CA ALA A 115 -9.46 -18.43 22.06
C ALA A 115 -9.98 -19.53 22.99
N LEU A 116 -9.10 -20.44 23.37
CA LEU A 116 -9.42 -21.49 24.34
C LEU A 116 -9.85 -20.91 25.67
N SER A 117 -9.14 -19.88 26.13
CA SER A 117 -9.40 -19.25 27.43
C SER A 117 -10.77 -18.59 27.51
N GLY A 118 -11.12 -17.81 26.48
CA GLY A 118 -12.46 -17.20 26.41
C GLY A 118 -13.56 -18.24 26.62
N VAL A 119 -13.43 -19.37 25.93
CA VAL A 119 -14.32 -20.50 26.08
C VAL A 119 -14.25 -21.10 27.49
N ASP A 120 -13.05 -21.45 27.92
CA ASP A 120 -12.86 -22.12 29.20
C ASP A 120 -13.40 -21.34 30.40
N MET A 121 -13.10 -20.04 30.45
CA MET A 121 -13.54 -19.22 31.57
C MET A 121 -15.06 -19.09 31.55
N ALA A 122 -15.64 -18.96 30.35
CA ALA A 122 -17.12 -18.91 30.19
C ALA A 122 -17.81 -20.18 30.71
N LEU A 123 -17.22 -21.34 30.43
CA LEU A 123 -17.71 -22.62 30.96
C LEU A 123 -17.59 -22.72 32.48
N TRP A 124 -16.47 -22.23 33.04
CA TRP A 124 -16.36 -22.13 34.50
C TRP A 124 -17.43 -21.22 35.08
N ASP A 125 -17.66 -20.08 34.43
CA ASP A 125 -18.72 -19.12 34.85
C ASP A 125 -20.09 -19.85 34.84
N ILE A 126 -20.40 -20.55 33.76
CA ILE A 126 -21.66 -21.34 33.66
C ILE A 126 -21.75 -22.41 34.77
N LYS A 127 -20.65 -23.13 35.00
CA LYS A 127 -20.65 -24.17 36.05
C LYS A 127 -20.99 -23.55 37.41
N GLY A 128 -20.36 -22.43 37.73
CA GLY A 128 -20.66 -21.73 38.98
C GLY A 128 -22.12 -21.27 39.09
N LYS A 129 -22.64 -20.72 37.99
CA LYS A 129 -24.05 -20.29 37.96
C LYS A 129 -25.00 -21.48 38.20
N LEU A 130 -24.69 -22.62 37.62
CA LEU A 130 -25.50 -23.83 37.79
C LEU A 130 -25.44 -24.35 39.22
N ALA A 131 -24.29 -24.17 39.85
CA ALA A 131 -24.03 -24.63 41.19
C ALA A 131 -24.55 -23.65 42.25
N GLY A 132 -24.82 -22.41 41.84
CA GLY A 132 -25.07 -21.31 42.77
C GLY A 132 -23.84 -20.99 43.63
N MET A 133 -22.64 -21.14 43.06
CA MET A 133 -21.39 -20.93 43.80
C MET A 133 -20.41 -20.11 43.01
N PRO A 134 -19.66 -19.24 43.70
CA PRO A 134 -18.52 -18.62 43.01
C PRO A 134 -17.51 -19.69 42.52
N VAL A 135 -16.75 -19.34 41.48
CA VAL A 135 -15.75 -20.27 40.95
C VAL A 135 -14.75 -20.65 42.03
N TYR A 136 -14.35 -19.68 42.86
CA TYR A 136 -13.40 -19.97 43.95
C TYR A 136 -13.93 -21.05 44.90
N ASP A 137 -15.26 -21.14 45.02
CA ASP A 137 -15.86 -22.20 45.82
C ASP A 137 -15.86 -23.54 45.13
N LEU A 138 -16.09 -23.56 43.81
CA LEU A 138 -15.98 -24.82 43.07
C LEU A 138 -14.55 -25.34 43.15
N LEU A 139 -13.59 -24.41 43.20
CA LEU A 139 -12.13 -24.74 43.25
C LEU A 139 -11.57 -25.17 44.61
N GLY A 140 -12.40 -25.14 45.64
CA GLY A 140 -11.98 -25.62 46.95
C GLY A 140 -12.20 -24.61 48.06
N GLY A 141 -12.77 -23.44 47.74
CA GLY A 141 -13.11 -22.45 48.77
C GLY A 141 -11.99 -21.49 49.10
N LYS A 142 -12.33 -20.47 49.88
CA LYS A 142 -11.37 -19.43 50.29
C LYS A 142 -10.20 -19.95 51.11
N CYS A 143 -8.98 -19.54 50.73
CA CYS A 143 -7.77 -19.83 51.50
C CYS A 143 -7.21 -18.60 52.19
N ARG A 144 -7.93 -17.49 52.10
CA ARG A 144 -7.47 -16.22 52.68
C ARG A 144 -8.67 -15.30 52.76
N ASP A 145 -8.53 -14.20 53.47
CA ASP A 145 -9.65 -13.31 53.76
C ASP A 145 -9.75 -12.11 52.81
N GLY A 146 -8.73 -11.95 51.97
CA GLY A 146 -8.73 -10.86 51.01
C GLY A 146 -7.52 -11.10 50.15
N ILE A 147 -7.47 -10.45 48.99
CA ILE A 147 -6.37 -10.67 48.07
C ILE A 147 -5.46 -9.45 48.09
N PRO A 148 -4.23 -9.62 48.61
CA PRO A 148 -3.30 -8.48 48.58
C PRO A 148 -2.87 -8.14 47.17
N LEU A 149 -2.74 -6.84 46.93
CA LEU A 149 -2.47 -6.28 45.62
C LEU A 149 -1.14 -5.58 45.58
N TYR A 150 -0.53 -5.57 44.39
CA TYR A 150 0.44 -4.53 44.11
C TYR A 150 0.07 -3.69 42.92
N CYS A 151 0.52 -2.44 42.93
CA CYS A 151 0.20 -1.53 41.83
C CYS A 151 1.48 -0.92 41.31
N HIS A 152 1.39 -0.25 40.19
CA HIS A 152 2.58 0.27 39.51
C HIS A 152 2.87 1.68 39.97
N THR A 153 4.14 1.97 40.19
CA THR A 153 4.60 3.31 40.44
C THR A 153 5.76 3.58 39.49
N ASP A 154 5.85 4.82 39.03
CA ASP A 154 6.88 5.21 38.06
C ASP A 154 7.26 6.69 38.20
N GLY A 155 8.28 7.11 37.49
CA GLY A 155 8.66 8.48 37.49
C GLY A 155 9.86 8.75 36.64
N GLY A 156 10.12 10.02 36.38
CA GLY A 156 11.32 10.37 35.62
C GLY A 156 12.59 10.37 36.43
N ASP A 157 12.47 10.46 37.76
CA ASP A 157 13.63 10.36 38.67
C ASP A 157 13.20 9.74 40.01
N GLU A 158 14.18 9.50 40.89
CA GLU A 158 14.02 8.78 42.17
C GLU A 158 12.98 9.44 43.07
N VAL A 159 13.00 10.76 43.08
CA VAL A 159 12.09 11.53 43.92
C VAL A 159 10.65 11.42 43.41
N GLU A 160 10.47 11.47 42.09
CA GLU A 160 9.12 11.27 41.53
C GLU A 160 8.56 9.88 41.82
N VAL A 161 9.40 8.84 41.71
CA VAL A 161 8.96 7.48 42.03
C VAL A 161 8.57 7.41 43.53
N GLU A 162 9.42 7.98 44.40
CA GLU A 162 9.16 8.07 45.83
C GLU A 162 7.79 8.69 46.15
N ASP A 163 7.49 9.84 45.52
CA ASP A 163 6.20 10.54 45.68
C ASP A 163 5.01 9.67 45.30
N ASN A 164 5.15 8.93 44.19
CA ASN A 164 4.08 8.06 43.73
C ASN A 164 3.84 6.90 44.69
N ILE A 165 4.93 6.31 45.19
CA ILE A 165 4.80 5.27 46.21
C ILE A 165 4.08 5.81 47.47
N ARG A 166 4.41 7.04 47.89
CA ARG A 166 3.75 7.58 49.11
C ARG A 166 2.24 7.72 48.90
N ALA A 167 1.86 8.18 47.71
CA ALA A 167 0.44 8.32 47.34
C ALA A 167 -0.26 6.97 47.33
N ARG A 168 0.42 5.92 46.82
CA ARG A 168 -0.19 4.59 46.82
C ARG A 168 -0.27 3.99 48.24
N MET A 169 0.73 4.26 49.07
CA MET A 169 0.72 3.80 50.46
C MET A 169 -0.42 4.47 51.23
N GLU A 170 -0.70 5.72 50.87
CA GLU A 170 -1.82 6.44 51.47
C GLU A 170 -3.15 5.75 51.15
N GLU A 171 -3.25 5.14 49.97
CA GLU A 171 -4.45 4.42 49.55
C GLU A 171 -4.53 3.02 50.13
N GLY A 172 -3.47 2.63 50.84
CA GLY A 172 -3.43 1.35 51.55
C GLY A 172 -2.63 0.25 50.88
N TYR A 173 -1.99 0.54 49.75
CA TYR A 173 -1.13 -0.48 49.09
C TYR A 173 0.09 -0.78 49.95
N GLN A 174 0.36 -2.07 50.11
CA GLN A 174 1.47 -2.52 50.94
C GLN A 174 2.56 -3.16 50.07
N TYR A 175 2.35 -3.16 48.76
CA TYR A 175 3.27 -3.75 47.78
C TYR A 175 3.20 -2.86 46.57
N VAL A 176 4.36 -2.50 46.03
CA VAL A 176 4.41 -1.62 44.87
C VAL A 176 5.51 -2.03 43.94
N ARG A 177 5.26 -1.87 42.66
CA ARG A 177 6.31 -2.07 41.69
C ARG A 177 6.91 -0.70 41.40
N CYS A 178 8.24 -0.67 41.31
CA CYS A 178 8.99 0.59 41.24
C CYS A 178 9.82 0.61 39.98
N GLN A 179 9.47 1.49 39.04
CA GLN A 179 10.29 1.67 37.82
C GLN A 179 10.61 3.14 37.67
N MET A 180 11.70 3.43 37.00
CA MET A 180 12.13 4.81 36.75
C MET A 180 12.38 4.87 35.26
N GLY A 181 11.45 5.48 34.56
CA GLY A 181 11.44 5.40 33.09
C GLY A 181 10.87 4.10 32.57
N MET A 182 9.91 3.52 33.31
CA MET A 182 9.21 2.26 32.94
C MET A 182 10.13 1.04 32.63
N TYR A 183 10.14 0.53 31.37
CA TYR A 183 11.03 -0.59 30.98
C TYR A 183 12.30 -0.13 30.24
N GLY A 184 13.47 -0.59 30.69
CA GLY A 184 14.77 -0.13 30.09
C GLY A 184 15.08 1.36 30.18
N GLY A 185 14.30 2.08 31.00
CA GLY A 185 14.46 3.53 31.17
C GLY A 185 13.81 4.36 30.08
N ALA A 186 13.24 3.70 29.07
CA ALA A 186 12.68 4.39 27.90
C ALA A 186 11.35 5.15 28.12
N GLY A 187 10.60 4.76 29.16
CA GLY A 187 9.22 5.27 29.38
C GLY A 187 8.33 4.76 28.26
N THR A 188 7.17 5.41 28.05
CA THR A 188 6.35 5.14 26.86
C THR A 188 5.46 6.34 26.46
N ASP A 189 5.34 6.56 25.16
CA ASP A 189 4.38 7.52 24.61
C ASP A 189 3.26 6.78 23.88
N ASP A 190 3.35 5.46 23.88
CA ASP A 190 2.40 4.60 23.20
C ASP A 190 1.22 4.28 24.14
N LEU A 191 0.05 4.89 23.84
CA LEU A 191 -1.18 4.69 24.64
C LEU A 191 -1.80 3.27 24.56
N LYS A 192 -1.35 2.48 23.59
CA LYS A 192 -1.76 1.07 23.48
C LYS A 192 -1.20 0.21 24.63
N LEU A 193 -0.10 0.66 25.25
CA LEU A 193 0.51 -0.06 26.38
C LEU A 193 -0.35 -0.02 27.66
N ILE A 194 -0.57 1.17 28.21
CA ILE A 194 -1.46 1.27 29.38
C ILE A 194 -2.40 2.47 29.42
N ALA A 195 -2.75 3.02 28.24
CA ALA A 195 -3.61 4.20 28.12
C ALA A 195 -3.12 5.43 28.92
N THR A 196 -1.82 5.45 29.22
CA THR A 196 -1.14 6.56 29.91
C THR A 196 0.29 6.70 29.36
N GLN A 197 0.69 7.93 29.05
CA GLN A 197 2.07 8.21 28.68
C GLN A 197 2.95 8.36 29.94
N LEU A 198 4.10 7.69 29.93
CA LEU A 198 5.06 7.71 31.05
C LEU A 198 6.42 8.25 30.61
N ALA A 199 6.96 9.19 31.38
CA ALA A 199 8.24 9.85 31.08
C ALA A 199 9.44 8.89 31.00
N ARG A 200 10.28 9.13 30.00
CA ARG A 200 11.63 8.57 29.90
C ARG A 200 12.38 8.98 31.17
N ALA A 201 13.32 8.14 31.62
CA ALA A 201 14.15 8.48 32.77
C ALA A 201 15.02 9.71 32.44
N LYS A 202 14.85 10.79 33.21
CA LYS A 202 15.46 12.10 32.91
C LYS A 202 16.99 12.16 32.99
N ASN A 203 17.58 11.42 33.94
CA ASN A 203 19.01 11.57 34.27
C ASN A 203 19.90 10.43 33.80
N ILE A 204 19.29 9.51 33.07
CA ILE A 204 20.00 8.36 32.56
C ILE A 204 20.63 8.78 31.25
N GLN A 205 21.95 8.64 31.19
CA GLN A 205 22.81 9.08 30.08
C GLN A 205 23.14 7.94 29.10
N PRO A 206 22.39 7.84 27.98
CA PRO A 206 22.68 6.73 27.08
C PRO A 206 24.00 6.90 26.32
N LYS A 207 24.55 5.78 25.87
CA LYS A 207 25.57 5.82 24.82
C LYS A 207 25.09 6.60 23.59
N ARG A 208 26.06 7.22 22.93
CA ARG A 208 25.83 7.86 21.62
CA ARG A 208 25.89 7.84 21.62
C ARG A 208 25.58 6.78 20.57
N SER A 209 24.55 7.01 19.74
CA SER A 209 24.18 6.16 18.63
C SER A 209 25.03 6.45 17.38
N PRO A 210 24.98 5.56 16.37
CA PRO A 210 25.60 5.86 15.06
C PRO A 210 25.01 7.11 14.44
N ARG A 211 25.63 7.58 13.37
CA ARG A 211 25.29 8.90 12.81
C ARG A 211 23.94 8.93 12.06
N SER A 212 23.40 7.74 11.74
CA SER A 212 22.02 7.66 11.26
C SER A 212 21.33 6.58 12.10
N LYS A 213 20.03 6.70 12.29
CA LYS A 213 19.31 5.77 13.17
C LYS A 213 18.10 5.23 12.44
N THR A 214 17.92 3.93 12.49
CA THR A 214 16.72 3.27 12.00
C THR A 214 15.59 3.59 13.01
N PRO A 215 14.36 3.85 12.53
CA PRO A 215 13.31 4.20 13.49
C PRO A 215 13.09 3.15 14.58
N GLY A 216 12.81 3.64 15.78
CA GLY A 216 12.48 2.75 16.89
C GLY A 216 12.46 3.53 18.17
N ILE A 217 12.09 2.86 19.25
CA ILE A 217 12.08 3.47 20.57
C ILE A 217 13.39 3.05 21.21
N TYR A 218 14.31 4.00 21.31
CA TYR A 218 15.67 3.68 21.72
C TYR A 218 15.77 3.62 23.22
N PHE A 219 16.63 2.72 23.70
CA PHE A 219 16.91 2.60 25.14
C PHE A 219 18.37 2.17 25.31
N ASP A 220 18.90 2.25 26.52
CA ASP A 220 20.28 1.83 26.75
C ASP A 220 20.27 0.89 27.93
N PRO A 221 20.39 -0.43 27.67
CA PRO A 221 20.28 -1.45 28.73
C PRO A 221 21.31 -1.32 29.85
N ASP A 222 22.50 -0.83 29.52
CA ASP A 222 23.55 -0.68 30.55
C ASP A 222 23.33 0.53 31.44
N ALA A 223 22.86 1.62 30.85
CA ALA A 223 22.54 2.80 31.64
C ALA A 223 21.35 2.47 32.55
N TYR A 224 20.41 1.72 31.98
CA TYR A 224 19.26 1.24 32.73
C TYR A 224 19.75 0.39 33.90
N ALA A 225 20.59 -0.62 33.61
CA ALA A 225 21.00 -1.53 34.68
C ALA A 225 21.73 -0.85 35.81
N LYS A 226 22.57 0.13 35.48
CA LYS A 226 23.28 0.89 36.51
C LYS A 226 22.36 1.79 37.36
N SER A 227 21.28 2.29 36.78
CA SER A 227 20.34 3.16 37.53
C SER A 227 19.48 2.41 38.56
N VAL A 228 19.25 1.12 38.35
CA VAL A 228 18.31 0.40 39.23
C VAL A 228 18.76 0.32 40.70
N PRO A 229 20.04 -0.08 40.97
CA PRO A 229 20.43 -0.07 42.39
C PRO A 229 20.42 1.31 43.04
N ARG A 230 20.73 2.37 42.28
CA ARG A 230 20.62 3.74 42.79
C ARG A 230 19.19 4.11 43.15
N LEU A 231 18.23 3.71 42.30
CA LEU A 231 16.83 3.89 42.61
C LEU A 231 16.46 3.25 43.98
N PHE A 232 16.79 1.98 44.17
CA PHE A 232 16.38 1.30 45.41
C PHE A 232 17.16 1.73 46.64
N ASP A 233 18.39 2.15 46.44
CA ASP A 233 19.12 2.73 47.56
C ASP A 233 18.39 3.96 48.10
N HIS A 234 17.95 4.84 47.18
CA HIS A 234 17.15 6.00 47.53
C HIS A 234 15.83 5.60 48.18
N LEU A 235 15.11 4.67 47.54
CA LEU A 235 13.75 4.32 47.99
C LEU A 235 13.78 3.69 49.37
N ARG A 236 14.73 2.78 49.62
CA ARG A 236 14.84 2.20 50.96
C ARG A 236 15.28 3.21 52.02
N ASN A 237 16.17 4.13 51.66
CA ASN A 237 16.49 5.27 52.58
C ASN A 237 15.26 6.08 52.96
N LYS A 238 14.48 6.49 51.96
CA LYS A 238 13.32 7.36 52.19
C LYS A 238 12.08 6.67 52.75
N LEU A 239 11.89 5.40 52.39
CA LEU A 239 10.65 4.68 52.73
C LEU A 239 10.78 3.50 53.68
N GLY A 240 11.99 3.04 53.93
CA GLY A 240 12.22 1.93 54.86
C GLY A 240 11.92 0.57 54.25
N PHE A 241 11.85 -0.45 55.09
CA PHE A 241 11.83 -1.84 54.65
C PHE A 241 10.51 -2.57 54.91
N GLY A 242 9.52 -1.87 55.47
CA GLY A 242 8.19 -2.44 55.70
C GLY A 242 7.42 -2.61 54.39
N ILE A 243 7.50 -1.59 53.53
CA ILE A 243 6.82 -1.58 52.21
C ILE A 243 7.48 -2.62 51.27
N GLU A 244 6.69 -3.36 50.51
CA GLU A 244 7.25 -4.39 49.61
C GLU A 244 7.49 -3.82 48.21
N PHE A 245 8.66 -4.12 47.65
CA PHE A 245 9.07 -3.54 46.35
C PHE A 245 9.23 -4.62 45.31
N ILE A 246 8.71 -4.35 44.12
CA ILE A 246 8.89 -5.21 42.98
C ILE A 246 9.62 -4.42 41.93
N HIS A 247 10.48 -5.06 41.15
CA HIS A 247 11.07 -4.38 40.00
C HIS A 247 11.00 -5.31 38.81
N ASP A 248 10.69 -4.77 37.64
CA ASP A 248 10.50 -5.57 36.45
C ASP A 248 11.58 -5.27 35.43
N VAL A 249 12.42 -6.26 35.15
CA VAL A 249 13.55 -6.12 34.24
C VAL A 249 13.02 -6.15 32.82
N HIS A 250 11.89 -6.84 32.63
CA HIS A 250 11.16 -6.90 31.36
C HIS A 250 12.06 -7.33 30.20
N GLU A 251 12.88 -8.36 30.42
CA GLU A 251 13.80 -8.94 29.41
C GLU A 251 14.75 -7.93 28.71
N ARG A 252 15.06 -6.80 29.36
CA ARG A 252 15.75 -5.68 28.70
C ARG A 252 17.28 -5.70 28.66
N VAL A 253 17.90 -6.67 29.35
CA VAL A 253 19.35 -6.72 29.46
C VAL A 253 19.87 -8.12 29.11
N THR A 254 21.19 -8.26 28.91
CA THR A 254 21.77 -9.60 28.65
C THR A 254 21.65 -10.41 29.94
N PRO A 255 21.65 -11.76 29.83
CA PRO A 255 21.45 -12.55 31.03
C PRO A 255 22.50 -12.32 32.12
N VAL A 256 23.78 -12.19 31.77
CA VAL A 256 24.75 -11.96 32.85
C VAL A 256 24.56 -10.59 33.53
N THR A 257 24.09 -9.60 32.78
CA THR A 257 23.79 -8.31 33.39
C THR A 257 22.61 -8.43 34.37
N ALA A 258 21.63 -9.26 34.02
CA ALA A 258 20.50 -9.53 34.90
C ALA A 258 20.93 -10.28 36.16
N ILE A 259 21.88 -11.21 36.02
CA ILE A 259 22.40 -11.95 37.19
C ILE A 259 23.11 -10.96 38.11
N ASN A 260 23.94 -10.11 37.53
CA ASN A 260 24.65 -9.11 38.32
C ASN A 260 23.68 -8.12 39.00
N LEU A 261 22.63 -7.75 38.28
CA LEU A 261 21.57 -6.90 38.88
C LEU A 261 20.89 -7.60 40.05
N ALA A 262 20.52 -8.87 39.89
CA ALA A 262 19.94 -9.64 41.01
C ALA A 262 20.85 -9.65 42.23
N LYS A 263 22.15 -9.85 42.01
CA LYS A 263 23.11 -9.84 43.14
C LYS A 263 23.19 -8.48 43.81
N THR A 264 23.24 -7.41 43.02
CA THR A 264 23.38 -6.05 43.59
CA THR A 264 23.38 -6.05 43.55
C THR A 264 22.11 -5.60 44.28
N LEU A 265 20.96 -6.16 43.90
CA LEU A 265 19.69 -5.78 44.57
C LEU A 265 19.37 -6.60 45.82
N GLU A 266 20.15 -7.65 46.10
CA GLU A 266 19.89 -8.51 47.30
C GLU A 266 19.71 -7.71 48.59
N GLN A 267 20.57 -6.73 48.78
CA GLN A 267 20.55 -5.87 49.98
C GLN A 267 19.25 -5.06 50.15
N TYR A 268 18.51 -4.88 49.06
CA TYR A 268 17.26 -4.09 49.12
C TYR A 268 16.01 -4.92 49.36
N GLN A 269 16.18 -6.25 49.44
CA GLN A 269 15.12 -7.21 49.83
C GLN A 269 13.80 -6.99 49.10
N LEU A 270 13.87 -7.08 47.77
CA LEU A 270 12.69 -7.01 46.90
C LEU A 270 11.76 -8.20 47.14
N PHE A 271 10.47 -7.93 47.02
CA PHE A 271 9.49 -8.99 47.02
C PHE A 271 9.75 -9.94 45.84
N TYR A 272 9.97 -9.36 44.65
CA TYR A 272 10.61 -10.12 43.55
C TYR A 272 11.22 -9.22 42.50
N LEU A 273 12.24 -9.76 41.83
CA LEU A 273 12.77 -9.21 40.59
C LEU A 273 12.15 -10.01 39.43
N GLU A 274 11.47 -9.29 38.53
CA GLU A 274 10.62 -9.92 37.52
C GLU A 274 11.27 -9.99 36.12
N ASP A 275 11.05 -11.09 35.43
CA ASP A 275 11.53 -11.30 34.04
C ASP A 275 12.98 -10.86 33.81
N PRO A 276 13.92 -11.39 34.62
CA PRO A 276 15.32 -11.09 34.34
C PRO A 276 15.81 -11.60 32.99
N VAL A 277 15.16 -12.65 32.44
CA VAL A 277 15.53 -13.18 31.13
C VAL A 277 14.29 -13.35 30.26
N ALA A 278 14.51 -13.40 28.95
CA ALA A 278 13.46 -13.74 28.00
C ALA A 278 13.10 -15.23 28.10
N PRO A 279 11.89 -15.63 27.63
CA PRO A 279 11.55 -17.07 27.62
C PRO A 279 12.59 -17.88 26.81
N GLU A 280 13.13 -17.26 25.78
CA GLU A 280 14.12 -17.91 24.92
C GLU A 280 15.45 -18.15 25.65
N ASN A 281 15.66 -17.48 26.79
CA ASN A 281 16.91 -17.62 27.57
C ASN A 281 16.71 -18.23 28.97
N ILE A 282 15.63 -19.00 29.14
CA ILE A 282 15.36 -19.58 30.46
C ILE A 282 16.52 -20.38 31.06
N ASP A 283 17.36 -21.02 30.24
CA ASP A 283 18.53 -21.81 30.78
C ASP A 283 19.46 -20.97 31.66
N TRP A 284 19.56 -19.66 31.38
CA TRP A 284 20.43 -18.79 32.16
C TRP A 284 20.00 -18.63 33.63
N LEU A 285 18.76 -19.00 33.94
CA LEU A 285 18.29 -18.95 35.33
C LEU A 285 19.05 -19.99 36.18
N LYS A 286 19.60 -21.03 35.56
CA LYS A 286 20.48 -21.98 36.26
C LYS A 286 21.68 -21.28 36.86
N MET A 287 22.31 -20.40 36.08
CA MET A 287 23.46 -19.65 36.62
C MET A 287 23.00 -18.60 37.64
N LEU A 288 21.88 -17.92 37.36
CA LEU A 288 21.40 -16.88 38.27
C LEU A 288 21.16 -17.48 39.65
N ARG A 289 20.53 -18.65 39.69
CA ARG A 289 20.08 -19.24 40.96
C ARG A 289 21.21 -19.94 41.74
N GLN A 290 22.36 -20.15 41.09
CA GLN A 290 23.62 -20.53 41.75
C GLN A 290 24.20 -19.39 42.57
N GLN A 291 23.88 -18.15 42.18
CA GLN A 291 24.59 -17.01 42.71
C GLN A 291 23.78 -16.03 43.53
N SER A 292 22.48 -15.90 43.22
CA SER A 292 21.65 -14.88 43.88
C SER A 292 20.46 -15.40 44.66
N SER A 293 20.13 -14.67 45.73
CA SER A 293 19.00 -15.02 46.60
C SER A 293 17.91 -13.95 46.56
N THR A 294 18.00 -13.07 45.57
CA THR A 294 16.91 -12.13 45.29
C THR A 294 15.76 -12.95 44.75
N PRO A 295 14.54 -12.76 45.29
CA PRO A 295 13.44 -13.59 44.78
C PRO A 295 13.14 -13.25 43.31
N ILE A 296 12.80 -14.26 42.53
CA ILE A 296 12.64 -14.10 41.07
C ILE A 296 11.24 -14.46 40.64
N SER A 297 10.65 -13.68 39.72
CA SER A 297 9.43 -14.11 39.09
C SER A 297 9.68 -14.15 37.59
N MET A 298 8.96 -15.02 36.91
CA MET A 298 9.00 -15.14 35.45
C MET A 298 7.63 -15.55 34.95
N GLY A 299 7.33 -15.16 33.73
CA GLY A 299 6.39 -15.94 32.97
C GLY A 299 5.18 -15.27 32.34
N GLU A 300 5.07 -13.94 32.42
CA GLU A 300 3.93 -13.28 31.73
C GLU A 300 3.90 -13.63 30.24
N LEU A 301 5.09 -13.84 29.64
CA LEU A 301 5.20 -14.17 28.24
C LEU A 301 4.94 -15.65 27.90
N PHE A 302 4.83 -16.53 28.90
CA PHE A 302 4.83 -17.96 28.62
C PHE A 302 3.56 -18.44 27.93
N VAL A 303 3.74 -19.39 27.03
CA VAL A 303 2.65 -20.00 26.26
C VAL A 303 2.79 -21.52 26.17
N ASN A 304 3.85 -22.07 26.75
CA ASN A 304 4.20 -23.46 26.49
C ASN A 304 4.66 -24.09 27.80
N VAL A 305 4.17 -25.31 28.08
CA VAL A 305 4.64 -26.09 29.26
C VAL A 305 6.18 -26.25 29.29
N ASN A 306 6.78 -26.30 28.10
CA ASN A 306 8.23 -26.41 28.05
C ASN A 306 9.01 -25.14 28.43
N GLU A 307 8.29 -24.04 28.65
CA GLU A 307 8.90 -22.84 29.24
C GLU A 307 8.85 -22.84 30.76
N TRP A 308 7.71 -23.17 31.34
CA TRP A 308 7.61 -23.10 32.80
C TRP A 308 8.00 -24.34 33.58
N LYS A 309 7.80 -25.51 32.99
CA LYS A 309 8.07 -26.75 33.69
C LYS A 309 9.52 -26.93 34.11
N PRO A 310 10.51 -26.65 33.23
CA PRO A 310 11.86 -26.82 33.80
C PRO A 310 12.22 -25.77 34.86
N LEU A 311 11.62 -24.58 34.76
CA LEU A 311 11.83 -23.55 35.78
C LEU A 311 11.27 -23.99 37.16
N ILE A 312 10.05 -24.51 37.14
CA ILE A 312 9.41 -24.94 38.40
C ILE A 312 10.03 -26.23 38.94
N ASP A 313 10.26 -27.21 38.06
CA ASP A 313 10.95 -28.46 38.40
CA ASP A 313 10.95 -28.47 38.44
C ASP A 313 12.30 -28.23 39.13
N ASN A 314 13.00 -27.18 38.72
CA ASN A 314 14.31 -26.92 39.26
C ASN A 314 14.39 -25.78 40.25
N ARG A 315 13.23 -25.31 40.72
CA ARG A 315 13.13 -24.19 41.68
C ARG A 315 13.92 -22.96 41.21
N LEU A 316 13.80 -22.64 39.91
CA LEU A 316 14.58 -21.55 39.36
C LEU A 316 13.86 -20.20 39.45
N ILE A 317 12.61 -20.24 39.95
CA ILE A 317 11.81 -19.06 40.19
C ILE A 317 11.05 -19.26 41.49
N ASP A 318 10.59 -18.15 42.05
CA ASP A 318 9.83 -18.16 43.27
C ASP A 318 8.37 -17.81 43.03
N TYR A 319 8.08 -17.20 41.87
CA TYR A 319 6.71 -16.81 41.52
C TYR A 319 6.50 -17.02 40.05
N ILE A 320 5.35 -17.58 39.69
CA ILE A 320 5.00 -17.80 38.29
C ILE A 320 4.04 -16.70 37.86
N ARG A 321 4.27 -16.12 36.70
CA ARG A 321 3.58 -14.87 36.30
C ARG A 321 2.65 -14.98 35.10
N CYS A 322 2.18 -16.18 34.79
CA CYS A 322 1.48 -16.31 33.51
C CYS A 322 0.25 -15.41 33.40
N HIS A 323 -0.02 -14.99 32.19
CA HIS A 323 -1.24 -14.31 31.82
C HIS A 323 -2.25 -15.43 31.61
N VAL A 324 -3.24 -15.49 32.47
CA VAL A 324 -4.11 -16.68 32.50
C VAL A 324 -4.73 -17.02 31.14
N SER A 325 -5.17 -16.00 30.42
CA SER A 325 -5.86 -16.24 29.15
C SER A 325 -4.85 -16.73 28.11
N THR A 326 -3.59 -16.33 28.26
CA THR A 326 -2.56 -16.62 27.29
C THR A 326 -1.97 -18.03 27.49
N ILE A 327 -2.21 -18.65 28.65
CA ILE A 327 -1.93 -20.11 28.84
C ILE A 327 -3.16 -20.99 28.60
N GLY A 328 -4.30 -20.36 28.33
CA GLY A 328 -5.47 -21.10 27.86
C GLY A 328 -6.63 -21.16 28.84
N GLY A 329 -6.61 -20.35 29.89
CA GLY A 329 -7.77 -20.24 30.79
C GLY A 329 -7.59 -20.79 32.20
N ILE A 330 -8.69 -20.93 32.90
CA ILE A 330 -8.66 -21.38 34.29
C ILE A 330 -8.21 -22.86 34.38
N THR A 331 -8.69 -23.68 33.46
CA THR A 331 -8.31 -25.10 33.45
C THR A 331 -6.78 -25.33 33.48
N PRO A 332 -6.03 -24.77 32.52
CA PRO A 332 -4.57 -24.94 32.60
C PRO A 332 -3.89 -24.11 33.71
N ALA A 333 -4.48 -22.97 34.10
CA ALA A 333 -3.92 -22.21 35.21
C ALA A 333 -4.04 -22.96 36.54
N ARG A 334 -5.15 -23.67 36.76
CA ARG A 334 -5.27 -24.45 38.02
C ARG A 334 -4.15 -25.54 38.06
N LYS A 335 -3.89 -26.17 36.91
CA LYS A 335 -2.80 -27.16 36.80
C LYS A 335 -1.44 -26.55 37.09
N LEU A 336 -1.18 -25.38 36.54
CA LEU A 336 0.07 -24.65 36.81
C LEU A 336 0.20 -24.26 38.29
N ALA A 337 -0.90 -23.80 38.88
CA ALA A 337 -0.87 -23.42 40.31
C ALA A 337 -0.53 -24.64 41.19
N VAL A 338 -1.05 -25.81 40.83
CA VAL A 338 -0.81 -27.03 41.62
C VAL A 338 0.64 -27.49 41.43
N TYR A 339 1.09 -27.47 40.18
CA TYR A 339 2.49 -27.83 39.88
C TYR A 339 3.49 -26.94 40.66
N SER A 340 3.20 -25.64 40.71
CA SER A 340 3.97 -24.67 41.47
C SER A 340 3.91 -24.98 42.95
N GLU A 341 2.69 -25.22 43.45
CA GLU A 341 2.47 -25.50 44.87
C GLU A 341 3.35 -26.63 45.36
N LEU A 342 3.36 -27.76 44.61
CA LEU A 342 4.15 -28.93 45.02
C LEU A 342 5.67 -28.70 44.99
N ASN A 343 6.11 -27.64 44.30
CA ASN A 343 7.53 -27.28 44.26
C ASN A 343 7.86 -26.05 45.09
N GLY A 344 6.90 -25.60 45.91
CA GLY A 344 7.09 -24.43 46.77
C GLY A 344 7.16 -23.10 46.04
N VAL A 345 6.61 -23.05 44.84
CA VAL A 345 6.60 -21.83 44.03
C VAL A 345 5.22 -21.20 44.16
N ARG A 346 5.14 -19.87 44.21
CA ARG A 346 3.85 -19.17 44.42
C ARG A 346 3.33 -18.48 43.17
N THR A 347 2.05 -18.10 43.16
CA THR A 347 1.41 -17.54 41.96
C THR A 347 1.43 -16.03 41.99
N ALA A 348 1.63 -15.43 40.83
CA ALA A 348 1.56 -13.99 40.68
C ALA A 348 1.02 -13.74 39.29
N TRP A 349 -0.25 -14.10 39.04
CA TRP A 349 -0.86 -13.96 37.71
C TRP A 349 -0.73 -12.53 37.15
N HIS A 350 -0.42 -12.44 35.89
CA HIS A 350 -0.26 -11.17 35.25
C HIS A 350 -1.54 -10.32 35.37
N GLY A 351 -1.39 -9.11 35.84
CA GLY A 351 -2.51 -8.18 36.05
C GLY A 351 -2.30 -6.79 35.47
N PRO A 352 -2.08 -6.69 34.14
CA PRO A 352 -1.79 -5.40 33.48
C PRO A 352 -3.07 -4.62 33.18
N GLY A 353 -2.98 -3.63 32.30
CA GLY A 353 -4.15 -2.97 31.73
C GLY A 353 -4.82 -3.79 30.65
N ASP A 354 -4.02 -4.58 29.91
CA ASP A 354 -4.51 -5.47 28.86
C ASP A 354 -5.04 -6.84 29.33
N ILE A 355 -6.10 -6.77 30.12
CA ILE A 355 -6.85 -7.92 30.60
C ILE A 355 -8.23 -7.34 30.86
N SER A 356 -9.27 -8.04 30.45
CA SER A 356 -10.63 -7.53 30.73
C SER A 356 -10.96 -7.72 32.23
N PRO A 357 -11.97 -6.99 32.75
CA PRO A 357 -12.45 -7.30 34.10
C PRO A 357 -12.88 -8.76 34.32
N VAL A 358 -13.31 -9.46 33.26
CA VAL A 358 -13.59 -10.89 33.33
C VAL A 358 -12.31 -11.67 33.71
N GLY A 359 -11.20 -11.32 33.05
CA GLY A 359 -9.90 -11.95 33.35
C GLY A 359 -9.37 -11.57 34.73
N VAL A 360 -9.58 -10.31 35.11
CA VAL A 360 -9.23 -9.85 36.44
C VAL A 360 -9.96 -10.73 37.47
N CYS A 361 -11.25 -10.98 37.24
CA CYS A 361 -12.00 -11.89 38.12
C CYS A 361 -11.45 -13.31 38.13
N ALA A 362 -11.14 -13.84 36.95
CA ALA A 362 -10.57 -15.19 36.85
C ALA A 362 -9.27 -15.32 37.64
N ASN A 363 -8.35 -14.36 37.49
CA ASN A 363 -7.13 -14.29 38.31
C ASN A 363 -7.49 -14.41 39.79
N MET A 364 -8.48 -13.63 40.22
CA MET A 364 -8.80 -13.52 41.64
C MET A 364 -9.53 -14.72 42.22
N HIS A 365 -10.34 -15.40 41.42
CA HIS A 365 -10.92 -16.67 41.85
C HIS A 365 -9.86 -17.75 42.04
N LEU A 366 -8.90 -17.83 41.12
CA LEU A 366 -7.68 -18.65 41.35
C LEU A 366 -6.95 -18.20 42.63
N ASP A 367 -6.76 -16.89 42.79
CA ASP A 367 -5.99 -16.34 43.92
C ASP A 367 -6.61 -16.77 45.22
N LEU A 368 -7.94 -16.64 45.32
CA LEU A 368 -8.61 -16.89 46.59
C LEU A 368 -8.57 -18.37 46.96
N SER A 369 -8.52 -19.23 45.96
CA SER A 369 -8.66 -20.65 46.18
C SER A 369 -7.30 -21.39 46.19
N SER A 370 -6.20 -20.68 45.95
CA SER A 370 -4.87 -21.33 45.89
C SER A 370 -4.14 -21.21 47.21
N PRO A 371 -3.66 -22.35 47.77
CA PRO A 371 -2.86 -22.23 48.99
C PRO A 371 -1.53 -21.49 48.77
N ASN A 372 -0.93 -21.63 47.58
CA ASN A 372 0.37 -21.02 47.22
C ASN A 372 0.23 -19.71 46.43
N PHE A 373 -0.87 -19.01 46.64
CA PHE A 373 -1.00 -17.65 46.15
C PHE A 373 0.16 -16.79 46.66
N GLY A 374 0.73 -15.96 45.77
CA GLY A 374 1.81 -15.06 46.17
C GLY A 374 1.39 -13.61 46.25
N ILE A 375 0.90 -13.06 45.14
CA ILE A 375 0.50 -11.65 45.10
C ILE A 375 -0.38 -11.43 43.86
N GLN A 376 -1.21 -10.38 43.87
CA GLN A 376 -1.99 -10.04 42.68
C GLN A 376 -1.64 -8.65 42.16
N GLU A 377 -0.91 -8.60 41.05
CA GLU A 377 -0.73 -7.35 40.32
C GLU A 377 -2.07 -6.76 39.94
N TYR A 378 -2.21 -5.46 40.08
CA TYR A 378 -3.50 -4.83 39.82
C TYR A 378 -3.36 -3.46 39.15
N THR A 379 -4.12 -3.26 38.06
CA THR A 379 -4.13 -2.03 37.31
C THR A 379 -5.53 -1.41 37.49
N PRO A 380 -5.59 -0.26 38.18
CA PRO A 380 -6.90 0.31 38.53
C PRO A 380 -7.76 0.60 37.30
N MET A 381 -9.05 0.44 37.49
CA MET A 381 -9.98 0.62 36.40
C MET A 381 -10.61 2.02 36.47
N ASN A 382 -11.13 2.47 35.33
CA ASN A 382 -11.89 3.73 35.28
C ASN A 382 -13.39 3.48 35.43
N ASP A 383 -14.20 4.54 35.42
CA ASP A 383 -15.65 4.39 35.56
C ASP A 383 -16.28 3.60 34.41
N ALA A 384 -15.78 3.78 33.19
CA ALA A 384 -16.34 3.10 32.02
C ALA A 384 -16.17 1.59 32.13
N LEU A 385 -15.00 1.14 32.59
CA LEU A 385 -14.81 -0.30 32.82
C LEU A 385 -15.83 -0.86 33.82
N ARG A 386 -16.01 -0.18 34.96
CA ARG A 386 -17.00 -0.61 35.98
C ARG A 386 -18.45 -0.63 35.47
N ASP A 387 -18.78 0.34 34.64
CA ASP A 387 -20.10 0.49 34.02
C ASP A 387 -20.34 -0.61 32.99
N VAL A 388 -19.34 -0.88 32.15
CA VAL A 388 -19.48 -1.91 31.07
C VAL A 388 -19.47 -3.33 31.67
N PHE A 389 -18.73 -3.49 32.75
CA PHE A 389 -18.57 -4.79 33.40
C PHE A 389 -19.08 -4.80 34.85
N PRO A 390 -20.42 -4.90 35.04
CA PRO A 390 -20.93 -4.93 36.42
C PRO A 390 -20.37 -6.10 37.20
N GLY A 391 -19.87 -5.84 38.41
CA GLY A 391 -19.40 -6.90 39.29
C GLY A 391 -17.89 -6.87 39.50
N CYS A 392 -17.23 -5.80 39.04
CA CYS A 392 -15.78 -5.65 39.22
C CYS A 392 -15.42 -5.78 40.70
N PRO A 393 -14.30 -6.45 41.02
CA PRO A 393 -13.95 -6.70 42.42
C PRO A 393 -13.82 -5.41 43.20
N GLU A 394 -14.24 -5.44 44.46
CA GLU A 394 -14.15 -4.27 45.32
C GLU A 394 -12.68 -4.07 45.75
N ILE A 395 -12.14 -2.87 45.52
CA ILE A 395 -10.77 -2.56 45.95
C ILE A 395 -10.85 -1.68 47.20
N ASP A 396 -10.29 -2.17 48.31
CA ASP A 396 -10.40 -1.49 49.62
C ASP A 396 -9.07 -1.61 50.37
N HIS A 397 -8.35 -0.48 50.47
CA HIS A 397 -7.11 -0.37 51.27
C HIS A 397 -6.10 -1.47 50.95
N GLY A 398 -5.78 -1.57 49.66
CA GLY A 398 -4.73 -2.46 49.16
C GLY A 398 -5.06 -3.93 49.07
N TYR A 399 -6.32 -4.29 49.35
CA TYR A 399 -6.78 -5.67 49.12
C TYR A 399 -7.98 -5.67 48.17
N ALA A 400 -8.12 -6.75 47.39
CA ALA A 400 -9.31 -6.97 46.59
C ALA A 400 -10.27 -7.91 47.29
N TYR A 401 -11.55 -7.55 47.23
CA TYR A 401 -12.61 -8.35 47.85
C TYR A 401 -13.59 -8.76 46.76
N LEU A 402 -13.51 -10.01 46.31
CA LEU A 402 -14.51 -10.53 45.35
C LEU A 402 -15.91 -10.56 45.94
N ASN A 403 -16.91 -10.24 45.10
CA ASN A 403 -18.29 -10.45 45.48
C ASN A 403 -18.55 -11.95 45.59
N ASP A 404 -19.67 -12.34 46.19
CA ASP A 404 -19.94 -13.75 46.37
C ASP A 404 -20.98 -14.28 45.37
N LYS A 405 -21.15 -13.62 44.24
CA LYS A 405 -22.09 -14.08 43.23
C LYS A 405 -21.64 -15.34 42.51
N PRO A 406 -22.60 -16.12 41.99
CA PRO A 406 -22.24 -17.38 41.33
C PRO A 406 -21.35 -17.19 40.11
N GLY A 407 -20.56 -18.21 39.79
CA GLY A 407 -19.67 -18.16 38.64
C GLY A 407 -18.55 -17.17 38.91
N LEU A 408 -18.18 -16.40 37.89
CA LEU A 408 -17.11 -15.41 38.04
C LEU A 408 -17.60 -14.09 38.69
N GLY A 409 -18.90 -13.98 38.96
CA GLY A 409 -19.46 -12.80 39.63
C GLY A 409 -19.43 -11.52 38.80
N ILE A 410 -19.33 -11.68 37.48
CA ILE A 410 -19.06 -10.58 36.56
C ILE A 410 -20.04 -10.69 35.37
N ASP A 411 -20.37 -9.56 34.77
CA ASP A 411 -21.28 -9.49 33.65
C ASP A 411 -20.76 -8.47 32.66
N ILE A 412 -21.35 -8.43 31.47
CA ILE A 412 -21.03 -7.41 30.46
C ILE A 412 -22.34 -6.83 29.96
N ASP A 413 -22.41 -5.51 29.92
CA ASP A 413 -23.51 -4.84 29.30
C ASP A 413 -23.08 -4.60 27.85
N GLU A 414 -23.64 -5.40 26.94
CA GLU A 414 -23.25 -5.38 25.52
C GLU A 414 -23.50 -4.04 24.83
N ALA A 415 -24.62 -3.41 25.17
CA ALA A 415 -24.95 -2.12 24.57
C ALA A 415 -23.92 -1.07 24.96
N LYS A 416 -23.54 -1.06 26.24
CA LYS A 416 -22.50 -0.16 26.72
C LYS A 416 -21.11 -0.49 26.15
N ALA A 417 -20.78 -1.79 26.05
CA ALA A 417 -19.50 -2.22 25.46
C ALA A 417 -19.31 -1.66 24.05
N ALA A 418 -20.43 -1.59 23.32
CA ALA A 418 -20.45 -1.14 21.94
C ALA A 418 -20.15 0.36 21.80
N LYS A 419 -20.27 1.10 22.89
CA LYS A 419 -19.92 2.52 22.90
C LYS A 419 -18.41 2.75 22.93
N TYR A 420 -17.63 1.68 23.12
CA TYR A 420 -16.18 1.81 23.17
C TYR A 420 -15.55 0.88 22.15
N PRO A 421 -15.66 1.23 20.85
CA PRO A 421 -15.06 0.34 19.86
C PRO A 421 -13.53 0.24 20.01
N CYS A 422 -12.99 -0.88 19.56
CA CYS A 422 -11.55 -1.13 19.62
C CYS A 422 -10.79 -0.23 18.65
N GLU A 423 -9.61 0.21 19.05
CA GLU A 423 -8.74 0.97 18.19
C GLU A 423 -8.04 0.17 17.09
N GLY A 424 -7.64 -1.02 17.43
CA GLY A 424 -6.95 -1.91 16.50
C GLY A 424 -5.53 -1.45 16.22
N GLY A 425 -4.96 -1.95 15.14
CA GLY A 425 -3.65 -1.46 14.71
C GLY A 425 -2.53 -2.13 15.49
N ILE A 426 -1.34 -1.54 15.40
CA ILE A 426 -0.12 -2.14 15.94
C ILE A 426 0.53 -1.19 16.94
N PRO A 427 1.16 -1.74 18.01
CA PRO A 427 1.76 -0.85 18.96
C PRO A 427 3.11 -0.31 18.51
N SER A 428 3.55 0.73 19.20
CA SER A 428 4.80 1.39 18.88
CA SER A 428 4.80 1.43 18.91
C SER A 428 5.93 0.90 19.78
N TRP A 429 5.60 0.63 21.04
CA TRP A 429 6.61 0.35 22.07
C TRP A 429 7.42 -0.93 21.87
N THR A 430 6.89 -1.86 21.08
CA THR A 430 7.53 -3.15 20.87
C THR A 430 8.69 -3.09 19.86
N MET A 431 8.92 -1.94 19.23
CA MET A 431 10.12 -1.69 18.42
C MET A 431 11.15 -1.01 19.33
N ALA A 432 11.91 -1.83 20.04
CA ALA A 432 12.88 -1.36 21.02
C ALA A 432 14.27 -1.56 20.41
N ARG A 433 15.05 -0.48 20.28
CA ARG A 433 16.41 -0.61 19.72
C ARG A 433 17.45 -0.13 20.70
N THR A 434 18.57 -0.86 20.81
CA THR A 434 19.70 -0.44 21.65
C THR A 434 20.44 0.72 20.94
N PRO A 435 21.43 1.38 21.60
CA PRO A 435 22.05 2.56 21.01
C PRO A 435 22.59 2.33 19.59
N ASP A 436 23.09 1.14 19.26
CA ASP A 436 23.62 0.89 17.92
C ASP A 436 22.54 0.65 16.83
N GLY A 437 21.26 0.59 17.24
CA GLY A 437 20.14 0.28 16.32
C GLY A 437 19.64 -1.17 16.34
N THR A 438 20.17 -2.02 17.24
CA THR A 438 19.77 -3.43 17.21
C THR A 438 18.34 -3.59 17.71
N ALA A 439 17.49 -4.29 16.93
CA ALA A 439 16.11 -4.61 17.37
C ALA A 439 16.14 -5.61 18.50
N SER A 440 15.50 -5.27 19.62
CA SER A 440 15.74 -5.98 20.88
C SER A 440 14.44 -6.54 21.42
N ARG A 441 14.51 -7.58 22.25
CA ARG A 441 13.31 -8.08 22.93
C ARG A 441 12.79 -7.01 23.88
N PRO A 442 11.52 -6.59 23.72
CA PRO A 442 11.03 -5.41 24.41
C PRO A 442 10.42 -5.70 25.79
N SER B 27 17.68 1.28 -5.87
CA SER B 27 17.96 2.14 -4.67
C SER B 27 16.69 2.82 -4.11
N ASN B 28 16.72 3.10 -2.79
CA ASN B 28 15.55 3.47 -1.97
C ASN B 28 14.41 2.46 -2.09
N LEU B 29 14.77 1.18 -2.06
CA LEU B 29 13.82 0.09 -2.23
C LEU B 29 12.94 -0.05 -0.99
N LYS B 30 11.63 -0.11 -1.19
CA LYS B 30 10.70 -0.16 -0.07
C LYS B 30 9.60 -1.13 -0.35
N ILE B 31 9.06 -1.70 0.73
CA ILE B 31 7.87 -2.51 0.65
C ILE B 31 6.68 -1.58 0.48
N THR B 32 5.83 -1.87 -0.51
CA THR B 32 4.68 -0.98 -0.78
C THR B 32 3.35 -1.58 -0.41
N ASN B 33 3.28 -2.91 -0.39
CA ASN B 33 2.03 -3.62 -0.17
C ASN B 33 2.29 -5.04 0.30
N VAL B 34 1.42 -5.53 1.17
CA VAL B 34 1.52 -6.89 1.67
C VAL B 34 0.12 -7.48 1.59
N LYS B 35 -0.02 -8.62 0.94
CA LYS B 35 -1.31 -9.29 0.96
C LYS B 35 -1.31 -10.81 1.13
N THR B 36 -2.47 -11.33 1.54
CA THR B 36 -2.69 -12.75 1.71
C THR B 36 -3.50 -13.30 0.54
N ILE B 37 -3.04 -14.42 0.01
CA ILE B 37 -3.78 -15.16 -1.02
C ILE B 37 -4.16 -16.49 -0.39
N LEU B 38 -5.45 -16.74 -0.32
CA LEU B 38 -5.95 -18.02 0.20
C LEU B 38 -6.43 -18.84 -1.00
N THR B 39 -5.93 -20.05 -1.14
CA THR B 39 -6.28 -20.88 -2.31
C THR B 39 -6.18 -22.37 -1.95
N ALA B 40 -6.98 -23.20 -2.60
CA ALA B 40 -6.95 -24.62 -2.31
C ALA B 40 -6.89 -25.49 -3.56
N PRO B 41 -5.86 -25.31 -4.43
CA PRO B 41 -5.87 -26.06 -5.69
C PRO B 41 -5.70 -27.59 -5.54
N GLY B 42 -5.15 -28.04 -4.41
CA GLY B 42 -4.96 -29.47 -4.19
C GLY B 42 -5.99 -30.01 -3.23
N GLY B 43 -7.05 -29.23 -3.00
CA GLY B 43 -8.15 -29.62 -2.12
C GLY B 43 -7.82 -29.42 -0.66
N ILE B 44 -6.73 -28.70 -0.38
CA ILE B 44 -6.29 -28.36 0.99
C ILE B 44 -6.07 -26.86 1.05
N ASP B 45 -6.65 -26.19 2.05
CA ASP B 45 -6.53 -24.75 2.25
C ASP B 45 -5.08 -24.29 2.45
N LEU B 46 -4.62 -23.41 1.54
CA LEU B 46 -3.28 -22.78 1.62
C LEU B 46 -3.35 -21.28 1.83
N ALA B 47 -2.32 -20.73 2.47
CA ALA B 47 -2.11 -19.28 2.57
C ALA B 47 -0.74 -18.92 2.04
N VAL B 48 -0.73 -17.96 1.11
CA VAL B 48 0.50 -17.44 0.54
C VAL B 48 0.52 -15.92 0.76
N VAL B 49 1.68 -15.39 1.14
CA VAL B 49 1.89 -13.95 1.26
C VAL B 49 2.61 -13.44 0.03
N LYS B 50 2.09 -12.34 -0.54
CA LYS B 50 2.78 -11.63 -1.61
C LYS B 50 3.18 -10.26 -1.11
N ILE B 51 4.48 -9.97 -1.25
CA ILE B 51 5.03 -8.69 -0.87
C ILE B 51 5.42 -7.88 -2.11
N GLU B 52 4.81 -6.71 -2.26
CA GLU B 52 5.16 -5.83 -3.40
C GLU B 52 6.12 -4.72 -2.97
N THR B 53 6.91 -4.24 -3.95
CA THR B 53 7.93 -3.22 -3.70
C THR B 53 7.73 -2.06 -4.69
N ASN B 54 8.46 -0.97 -4.49
CA ASN B 54 8.44 0.16 -5.42
C ASN B 54 9.43 0.04 -6.59
N GLU B 55 9.90 -1.18 -6.85
CA GLU B 55 10.69 -1.50 -8.02
C GLU B 55 9.75 -2.31 -8.93
N PRO B 56 9.37 -1.76 -10.11
CA PRO B 56 8.33 -2.39 -10.96
C PRO B 56 8.63 -3.85 -11.29
N GLY B 57 7.64 -4.71 -11.11
CA GLY B 57 7.75 -6.14 -11.35
C GLY B 57 8.46 -6.97 -10.27
N LEU B 58 8.98 -6.31 -9.24
CA LEU B 58 9.73 -7.02 -8.17
C LEU B 58 8.81 -7.28 -6.98
N TYR B 59 8.54 -8.55 -6.74
CA TYR B 59 7.73 -8.96 -5.60
C TYR B 59 8.25 -10.28 -5.08
N GLY B 60 7.83 -10.64 -3.87
CA GLY B 60 8.23 -11.92 -3.30
C GLY B 60 7.02 -12.69 -2.82
N LEU B 61 7.15 -14.00 -2.78
CA LEU B 61 6.10 -14.89 -2.27
C LEU B 61 6.60 -15.75 -1.09
N GLY B 62 5.70 -16.02 -0.14
CA GLY B 62 6.03 -16.82 1.03
C GLY B 62 4.87 -17.70 1.46
N CYS B 63 5.19 -18.80 2.16
CA CYS B 63 4.15 -19.71 2.65
C CYS B 63 3.76 -19.38 4.08
N ALA B 64 2.46 -19.31 4.31
CA ALA B 64 1.95 -19.08 5.65
C ALA B 64 0.91 -20.18 5.97
N THR B 65 1.15 -21.39 5.47
CA THR B 65 0.06 -22.40 5.54
C THR B 65 0.04 -23.14 6.89
N PHE B 66 -0.89 -22.71 7.75
CA PHE B 66 -1.35 -23.44 8.92
C PHE B 66 -2.80 -23.73 8.55
N THR B 67 -3.01 -24.86 7.90
CA THR B 67 -4.30 -25.11 7.21
C THR B 67 -5.52 -25.01 8.12
N GLN B 68 -5.39 -25.47 9.36
CA GLN B 68 -6.55 -25.61 10.26
C GLN B 68 -7.03 -24.26 10.79
N ARG B 69 -6.19 -23.24 10.65
CA ARG B 69 -6.52 -21.91 11.17
C ARG B 69 -6.24 -20.86 10.10
N ILE B 70 -6.50 -21.21 8.85
CA ILE B 70 -6.13 -20.35 7.73
C ILE B 70 -6.70 -18.91 7.78
N PHE B 71 -7.91 -18.76 8.32
CA PHE B 71 -8.52 -17.42 8.33
C PHE B 71 -7.92 -16.57 9.43
N ALA B 72 -7.47 -17.20 10.51
CA ALA B 72 -6.82 -16.46 11.59
C ALA B 72 -5.41 -16.05 11.17
N VAL B 73 -4.75 -16.89 10.36
CA VAL B 73 -3.45 -16.51 9.75
C VAL B 73 -3.61 -15.29 8.83
N LYS B 74 -4.65 -15.32 8.01
CA LYS B 74 -4.93 -14.17 7.13
C LYS B 74 -5.16 -12.88 7.95
N SER B 75 -5.94 -12.99 9.02
CA SER B 75 -6.14 -11.88 9.93
C SER B 75 -4.79 -11.35 10.48
N ALA B 76 -3.95 -12.25 10.99
CA ALA B 76 -2.61 -11.90 11.49
C ALA B 76 -1.77 -11.18 10.42
N ILE B 77 -1.86 -11.60 9.16
CA ILE B 77 -1.06 -10.96 8.11
C ILE B 77 -1.65 -9.59 7.75
N ASP B 78 -2.93 -9.55 7.39
CA ASP B 78 -3.54 -8.33 6.84
C ASP B 78 -3.67 -7.21 7.87
N GLU B 79 -4.02 -7.56 9.09
CA GLU B 79 -4.28 -6.56 10.10
C GLU B 79 -3.02 -6.13 10.83
N TYR B 80 -2.00 -6.98 10.79
CA TYR B 80 -0.82 -6.75 11.62
C TYR B 80 0.50 -6.68 10.89
N MET B 81 0.80 -7.67 10.03
CA MET B 81 2.07 -7.64 9.32
CA MET B 81 2.06 -7.66 9.29
C MET B 81 2.10 -6.53 8.25
N ALA B 82 0.99 -6.32 7.56
CA ALA B 82 0.92 -5.26 6.54
C ALA B 82 1.34 -3.88 7.09
N PRO B 83 0.68 -3.40 8.18
CA PRO B 83 1.11 -2.09 8.70
C PRO B 83 2.51 -2.10 9.33
N PHE B 84 2.97 -3.27 9.78
CA PHE B 84 4.33 -3.39 10.30
C PHE B 84 5.38 -3.21 9.19
N LEU B 85 5.02 -3.56 7.95
CA LEU B 85 6.01 -3.73 6.89
C LEU B 85 6.14 -2.59 5.90
N VAL B 86 5.01 -2.00 5.52
CA VAL B 86 5.01 -1.04 4.41
C VAL B 86 5.89 0.15 4.76
N GLY B 87 6.79 0.50 3.85
CA GLY B 87 7.71 1.60 4.07
C GLY B 87 9.13 1.13 4.35
N LYS B 88 9.28 -0.14 4.72
CA LYS B 88 10.59 -0.63 5.14
C LYS B 88 11.37 -1.23 3.97
N ASP B 89 12.69 -1.16 4.09
CA ASP B 89 13.62 -1.73 3.13
C ASP B 89 13.59 -3.28 3.26
N PRO B 90 13.12 -4.00 2.21
CA PRO B 90 12.97 -5.46 2.30
C PRO B 90 14.31 -6.23 2.37
N THR B 91 15.42 -5.54 2.14
CA THR B 91 16.69 -6.26 2.11
CA THR B 91 16.79 -6.08 2.15
C THR B 91 17.15 -6.62 3.53
N ARG B 92 16.57 -5.96 4.52
CA ARG B 92 16.92 -6.21 5.91
C ARG B 92 16.08 -7.33 6.48
N ILE B 93 16.28 -8.54 5.96
CA ILE B 93 15.46 -9.71 6.32
C ILE B 93 15.56 -10.03 7.84
N GLU B 94 16.79 -10.09 8.33
CA GLU B 94 17.03 -10.46 9.74
C GLU B 94 16.44 -9.41 10.67
N ASP B 95 16.69 -8.13 10.38
CA ASP B 95 16.13 -7.06 11.23
C ASP B 95 14.58 -7.14 11.28
N ILE B 96 13.99 -7.36 10.11
CA ILE B 96 12.55 -7.46 9.99
C ILE B 96 12.02 -8.70 10.74
N TRP B 97 12.75 -9.82 10.64
CA TRP B 97 12.39 -11.01 11.41
C TRP B 97 12.47 -10.78 12.93
N GLN B 98 13.61 -10.29 13.42
CA GLN B 98 13.83 -10.07 14.84
C GLN B 98 12.85 -9.07 15.42
N SER B 99 12.57 -8.00 14.68
CA SER B 99 11.62 -7.02 15.15
C SER B 99 10.18 -7.49 14.95
N GLY B 100 9.94 -8.22 13.88
CA GLY B 100 8.61 -8.74 13.58
C GLY B 100 8.15 -9.75 14.60
N VAL B 101 9.09 -10.57 15.07
CA VAL B 101 8.75 -11.69 15.96
C VAL B 101 8.27 -11.17 17.30
N VAL B 102 8.78 -10.00 17.71
CA VAL B 102 8.42 -9.40 19.00
C VAL B 102 7.38 -8.28 18.88
N SER B 103 6.89 -8.03 17.66
CA SER B 103 6.02 -6.87 17.47
C SER B 103 4.70 -6.88 18.27
N GLY B 104 4.18 -8.07 18.57
CA GLY B 104 2.95 -8.17 19.36
C GLY B 104 3.28 -8.54 20.80
N TYR B 105 4.56 -8.44 21.17
CA TYR B 105 5.07 -8.85 22.51
C TYR B 105 5.03 -10.37 22.73
N TRP B 106 3.83 -10.91 22.90
CA TRP B 106 3.63 -12.34 22.94
C TRP B 106 3.98 -12.93 21.55
N ARG B 107 4.47 -14.13 21.57
CA ARG B 107 5.06 -14.74 20.43
C ARG B 107 5.15 -16.26 20.63
N ASN B 108 5.84 -16.93 19.73
CA ASN B 108 6.03 -18.37 19.78
C ASN B 108 4.81 -19.28 19.63
N GLY B 109 4.00 -19.01 18.63
CA GLY B 109 2.84 -19.79 18.34
C GLY B 109 2.67 -20.05 16.84
N PRO B 110 1.81 -21.02 16.50
CA PRO B 110 1.69 -21.42 15.10
C PRO B 110 1.04 -20.36 14.19
N ILE B 111 0.08 -19.59 14.70
CA ILE B 111 -0.56 -18.54 13.91
C ILE B 111 0.41 -17.39 13.73
N MET B 112 1.00 -16.93 14.83
CA MET B 112 2.06 -15.91 14.86
C MET B 112 3.20 -16.28 13.90
N ASN B 113 3.71 -17.51 14.02
CA ASN B 113 4.88 -17.90 13.21
C ASN B 113 4.56 -17.99 11.72
N ASN B 114 3.37 -18.50 11.38
CA ASN B 114 2.97 -18.57 9.99
C ASN B 114 2.89 -17.20 9.30
N ALA B 115 2.34 -16.20 10.01
CA ALA B 115 2.30 -14.83 9.45
C ALA B 115 3.72 -14.33 9.23
N LEU B 116 4.62 -14.61 10.18
CA LEU B 116 6.03 -14.22 10.03
C LEU B 116 6.73 -14.93 8.88
N SER B 117 6.39 -16.20 8.70
CA SER B 117 7.00 -17.00 7.65
C SER B 117 6.63 -16.52 6.27
N GLY B 118 5.37 -16.19 6.08
CA GLY B 118 4.95 -15.75 4.74
C GLY B 118 5.73 -14.51 4.34
N VAL B 119 5.98 -13.64 5.32
CA VAL B 119 6.75 -12.44 5.13
C VAL B 119 8.21 -12.82 4.88
N ASP B 120 8.75 -13.67 5.75
CA ASP B 120 10.18 -13.96 5.69
C ASP B 120 10.59 -14.65 4.38
N MET B 121 9.81 -15.63 3.96
CA MET B 121 10.11 -16.31 2.70
C MET B 121 10.01 -15.36 1.49
N ALA B 122 8.98 -14.50 1.50
CA ALA B 122 8.84 -13.46 0.46
C ALA B 122 10.06 -12.54 0.40
N LEU B 123 10.63 -12.18 1.56
CA LEU B 123 11.83 -11.35 1.58
C LEU B 123 13.03 -12.12 1.02
N TRP B 124 13.13 -13.41 1.31
CA TRP B 124 14.22 -14.22 0.72
C TRP B 124 14.07 -14.29 -0.80
N ASP B 125 12.83 -14.47 -1.24
CA ASP B 125 12.48 -14.50 -2.65
C ASP B 125 12.94 -13.20 -3.33
N ILE B 126 12.57 -12.05 -2.75
CA ILE B 126 13.01 -10.74 -3.24
C ILE B 126 14.54 -10.62 -3.28
N LYS B 127 15.21 -11.07 -2.22
CA LYS B 127 16.68 -11.00 -2.21
C LYS B 127 17.31 -11.82 -3.35
N GLY B 128 16.83 -13.04 -3.57
CA GLY B 128 17.30 -13.86 -4.69
C GLY B 128 17.06 -13.19 -6.04
N LYS B 129 15.86 -12.66 -6.22
CA LYS B 129 15.54 -11.94 -7.45
C LYS B 129 16.46 -10.75 -7.66
N LEU B 130 16.72 -9.97 -6.62
CA LEU B 130 17.69 -8.88 -6.73
C LEU B 130 19.11 -9.32 -7.10
N ALA B 131 19.55 -10.44 -6.52
CA ALA B 131 20.89 -11.00 -6.77
C ALA B 131 21.02 -11.79 -8.07
N GLY B 132 19.89 -12.10 -8.70
CA GLY B 132 19.85 -13.07 -9.83
C GLY B 132 20.29 -14.48 -9.45
N MET B 133 19.97 -14.91 -8.22
CA MET B 133 20.42 -16.18 -7.70
C MET B 133 19.25 -16.87 -7.02
N PRO B 134 19.18 -18.21 -7.17
CA PRO B 134 18.28 -18.97 -6.30
C PRO B 134 18.65 -18.79 -4.80
N VAL B 135 17.66 -18.90 -3.94
CA VAL B 135 17.88 -18.79 -2.50
C VAL B 135 18.94 -19.80 -2.04
N TYR B 136 18.95 -21.02 -2.58
CA TYR B 136 20.01 -21.97 -2.17
C TYR B 136 21.43 -21.44 -2.45
N ASP B 137 21.58 -20.58 -3.46
CA ASP B 137 22.89 -20.01 -3.76
C ASP B 137 23.23 -18.88 -2.81
N LEU B 138 22.22 -18.10 -2.41
CA LEU B 138 22.44 -17.10 -1.35
C LEU B 138 22.92 -17.76 -0.05
N LEU B 139 22.39 -18.95 0.23
CA LEU B 139 22.63 -19.67 1.49
C LEU B 139 23.92 -20.48 1.54
N GLY B 140 24.68 -20.51 0.45
CA GLY B 140 25.98 -21.19 0.44
C GLY B 140 26.20 -22.10 -0.76
N GLY B 141 25.17 -22.27 -1.58
CA GLY B 141 25.26 -23.08 -2.79
C GLY B 141 24.90 -24.52 -2.55
N LYS B 142 24.82 -25.30 -3.64
CA LYS B 142 24.46 -26.73 -3.59
C LYS B 142 25.50 -27.57 -2.83
N CYS B 143 25.01 -28.40 -1.91
CA CYS B 143 25.83 -29.41 -1.23
C CYS B 143 25.51 -30.81 -1.72
N ARG B 144 24.62 -30.93 -2.71
CA ARG B 144 24.22 -32.25 -3.25
C ARG B 144 23.63 -32.06 -4.64
N ASP B 145 23.53 -33.14 -5.40
CA ASP B 145 23.16 -33.04 -6.82
C ASP B 145 21.66 -33.26 -7.09
N GLY B 146 20.91 -33.59 -6.04
CA GLY B 146 19.47 -33.77 -6.13
C GLY B 146 18.97 -34.01 -4.71
N ILE B 147 17.68 -33.89 -4.51
CA ILE B 147 17.08 -34.03 -3.14
C ILE B 147 16.33 -35.35 -3.03
N PRO B 148 16.89 -36.33 -2.26
CA PRO B 148 16.16 -37.57 -2.13
C PRO B 148 14.86 -37.37 -1.36
N LEU B 149 13.82 -38.05 -1.85
CA LEU B 149 12.48 -37.94 -1.31
C LEU B 149 11.99 -39.21 -0.65
N TYR B 150 11.05 -39.05 0.28
CA TYR B 150 10.18 -40.15 0.67
C TYR B 150 8.74 -39.79 0.48
N CYS B 151 7.91 -40.79 0.17
CA CYS B 151 6.50 -40.55 0.04
C CYS B 151 5.75 -41.50 0.94
N HIS B 152 4.43 -41.31 1.00
CA HIS B 152 3.57 -42.03 1.94
C HIS B 152 2.93 -43.28 1.32
N THR B 153 3.00 -44.39 2.02
CA THR B 153 2.32 -45.61 1.62
C THR B 153 1.44 -46.07 2.75
N ASP B 154 0.25 -46.54 2.41
CA ASP B 154 -0.72 -46.96 3.42
C ASP B 154 -1.48 -48.18 2.91
N GLY B 155 -2.36 -48.70 3.75
CA GLY B 155 -3.19 -49.85 3.40
C GLY B 155 -3.96 -50.38 4.60
N GLY B 156 -5.00 -51.14 4.31
CA GLY B 156 -5.82 -51.78 5.35
C GLY B 156 -5.15 -53.00 5.97
N ASP B 157 -4.28 -53.66 5.22
CA ASP B 157 -3.49 -54.79 5.72
C ASP B 157 -2.06 -54.74 5.17
N GLU B 158 -1.19 -55.60 5.69
CA GLU B 158 0.23 -55.65 5.32
C GLU B 158 0.48 -55.89 3.83
N VAL B 159 -0.38 -56.70 3.21
CA VAL B 159 -0.29 -56.95 1.76
C VAL B 159 -0.61 -55.68 0.95
N GLU B 160 -1.67 -54.96 1.33
CA GLU B 160 -2.02 -53.73 0.62
CA GLU B 160 -2.05 -53.71 0.66
C GLU B 160 -0.94 -52.65 0.78
N VAL B 161 -0.27 -52.62 1.93
CA VAL B 161 0.84 -51.70 2.18
C VAL B 161 2.03 -52.11 1.29
N GLU B 162 2.37 -53.40 1.32
CA GLU B 162 3.38 -53.97 0.42
C GLU B 162 3.19 -53.61 -1.08
N ASP B 163 1.96 -53.78 -1.58
CA ASP B 163 1.65 -53.46 -2.98
C ASP B 163 1.87 -51.98 -3.28
N ASN B 164 1.47 -51.14 -2.36
CA ASN B 164 1.64 -49.71 -2.49
CA ASN B 164 1.64 -49.72 -2.46
C ASN B 164 3.14 -49.34 -2.50
N ILE B 165 3.94 -49.98 -1.67
CA ILE B 165 5.38 -49.69 -1.67
C ILE B 165 6.00 -50.10 -3.01
N ARG B 166 5.61 -51.26 -3.52
CA ARG B 166 6.11 -51.72 -4.83
C ARG B 166 5.81 -50.71 -5.95
N ALA B 167 4.61 -50.13 -5.91
CA ALA B 167 4.19 -49.05 -6.82
C ALA B 167 5.11 -47.84 -6.74
N ARG B 168 5.48 -47.43 -5.51
CA ARG B 168 6.34 -46.26 -5.38
C ARG B 168 7.78 -46.59 -5.79
N MET B 169 8.22 -47.81 -5.48
CA MET B 169 9.55 -48.27 -5.81
C MET B 169 9.79 -48.27 -7.31
N GLU B 170 8.73 -48.64 -8.04
CA GLU B 170 8.67 -48.63 -9.50
C GLU B 170 8.80 -47.21 -10.04
N GLU B 171 8.21 -46.23 -9.35
CA GLU B 171 8.38 -44.82 -9.70
C GLU B 171 9.76 -44.23 -9.36
N GLY B 172 10.59 -45.00 -8.66
CA GLY B 172 11.93 -44.57 -8.32
C GLY B 172 12.13 -44.13 -6.88
N TYR B 173 11.09 -44.20 -6.04
CA TYR B 173 11.29 -43.91 -4.59
C TYR B 173 12.18 -44.95 -3.89
N GLN B 174 13.19 -44.46 -3.15
CA GLN B 174 14.11 -45.30 -2.39
C GLN B 174 13.88 -45.21 -0.88
N TYR B 175 12.93 -44.37 -0.51
CA TYR B 175 12.51 -44.21 0.88
C TYR B 175 10.99 -44.09 0.88
N VAL B 176 10.33 -44.82 1.79
CA VAL B 176 8.88 -44.77 1.94
C VAL B 176 8.46 -44.76 3.42
N ARG B 177 7.40 -43.99 3.71
CA ARG B 177 6.72 -44.11 4.97
C ARG B 177 5.66 -45.19 4.90
N CYS B 178 5.65 -46.10 5.88
CA CYS B 178 4.71 -47.22 5.88
C CYS B 178 3.79 -47.16 7.07
N GLN B 179 2.51 -46.94 6.79
CA GLN B 179 1.48 -46.93 7.83
C GLN B 179 0.45 -47.99 7.43
N MET B 180 -0.15 -48.63 8.43
CA MET B 180 -1.28 -49.53 8.19
C MET B 180 -2.46 -48.99 8.98
N GLY B 181 -3.39 -48.33 8.28
CA GLY B 181 -4.47 -47.60 8.93
C GLY B 181 -4.06 -46.20 9.40
N MET B 182 -3.21 -45.53 8.61
CA MET B 182 -2.66 -44.18 8.91
C MET B 182 -2.07 -43.98 10.33
N TYR B 183 -2.71 -43.15 11.15
CA TYR B 183 -2.21 -42.88 12.53
C TYR B 183 -3.04 -43.59 13.59
N GLY B 184 -2.37 -44.38 14.45
CA GLY B 184 -3.06 -45.16 15.49
C GLY B 184 -4.01 -46.22 14.95
N GLY B 185 -3.88 -46.55 13.66
CA GLY B 185 -4.66 -47.62 13.03
C GLY B 185 -6.07 -47.19 12.63
N ALA B 186 -6.37 -45.89 12.81
CA ALA B 186 -7.73 -45.35 12.65
C ALA B 186 -8.16 -45.01 11.22
N GLY B 187 -7.21 -44.88 10.30
CA GLY B 187 -7.45 -44.36 8.93
C GLY B 187 -7.89 -42.91 8.95
N THR B 188 -8.60 -42.46 7.89
CA THR B 188 -9.26 -41.13 7.86
C THR B 188 -10.40 -41.02 6.81
N ASP B 189 -11.51 -40.40 7.21
CA ASP B 189 -12.63 -40.05 6.30
C ASP B 189 -12.64 -38.54 6.03
N ASP B 190 -11.88 -37.82 6.84
CA ASP B 190 -11.76 -36.37 6.78
C ASP B 190 -10.92 -35.97 5.56
N LEU B 191 -11.58 -35.43 4.53
CA LEU B 191 -10.88 -34.89 3.35
C LEU B 191 -10.03 -33.64 3.68
N LYS B 192 -10.25 -33.06 4.87
CA LYS B 192 -9.42 -31.97 5.39
C LYS B 192 -7.99 -32.37 5.84
N LEU B 193 -7.66 -33.67 5.75
CA LEU B 193 -6.33 -34.16 6.11
C LEU B 193 -5.34 -34.24 4.91
N ILE B 194 -5.67 -35.03 3.89
CA ILE B 194 -4.79 -35.16 2.71
C ILE B 194 -5.55 -35.11 1.39
N ALA B 195 -6.78 -34.60 1.41
CA ALA B 195 -7.71 -34.58 0.26
C ALA B 195 -8.04 -35.98 -0.31
N THR B 196 -7.71 -37.02 0.44
CA THR B 196 -7.99 -38.42 0.07
C THR B 196 -8.27 -39.28 1.32
N GLN B 197 -9.30 -40.12 1.23
CA GLN B 197 -9.72 -40.97 2.35
C GLN B 197 -8.88 -42.25 2.46
N LEU B 198 -8.35 -42.50 3.66
CA LEU B 198 -7.58 -43.71 3.93
C LEU B 198 -8.35 -44.68 4.82
N ALA B 199 -8.27 -45.96 4.50
CA ALA B 199 -8.99 -47.00 5.22
C ALA B 199 -8.44 -47.28 6.62
N ARG B 200 -9.30 -47.66 7.49
CA ARG B 200 -9.04 -48.09 8.86
CA ARG B 200 -8.97 -48.07 8.81
C ARG B 200 -8.22 -49.39 8.72
N ALA B 201 -7.43 -49.72 9.73
CA ALA B 201 -6.73 -51.01 9.79
C ALA B 201 -7.77 -52.13 9.93
N LYS B 202 -7.77 -53.04 8.96
CA LYS B 202 -8.86 -54.02 8.81
C LYS B 202 -8.90 -55.12 9.88
N ASN B 203 -7.73 -55.60 10.29
CA ASN B 203 -7.63 -56.77 11.16
C ASN B 203 -7.13 -56.47 12.59
N ILE B 204 -6.94 -55.19 12.88
CA ILE B 204 -6.71 -54.70 14.26
C ILE B 204 -7.99 -54.94 15.07
N GLN B 205 -7.86 -55.53 16.26
CA GLN B 205 -9.01 -55.83 17.12
C GLN B 205 -9.05 -55.05 18.42
N PRO B 206 -9.66 -53.85 18.40
CA PRO B 206 -9.67 -52.91 19.51
C PRO B 206 -10.45 -53.40 20.71
N LYS B 207 -10.14 -52.83 21.87
CA LYS B 207 -10.95 -52.98 23.06
C LYS B 207 -12.39 -52.56 22.80
N ARG B 208 -13.28 -53.23 23.50
CA ARG B 208 -14.68 -52.79 23.57
C ARG B 208 -14.79 -51.49 24.37
N SER B 209 -15.58 -50.58 23.84
CA SER B 209 -15.84 -49.27 24.45
C SER B 209 -16.93 -49.40 25.53
N PRO B 210 -17.11 -48.35 26.37
CA PRO B 210 -18.30 -48.32 27.24
C PRO B 210 -19.61 -48.30 26.43
N ARG B 211 -20.72 -48.46 27.13
CA ARG B 211 -22.01 -48.70 26.50
C ARG B 211 -22.60 -47.52 25.71
N SER B 212 -22.14 -46.29 26.00
CA SER B 212 -22.42 -45.19 25.10
C SER B 212 -21.10 -44.48 24.80
N LYS B 213 -21.03 -43.80 23.66
CA LYS B 213 -19.78 -43.17 23.24
C LYS B 213 -19.98 -41.71 22.91
N THR B 214 -19.09 -40.87 23.41
CA THR B 214 -19.01 -39.49 23.00
C THR B 214 -18.43 -39.48 21.58
N PRO B 215 -19.00 -38.65 20.68
CA PRO B 215 -18.54 -38.64 19.29
C PRO B 215 -17.03 -38.37 19.15
N GLY B 216 -16.40 -39.13 18.26
CA GLY B 216 -15.01 -38.88 17.90
C GLY B 216 -14.52 -39.95 16.95
N ILE B 217 -13.29 -39.80 16.50
CA ILE B 217 -12.65 -40.88 15.74
C ILE B 217 -11.95 -41.80 16.72
N TYR B 218 -12.54 -42.99 16.92
CA TYR B 218 -12.02 -43.92 17.94
C TYR B 218 -10.80 -44.69 17.46
N PHE B 219 -9.84 -44.93 18.35
CA PHE B 219 -8.66 -45.73 17.98
C PHE B 219 -8.23 -46.50 19.20
N ASP B 220 -7.42 -47.53 19.01
CA ASP B 220 -6.93 -48.28 20.17
C ASP B 220 -5.41 -48.26 20.11
N PRO B 221 -4.76 -47.49 21.03
CA PRO B 221 -3.29 -47.31 20.88
C PRO B 221 -2.51 -48.58 21.13
N ASP B 222 -3.07 -49.48 21.93
CA ASP B 222 -2.35 -50.73 22.24
C ASP B 222 -2.43 -51.75 21.12
N ALA B 223 -3.61 -51.91 20.53
CA ALA B 223 -3.77 -52.72 19.33
C ALA B 223 -2.86 -52.17 18.20
N TYR B 224 -2.82 -50.84 18.07
CA TYR B 224 -1.94 -50.18 17.10
C TYR B 224 -0.49 -50.57 17.36
N ALA B 225 -0.03 -50.36 18.59
CA ALA B 225 1.38 -50.58 18.93
C ALA B 225 1.79 -52.03 18.63
N LYS B 226 0.93 -52.97 18.94
CA LYS B 226 1.21 -54.40 18.68
C LYS B 226 1.20 -54.74 17.18
N SER B 227 0.44 -53.98 16.39
CA SER B 227 0.38 -54.20 14.96
C SER B 227 1.66 -53.83 14.24
N VAL B 228 2.38 -52.82 14.75
CA VAL B 228 3.52 -52.25 14.00
C VAL B 228 4.68 -53.22 13.72
N PRO B 229 5.22 -53.92 14.76
CA PRO B 229 6.26 -54.90 14.46
C PRO B 229 5.83 -56.01 13.49
N ARG B 230 4.57 -56.43 13.56
CA ARG B 230 4.04 -57.42 12.60
C ARG B 230 4.09 -56.88 11.17
N LEU B 231 3.71 -55.62 10.98
CA LEU B 231 3.78 -54.99 9.66
C LEU B 231 5.20 -55.00 9.11
N PHE B 232 6.16 -54.54 9.92
CA PHE B 232 7.53 -54.45 9.43
C PHE B 232 8.22 -55.79 9.25
N ASP B 233 7.82 -56.77 10.07
CA ASP B 233 8.27 -58.16 9.89
C ASP B 233 7.88 -58.65 8.49
N HIS B 234 6.62 -58.44 8.13
CA HIS B 234 6.11 -58.80 6.80
C HIS B 234 6.81 -58.02 5.68
N LEU B 235 6.94 -56.70 5.85
CA LEU B 235 7.57 -55.90 4.80
C LEU B 235 9.05 -56.24 4.57
N ARG B 236 9.79 -56.52 5.64
CA ARG B 236 11.21 -56.88 5.47
C ARG B 236 11.35 -58.26 4.79
N ASN B 237 10.44 -59.16 5.14
CA ASN B 237 10.39 -60.50 4.53
CA ASN B 237 10.42 -60.49 4.53
C ASN B 237 10.15 -60.42 3.03
N LYS B 238 9.23 -59.57 2.61
CA LYS B 238 8.86 -59.50 1.20
C LYS B 238 9.75 -58.57 0.37
N LEU B 239 10.27 -57.50 0.98
CA LEU B 239 10.95 -56.43 0.22
C LEU B 239 12.46 -56.31 0.49
N GLY B 240 12.94 -56.95 1.55
CA GLY B 240 14.34 -56.88 1.93
C GLY B 240 14.71 -55.56 2.61
N PHE B 241 16.02 -55.36 2.76
CA PHE B 241 16.61 -54.26 3.54
C PHE B 241 17.21 -53.11 2.76
N GLY B 242 17.14 -53.16 1.43
CA GLY B 242 17.65 -52.07 0.59
C GLY B 242 16.75 -50.83 0.62
N ILE B 243 15.45 -51.06 0.56
CA ILE B 243 14.44 -49.97 0.60
C ILE B 243 14.42 -49.35 2.03
N GLU B 244 14.42 -48.01 2.12
CA GLU B 244 14.40 -47.34 3.42
C GLU B 244 12.97 -47.13 3.93
N PHE B 245 12.73 -47.45 5.22
CA PHE B 245 11.38 -47.38 5.80
C PHE B 245 11.24 -46.34 6.89
N ILE B 246 10.16 -45.57 6.85
CA ILE B 246 9.82 -44.61 7.92
C ILE B 246 8.49 -45.06 8.52
N HIS B 247 8.32 -44.88 9.82
CA HIS B 247 7.02 -45.10 10.44
C HIS B 247 6.75 -43.93 11.36
N ASP B 248 5.51 -43.44 11.33
CA ASP B 248 5.08 -42.27 12.11
C ASP B 248 4.15 -42.76 13.23
N VAL B 249 4.62 -42.59 14.46
CA VAL B 249 3.82 -42.91 15.66
C VAL B 249 2.79 -41.81 15.91
N HIS B 250 3.12 -40.58 15.46
CA HIS B 250 2.18 -39.45 15.48
C HIS B 250 1.58 -39.27 16.88
N GLU B 251 2.44 -39.37 17.91
CA GLU B 251 2.09 -39.10 19.32
C GLU B 251 0.93 -39.98 19.85
N ARG B 252 0.68 -41.14 19.21
CA ARG B 252 -0.55 -41.89 19.52
C ARG B 252 -0.52 -42.83 20.73
N VAL B 253 0.66 -43.04 21.34
CA VAL B 253 0.75 -44.00 22.44
C VAL B 253 1.38 -43.39 23.68
N THR B 254 1.31 -44.09 24.80
CA THR B 254 2.01 -43.61 26.02
C THR B 254 3.53 -43.64 25.78
N PRO B 255 4.26 -42.77 26.47
CA PRO B 255 5.69 -42.76 26.20
C PRO B 255 6.38 -44.10 26.41
N VAL B 256 6.07 -44.86 27.46
CA VAL B 256 6.80 -46.14 27.68
C VAL B 256 6.42 -47.13 26.57
N THR B 257 5.19 -47.04 26.07
CA THR B 257 4.79 -47.84 24.92
C THR B 257 5.61 -47.49 23.67
N ALA B 258 5.81 -46.19 23.43
CA ALA B 258 6.65 -45.73 22.31
C ALA B 258 8.09 -46.22 22.49
N ILE B 259 8.58 -46.20 23.72
CA ILE B 259 9.92 -46.69 24.01
C ILE B 259 10.05 -48.17 23.64
N ASN B 260 9.08 -48.95 24.10
CA ASN B 260 9.07 -50.36 23.80
C ASN B 260 8.96 -50.64 22.30
N LEU B 261 8.16 -49.85 21.61
CA LEU B 261 8.02 -49.98 20.17
C LEU B 261 9.36 -49.70 19.47
N ALA B 262 10.05 -48.62 19.87
CA ALA B 262 11.37 -48.31 19.34
C ALA B 262 12.33 -49.49 19.49
N LYS B 263 12.32 -50.11 20.66
CA LYS B 263 13.15 -51.29 20.92
C LYS B 263 12.79 -52.49 20.03
N THR B 264 11.51 -52.80 19.94
CA THR B 264 11.07 -53.95 19.11
C THR B 264 11.29 -53.70 17.59
N LEU B 265 11.36 -52.44 17.19
CA LEU B 265 11.62 -52.09 15.78
C LEU B 265 13.08 -52.05 15.37
N GLU B 266 14.00 -52.08 16.35
CA GLU B 266 15.45 -52.06 16.04
C GLU B 266 15.88 -53.02 14.94
N GLN B 267 15.36 -54.25 15.02
CA GLN B 267 15.70 -55.31 14.09
C GLN B 267 15.31 -54.97 12.65
N TYR B 268 14.35 -54.08 12.48
CA TYR B 268 13.85 -53.76 11.14
C TYR B 268 14.56 -52.59 10.47
N GLN B 269 15.45 -51.95 11.22
CA GLN B 269 16.36 -50.91 10.69
CA GLN B 269 16.35 -50.88 10.72
C GLN B 269 15.64 -49.81 9.91
N LEU B 270 14.70 -49.17 10.59
CA LEU B 270 13.98 -48.03 10.06
CA LEU B 270 13.99 -48.04 10.03
C LEU B 270 14.94 -46.88 9.82
N PHE B 271 14.69 -46.11 8.78
CA PHE B 271 15.42 -44.87 8.51
C PHE B 271 15.13 -43.89 9.66
N TYR B 272 13.85 -43.75 10.01
CA TYR B 272 13.48 -43.22 11.32
C TYR B 272 12.10 -43.62 11.80
N LEU B 273 11.98 -43.64 13.15
CA LEU B 273 10.70 -43.69 13.84
C LEU B 273 10.32 -42.26 14.27
N GLU B 274 9.15 -41.82 13.82
CA GLU B 274 8.73 -40.42 13.92
C GLU B 274 7.71 -40.15 15.03
N ASP B 275 7.92 -39.04 15.73
CA ASP B 275 7.04 -38.53 16.77
C ASP B 275 6.60 -39.60 17.77
N PRO B 276 7.58 -40.28 18.40
CA PRO B 276 7.17 -41.25 19.40
C PRO B 276 6.50 -40.57 20.62
N VAL B 277 6.77 -39.28 20.84
CA VAL B 277 6.11 -38.56 21.95
C VAL B 277 5.54 -37.23 21.48
N ALA B 278 4.57 -36.70 22.23
CA ALA B 278 4.04 -35.35 22.02
C ALA B 278 5.09 -34.31 22.42
N PRO B 279 5.01 -33.08 21.88
CA PRO B 279 5.94 -32.05 22.36
C PRO B 279 5.83 -31.83 23.88
N GLU B 280 4.65 -32.04 24.45
CA GLU B 280 4.46 -31.88 25.87
C GLU B 280 5.18 -32.95 26.69
N ASN B 281 5.62 -34.03 26.04
CA ASN B 281 6.32 -35.14 26.71
C ASN B 281 7.76 -35.33 26.21
N ILE B 282 8.42 -34.24 25.77
CA ILE B 282 9.79 -34.39 25.23
C ILE B 282 10.81 -34.95 26.23
N ASP B 283 10.55 -34.79 27.52
CA ASP B 283 11.44 -35.30 28.57
C ASP B 283 11.60 -36.82 28.50
N TRP B 284 10.56 -37.47 28.04
CA TRP B 284 10.59 -38.93 27.98
C TRP B 284 11.60 -39.46 26.96
N LEU B 285 12.06 -38.61 26.05
CA LEU B 285 13.09 -39.01 25.11
C LEU B 285 14.42 -39.28 25.79
N LYS B 286 14.59 -38.75 27.00
CA LYS B 286 15.79 -39.12 27.78
C LYS B 286 15.83 -40.62 28.08
N MET B 287 14.69 -41.17 28.51
CA MET B 287 14.59 -42.60 28.73
C MET B 287 14.66 -43.41 27.43
N LEU B 288 13.96 -42.97 26.39
CA LEU B 288 13.99 -43.69 25.13
C LEU B 288 15.45 -43.88 24.67
N ARG B 289 16.24 -42.80 24.76
CA ARG B 289 17.56 -42.80 24.13
C ARG B 289 18.63 -43.51 24.99
N GLN B 290 18.28 -43.83 26.22
CA GLN B 290 19.13 -44.71 27.05
C GLN B 290 18.96 -46.15 26.61
N GLN B 291 17.83 -46.47 25.96
CA GLN B 291 17.48 -47.89 25.71
C GLN B 291 17.48 -48.32 24.24
N SER B 292 17.12 -47.43 23.32
CA SER B 292 16.92 -47.82 21.92
C SER B 292 17.89 -47.16 20.94
N SER B 293 18.27 -47.90 19.92
CA SER B 293 19.10 -47.36 18.85
C SER B 293 18.32 -47.21 17.53
N THR B 294 17.00 -47.31 17.56
CA THR B 294 16.22 -46.98 16.37
C THR B 294 16.36 -45.47 16.13
N PRO B 295 16.63 -45.03 14.87
CA PRO B 295 16.73 -43.58 14.66
C PRO B 295 15.41 -42.87 14.93
N ILE B 296 15.48 -41.69 15.54
CA ILE B 296 14.27 -41.00 15.96
C ILE B 296 14.14 -39.64 15.26
N SER B 297 12.94 -39.30 14.79
CA SER B 297 12.68 -37.95 14.32
C SER B 297 11.56 -37.34 15.19
N MET B 298 11.61 -36.02 15.39
CA MET B 298 10.59 -35.27 16.12
C MET B 298 10.43 -33.90 15.49
N GLY B 299 9.21 -33.35 15.56
CA GLY B 299 9.07 -31.91 15.58
C GLY B 299 8.21 -31.18 14.58
N GLU B 300 7.45 -31.92 13.76
CA GLU B 300 6.48 -31.22 12.89
C GLU B 300 5.56 -30.26 13.70
N LEU B 301 5.29 -30.61 14.96
CA LEU B 301 4.43 -29.80 15.83
C LEU B 301 5.13 -28.63 16.52
N PHE B 302 6.46 -28.55 16.43
CA PHE B 302 7.20 -27.58 17.27
C PHE B 302 6.95 -26.14 16.85
N VAL B 303 6.79 -25.27 17.85
CA VAL B 303 6.62 -23.84 17.60
C VAL B 303 7.56 -23.00 18.48
N ASN B 304 8.41 -23.65 19.26
CA ASN B 304 9.10 -22.96 20.36
C ASN B 304 10.51 -23.51 20.49
N VAL B 305 11.50 -22.63 20.62
CA VAL B 305 12.91 -23.06 20.82
C VAL B 305 13.04 -23.99 22.04
N ASN B 306 12.21 -23.77 23.06
CA ASN B 306 12.28 -24.62 24.26
C ASN B 306 11.73 -26.02 24.09
N GLU B 307 11.16 -26.30 22.92
CA GLU B 307 10.83 -27.69 22.52
C GLU B 307 11.99 -28.38 21.84
N TRP B 308 12.62 -27.76 20.84
CA TRP B 308 13.68 -28.47 20.10
C TRP B 308 15.10 -28.37 20.66
N LYS B 309 15.41 -27.26 21.33
CA LYS B 309 16.76 -27.06 21.87
C LYS B 309 17.21 -28.15 22.84
N PRO B 310 16.38 -28.47 23.88
CA PRO B 310 16.80 -29.57 24.75
C PRO B 310 17.02 -30.89 24.01
N LEU B 311 16.21 -31.16 22.98
CA LEU B 311 16.34 -32.41 22.23
C LEU B 311 17.65 -32.47 21.47
N ILE B 312 18.01 -31.38 20.81
CA ILE B 312 19.17 -31.37 19.93
C ILE B 312 20.47 -31.27 20.77
N ASP B 313 20.45 -30.38 21.77
CA ASP B 313 21.53 -30.23 22.76
C ASP B 313 21.95 -31.54 23.38
N ASN B 314 20.97 -32.40 23.60
CA ASN B 314 21.20 -33.70 24.27
C ASN B 314 21.17 -34.90 23.33
N ARG B 315 21.16 -34.63 22.01
CA ARG B 315 21.23 -35.69 20.97
C ARG B 315 20.11 -36.72 21.14
N LEU B 316 18.92 -36.22 21.47
CA LEU B 316 17.81 -37.10 21.77
C LEU B 316 17.01 -37.43 20.53
N ILE B 317 17.41 -36.85 19.39
CA ILE B 317 16.80 -37.14 18.09
C ILE B 317 17.91 -37.21 17.03
N ASP B 318 17.59 -37.82 15.89
CA ASP B 318 18.54 -37.92 14.79
C ASP B 318 18.08 -37.07 13.60
N TYR B 319 16.81 -36.68 13.58
CA TYR B 319 16.23 -35.79 12.55
C TYR B 319 15.28 -34.80 13.16
N ILE B 320 15.41 -33.54 12.75
CA ILE B 320 14.46 -32.50 13.17
C ILE B 320 13.43 -32.28 12.04
N ARG B 321 12.15 -32.28 12.43
CA ARG B 321 11.03 -32.36 11.48
C ARG B 321 10.18 -31.10 11.34
N CYS B 322 10.66 -29.93 11.77
CA CYS B 322 9.78 -28.77 11.81
C CYS B 322 9.10 -28.43 10.48
N HIS B 323 7.91 -27.89 10.60
CA HIS B 323 7.14 -27.34 9.50
C HIS B 323 7.71 -25.91 9.39
N VAL B 324 8.42 -25.65 8.33
CA VAL B 324 9.21 -24.42 8.21
C VAL B 324 8.39 -23.16 8.43
N SER B 325 7.19 -23.10 7.88
CA SER B 325 6.37 -21.92 8.10
C SER B 325 5.89 -21.77 9.55
N THR B 326 5.75 -22.89 10.25
CA THR B 326 5.21 -22.90 11.60
C THR B 326 6.31 -22.59 12.65
N ILE B 327 7.58 -22.62 12.23
CA ILE B 327 8.63 -22.04 13.08
C ILE B 327 9.02 -20.62 12.71
N GLY B 328 8.41 -20.10 11.66
CA GLY B 328 8.54 -18.68 11.31
C GLY B 328 9.33 -18.38 10.06
N GLY B 329 9.57 -19.41 9.21
CA GLY B 329 10.18 -19.18 7.89
C GLY B 329 11.60 -19.65 7.69
N ILE B 330 12.21 -19.22 6.58
CA ILE B 330 13.61 -19.61 6.23
C ILE B 330 14.65 -19.15 7.27
N THR B 331 14.48 -17.91 7.74
CA THR B 331 15.40 -17.31 8.72
C THR B 331 15.57 -18.20 9.97
N PRO B 332 14.46 -18.51 10.69
CA PRO B 332 14.66 -19.42 11.83
C PRO B 332 14.97 -20.89 11.44
N ALA B 333 14.46 -21.37 10.30
CA ALA B 333 14.83 -22.73 9.89
C ALA B 333 16.32 -22.92 9.59
N ARG B 334 16.96 -21.92 8.98
CA ARG B 334 18.39 -22.01 8.72
C ARG B 334 19.14 -22.06 10.07
N LYS B 335 18.69 -21.31 11.07
CA LYS B 335 19.35 -21.35 12.40
C LYS B 335 19.21 -22.72 13.00
N LEU B 336 18.01 -23.28 12.91
CA LEU B 336 17.76 -24.64 13.41
C LEU B 336 18.61 -25.69 12.70
N ALA B 337 18.74 -25.56 11.38
CA ALA B 337 19.58 -26.47 10.61
C ALA B 337 21.03 -26.42 11.05
N VAL B 338 21.54 -25.21 11.30
CA VAL B 338 22.92 -25.04 11.76
C VAL B 338 23.07 -25.59 13.18
N TYR B 339 22.13 -25.28 14.06
CA TYR B 339 22.17 -25.82 15.44
C TYR B 339 22.23 -27.35 15.45
N SER B 340 21.43 -27.95 14.59
CA SER B 340 21.36 -29.42 14.38
C SER B 340 22.69 -29.95 13.83
N GLU B 341 23.20 -29.26 12.80
CA GLU B 341 24.46 -29.64 12.15
C GLU B 341 25.60 -29.78 13.16
N LEU B 342 25.69 -28.80 14.07
CA LEU B 342 26.80 -28.78 15.02
C LEU B 342 26.66 -29.88 16.08
N ASN B 343 25.47 -30.47 16.16
CA ASN B 343 25.17 -31.56 17.09
C ASN B 343 25.02 -32.92 16.40
N GLY B 344 25.35 -32.98 15.11
CA GLY B 344 25.24 -34.21 14.31
C GLY B 344 23.81 -34.65 14.03
N VAL B 345 22.87 -33.72 14.07
CA VAL B 345 21.43 -34.02 13.84
C VAL B 345 21.12 -33.55 12.42
N ARG B 346 20.31 -34.30 11.70
CA ARG B 346 19.99 -33.97 10.30
C ARG B 346 18.57 -33.42 10.13
N THR B 347 18.32 -32.77 8.99
CA THR B 347 17.02 -32.10 8.75
C THR B 347 16.05 -33.03 8.02
N ALA B 348 14.78 -32.91 8.35
CA ALA B 348 13.74 -33.65 7.66
C ALA B 348 12.49 -32.78 7.73
N TRP B 349 12.54 -31.65 7.03
CA TRP B 349 11.44 -30.68 7.11
C TRP B 349 10.12 -31.33 6.74
N HIS B 350 9.09 -30.94 7.45
CA HIS B 350 7.75 -31.42 7.23
C HIS B 350 7.31 -31.16 5.77
N GLY B 351 6.86 -32.19 5.07
CA GLY B 351 6.37 -32.03 3.71
C GLY B 351 5.04 -32.75 3.44
N PRO B 352 3.95 -32.32 4.12
CA PRO B 352 2.65 -33.00 3.99
C PRO B 352 1.88 -32.40 2.81
N GLY B 353 0.57 -32.62 2.75
CA GLY B 353 -0.23 -31.90 1.75
C GLY B 353 -0.55 -30.47 2.13
N ASP B 354 -0.57 -30.20 3.45
CA ASP B 354 -0.88 -28.85 3.95
C ASP B 354 0.34 -27.94 4.04
N ILE B 355 0.92 -27.70 2.87
CA ILE B 355 2.06 -26.80 2.67
C ILE B 355 1.89 -26.35 1.22
N SER B 356 2.11 -25.07 0.92
CA SER B 356 1.93 -24.56 -0.45
C SER B 356 3.17 -24.93 -1.26
N PRO B 357 3.11 -24.87 -2.61
CA PRO B 357 4.33 -25.16 -3.33
C PRO B 357 5.44 -24.15 -3.04
N VAL B 358 5.09 -22.97 -2.54
CA VAL B 358 6.10 -21.96 -2.16
C VAL B 358 6.87 -22.52 -0.96
N GLY B 359 6.14 -23.12 -0.01
CA GLY B 359 6.77 -23.76 1.15
C GLY B 359 7.54 -25.02 0.79
N VAL B 360 7.03 -25.79 -0.17
CA VAL B 360 7.78 -26.91 -0.72
C VAL B 360 9.13 -26.46 -1.28
N CYS B 361 9.11 -25.35 -2.02
CA CYS B 361 10.35 -24.78 -2.55
C CYS B 361 11.26 -24.31 -1.44
N ALA B 362 10.70 -23.63 -0.42
CA ALA B 362 11.50 -23.17 0.71
C ALA B 362 12.25 -24.35 1.39
N ASN B 363 11.53 -25.44 1.68
CA ASN B 363 12.12 -26.66 2.26
C ASN B 363 13.31 -27.08 1.45
N MET B 364 13.12 -27.08 0.12
CA MET B 364 14.12 -27.63 -0.79
C MET B 364 15.31 -26.70 -1.01
N HIS B 365 15.12 -25.37 -0.92
CA HIS B 365 16.29 -24.50 -0.99
C HIS B 365 17.15 -24.70 0.27
N LEU B 366 16.49 -24.85 1.41
CA LEU B 366 17.20 -25.27 2.63
C LEU B 366 17.90 -26.63 2.45
N ASP B 367 17.15 -27.62 1.95
CA ASP B 367 17.69 -28.98 1.74
C ASP B 367 18.98 -28.99 0.92
N LEU B 368 18.96 -28.24 -0.18
CA LEU B 368 20.07 -28.24 -1.11
C LEU B 368 21.29 -27.53 -0.53
N SER B 369 21.08 -26.58 0.37
CA SER B 369 22.17 -25.78 0.91
C SER B 369 22.67 -26.26 2.27
N SER B 370 22.00 -27.25 2.84
CA SER B 370 22.40 -27.77 4.16
C SER B 370 23.36 -28.96 4.10
N PRO B 371 24.52 -28.85 4.74
CA PRO B 371 25.38 -30.03 4.78
C PRO B 371 24.76 -31.22 5.53
N ASN B 372 23.95 -30.93 6.55
CA ASN B 372 23.30 -31.95 7.38
C ASN B 372 21.85 -32.26 6.93
N PHE B 373 21.52 -32.00 5.67
CA PHE B 373 20.25 -32.52 5.10
C PHE B 373 20.07 -34.02 5.36
N GLY B 374 18.88 -34.43 5.77
CA GLY B 374 18.58 -35.86 6.04
C GLY B 374 17.72 -36.49 4.96
N ILE B 375 16.48 -36.02 4.85
CA ILE B 375 15.58 -36.53 3.83
C ILE B 375 14.49 -35.47 3.57
N GLN B 376 13.86 -35.50 2.39
CA GLN B 376 12.71 -34.64 2.18
C GLN B 376 11.40 -35.41 1.96
N GLU B 377 10.54 -35.36 2.98
CA GLU B 377 9.15 -35.80 2.86
C GLU B 377 8.48 -35.09 1.68
N TYR B 378 7.77 -35.85 0.86
CA TYR B 378 7.13 -35.26 -0.32
C TYR B 378 5.73 -35.80 -0.54
N THR B 379 4.78 -34.89 -0.71
CA THR B 379 3.40 -35.24 -1.03
C THR B 379 3.12 -34.78 -2.47
N PRO B 380 2.92 -35.74 -3.38
CA PRO B 380 2.70 -35.42 -4.80
C PRO B 380 1.58 -34.40 -5.03
N MET B 381 1.77 -33.53 -6.01
CA MET B 381 0.83 -32.46 -6.35
C MET B 381 -0.04 -32.85 -7.56
N ASN B 382 -1.25 -32.32 -7.63
CA ASN B 382 -2.11 -32.44 -8.84
C ASN B 382 -1.78 -31.39 -9.91
N ASP B 383 -2.44 -31.45 -11.08
CA ASP B 383 -2.20 -30.47 -12.15
C ASP B 383 -2.57 -29.03 -11.72
N ALA B 384 -3.66 -28.92 -10.95
CA ALA B 384 -4.13 -27.64 -10.47
C ALA B 384 -3.04 -26.89 -9.69
N LEU B 385 -2.35 -27.59 -8.78
CA LEU B 385 -1.25 -26.96 -8.02
C LEU B 385 -0.12 -26.49 -8.94
N ARG B 386 0.24 -27.31 -9.92
CA ARG B 386 1.31 -26.94 -10.86
C ARG B 386 0.92 -25.75 -11.74
N ASP B 387 -0.38 -25.64 -12.03
CA ASP B 387 -0.92 -24.56 -12.87
C ASP B 387 -0.97 -23.26 -12.10
N VAL B 388 -1.45 -23.34 -10.86
CA VAL B 388 -1.61 -22.17 -9.98
C VAL B 388 -0.24 -21.65 -9.53
N PHE B 389 0.72 -22.56 -9.36
CA PHE B 389 2.07 -22.23 -8.90
C PHE B 389 3.16 -22.62 -9.93
N PRO B 390 3.34 -21.81 -11.00
CA PRO B 390 4.41 -22.12 -11.96
C PRO B 390 5.78 -22.18 -11.32
N GLY B 391 6.52 -23.25 -11.60
CA GLY B 391 7.90 -23.41 -11.12
C GLY B 391 8.05 -24.47 -10.05
N CYS B 392 7.04 -25.32 -9.87
CA CYS B 392 7.15 -26.46 -8.94
C CYS B 392 8.35 -27.33 -9.27
N PRO B 393 9.02 -27.83 -8.21
CA PRO B 393 10.21 -28.67 -8.38
C PRO B 393 9.90 -29.86 -9.28
N GLU B 394 10.84 -30.21 -10.15
CA GLU B 394 10.76 -31.41 -10.97
C GLU B 394 11.04 -32.64 -10.13
N ILE B 395 10.11 -33.60 -10.17
CA ILE B 395 10.22 -34.86 -9.43
C ILE B 395 10.60 -35.92 -10.45
N ASP B 396 11.79 -36.48 -10.31
CA ASP B 396 12.29 -37.44 -11.30
C ASP B 396 12.96 -38.63 -10.59
N HIS B 397 12.28 -39.78 -10.66
CA HIS B 397 12.75 -41.06 -10.11
CA HIS B 397 12.77 -41.06 -10.12
C HIS B 397 13.25 -40.97 -8.67
N GLY B 398 12.39 -40.46 -7.78
CA GLY B 398 12.72 -40.40 -6.35
C GLY B 398 13.54 -39.22 -5.86
N TYR B 399 13.92 -38.32 -6.78
CA TYR B 399 14.67 -37.12 -6.41
C TYR B 399 13.94 -35.89 -6.86
N ALA B 400 14.05 -34.80 -6.11
CA ALA B 400 13.53 -33.52 -6.57
C ALA B 400 14.65 -32.69 -7.13
N TYR B 401 14.35 -31.98 -8.22
CA TYR B 401 15.31 -31.13 -8.91
C TYR B 401 14.72 -29.72 -9.02
N LEU B 402 15.22 -28.81 -8.18
CA LEU B 402 14.80 -27.41 -8.20
C LEU B 402 15.24 -26.80 -9.50
N ASN B 403 14.39 -25.94 -10.07
CA ASN B 403 14.87 -25.11 -11.18
C ASN B 403 15.93 -24.13 -10.64
N ASP B 404 16.62 -23.43 -11.54
CA ASP B 404 17.67 -22.54 -11.10
C ASP B 404 17.31 -21.05 -11.27
N LYS B 405 16.01 -20.76 -11.35
CA LYS B 405 15.49 -19.40 -11.37
C LYS B 405 15.78 -18.64 -10.07
N PRO B 406 15.94 -17.30 -10.16
CA PRO B 406 16.21 -16.45 -8.99
C PRO B 406 15.18 -16.58 -7.88
N GLY B 407 15.61 -16.29 -6.65
CA GLY B 407 14.68 -16.36 -5.50
C GLY B 407 14.27 -17.79 -5.21
N LEU B 408 12.99 -17.98 -4.86
CA LEU B 408 12.47 -19.32 -4.61
C LEU B 408 12.18 -20.07 -5.90
N GLY B 409 12.27 -19.39 -7.05
CA GLY B 409 12.04 -20.03 -8.36
C GLY B 409 10.58 -20.41 -8.60
N ILE B 410 9.68 -19.77 -7.85
CA ILE B 410 8.26 -20.13 -7.84
C ILE B 410 7.40 -18.86 -8.03
N ASP B 411 6.21 -19.04 -8.60
CA ASP B 411 5.30 -17.93 -8.79
C ASP B 411 3.86 -18.35 -8.43
N ILE B 412 2.95 -17.39 -8.43
CA ILE B 412 1.54 -17.71 -8.28
C ILE B 412 0.74 -16.95 -9.33
N ASP B 413 -0.19 -17.66 -9.95
CA ASP B 413 -1.14 -17.03 -10.86
C ASP B 413 -2.39 -16.69 -10.05
N GLU B 414 -2.55 -15.41 -9.70
CA GLU B 414 -3.64 -15.01 -8.77
C GLU B 414 -5.03 -15.25 -9.32
N ALA B 415 -5.20 -15.04 -10.63
CA ALA B 415 -6.48 -15.35 -11.27
C ALA B 415 -6.79 -16.85 -11.16
N LYS B 416 -5.79 -17.70 -11.39
CA LYS B 416 -6.02 -19.14 -11.29
C LYS B 416 -6.26 -19.60 -9.85
N ALA B 417 -5.52 -19.01 -8.90
CA ALA B 417 -5.74 -19.25 -7.47
C ALA B 417 -7.18 -18.96 -7.03
N ALA B 418 -7.77 -17.90 -7.59
CA ALA B 418 -9.15 -17.50 -7.29
C ALA B 418 -10.20 -18.55 -7.70
N LYS B 419 -9.85 -19.46 -8.60
CA LYS B 419 -10.73 -20.53 -9.08
C LYS B 419 -10.89 -21.62 -8.02
N TYR B 420 -9.99 -21.64 -7.05
CA TYR B 420 -10.02 -22.63 -5.96
C TYR B 420 -10.14 -21.95 -4.61
N PRO B 421 -11.36 -21.46 -4.26
CA PRO B 421 -11.52 -20.85 -2.95
C PRO B 421 -11.38 -21.84 -1.78
N CYS B 422 -10.94 -21.33 -0.63
CA CYS B 422 -10.74 -22.16 0.56
C CYS B 422 -12.07 -22.69 1.07
N GLU B 423 -12.04 -23.91 1.60
CA GLU B 423 -13.24 -24.55 2.13
C GLU B 423 -13.59 -24.03 3.52
N GLY B 424 -12.59 -23.74 4.34
CA GLY B 424 -12.80 -23.41 5.75
C GLY B 424 -13.23 -24.59 6.61
N GLY B 425 -13.92 -24.29 7.72
CA GLY B 425 -14.47 -25.34 8.59
C GLY B 425 -13.42 -25.98 9.48
N ILE B 426 -13.78 -27.12 10.08
CA ILE B 426 -12.93 -27.75 11.08
C ILE B 426 -12.70 -29.24 10.76
N PRO B 427 -11.49 -29.76 11.01
CA PRO B 427 -11.24 -31.16 10.70
C PRO B 427 -11.93 -32.08 11.72
N SER B 428 -12.24 -33.31 11.32
CA SER B 428 -12.82 -34.28 12.23
CA SER B 428 -12.82 -34.27 12.25
C SER B 428 -11.78 -35.21 12.83
N TRP B 429 -10.66 -35.40 12.10
CA TRP B 429 -9.60 -36.34 12.52
C TRP B 429 -8.92 -35.94 13.85
N THR B 430 -8.95 -34.65 14.19
CA THR B 430 -8.28 -34.18 15.39
C THR B 430 -9.08 -34.47 16.68
N MET B 431 -10.32 -34.97 16.52
CA MET B 431 -11.08 -35.45 17.68
C MET B 431 -10.81 -36.94 17.76
N ALA B 432 -9.71 -37.30 18.44
CA ALA B 432 -9.28 -38.70 18.50
C ALA B 432 -9.57 -39.22 19.89
N ARG B 433 -10.37 -40.29 19.99
CA ARG B 433 -10.70 -40.83 21.30
C ARG B 433 -10.23 -42.28 21.47
N THR B 434 -9.64 -42.57 22.63
CA THR B 434 -9.23 -43.94 22.96
C THR B 434 -10.51 -44.75 23.27
N PRO B 435 -10.39 -46.08 23.49
CA PRO B 435 -11.62 -46.87 23.66
C PRO B 435 -12.60 -46.43 24.77
N ASP B 436 -12.10 -45.92 25.91
CA ASP B 436 -12.99 -45.44 26.99
C ASP B 436 -13.65 -44.09 26.71
N GLY B 437 -13.27 -43.45 25.60
CA GLY B 437 -13.80 -42.14 25.24
C GLY B 437 -12.92 -40.94 25.57
N THR B 438 -11.67 -41.19 26.00
CA THR B 438 -10.73 -40.08 26.35
C THR B 438 -10.24 -39.32 25.12
N ALA B 439 -10.43 -37.99 25.15
CA ALA B 439 -9.91 -37.10 24.11
C ALA B 439 -8.39 -37.12 24.15
N SER B 440 -7.77 -37.49 23.04
CA SER B 440 -6.32 -37.75 22.98
C SER B 440 -5.58 -36.82 22.01
N ARG B 441 -4.27 -36.65 22.23
CA ARG B 441 -3.45 -35.90 21.28
C ARG B 441 -3.42 -36.73 19.97
N PRO B 442 -3.89 -36.13 18.85
CA PRO B 442 -4.14 -36.82 17.59
C PRO B 442 -2.88 -36.94 16.72
N VAL C 26 -12.88 30.95 26.79
CA VAL C 26 -11.41 30.80 26.55
C VAL C 26 -10.77 32.18 26.25
N SER C 27 -10.32 32.88 27.30
CA SER C 27 -9.64 34.18 27.15
C SER C 27 -8.15 34.08 27.50
N ASN C 28 -7.39 35.15 27.18
CA ASN C 28 -5.92 35.17 27.28
C ASN C 28 -5.23 34.06 26.45
N LEU C 29 -5.81 33.70 25.32
CA LEU C 29 -5.30 32.62 24.50
C LEU C 29 -4.03 33.06 23.78
N LYS C 30 -2.97 32.26 23.91
CA LYS C 30 -1.66 32.55 23.33
C LYS C 30 -1.05 31.34 22.68
N ILE C 31 -0.32 31.57 21.60
CA ILE C 31 0.57 30.56 21.00
C ILE C 31 1.77 30.28 21.92
N THR C 32 2.08 29.00 22.15
CA THR C 32 3.15 28.65 23.09
C THR C 32 4.32 27.97 22.40
N ASN C 33 4.05 27.26 21.30
CA ASN C 33 5.09 26.52 20.61
C ASN C 33 4.69 26.33 19.17
N VAL C 34 5.68 26.37 18.28
CA VAL C 34 5.50 26.12 16.86
C VAL C 34 6.53 25.08 16.50
N LYS C 35 6.11 23.97 15.91
CA LYS C 35 7.07 22.94 15.50
C LYS C 35 6.80 22.36 14.12
N THR C 36 7.89 21.93 13.49
CA THR C 36 7.85 21.30 12.18
C THR C 36 7.97 19.80 12.35
N ILE C 37 7.10 19.07 11.67
CA ILE C 37 7.15 17.60 11.64
C ILE C 37 7.42 17.19 10.21
N LEU C 38 8.51 16.47 9.99
CA LEU C 38 8.87 16.00 8.66
C LEU C 38 8.62 14.49 8.62
N THR C 39 7.78 14.04 7.69
CA THR C 39 7.36 12.64 7.61
C THR C 39 7.03 12.25 6.16
N ALA C 40 7.24 10.97 5.83
CA ALA C 40 6.97 10.51 4.45
C ALA C 40 6.21 9.16 4.36
N PRO C 41 4.98 9.08 4.94
CA PRO C 41 4.31 7.77 4.99
C PRO C 41 3.87 7.26 3.64
N GLY C 42 3.70 8.17 2.68
CA GLY C 42 3.32 7.80 1.32
C GLY C 42 4.52 7.70 0.39
N GLY C 43 5.74 7.72 0.96
CA GLY C 43 6.97 7.62 0.18
C GLY C 43 7.41 8.94 -0.47
N ILE C 44 6.79 10.04 -0.02
CA ILE C 44 7.12 11.39 -0.48
C ILE C 44 7.29 12.32 0.71
N ASP C 45 8.40 13.06 0.76
CA ASP C 45 8.67 13.96 1.88
C ASP C 45 7.58 15.04 2.08
N LEU C 46 7.06 15.10 3.29
CA LEU C 46 6.05 16.09 3.69
C LEU C 46 6.51 16.91 4.88
N ALA C 47 5.99 18.14 4.96
CA ALA C 47 6.28 19.00 6.09
C ALA C 47 4.96 19.51 6.68
N VAL C 48 4.80 19.29 7.99
CA VAL C 48 3.58 19.70 8.69
C VAL C 48 3.95 20.57 9.88
N VAL C 49 3.13 21.60 10.14
CA VAL C 49 3.36 22.50 11.28
C VAL C 49 2.33 22.23 12.34
N LYS C 50 2.78 22.19 13.60
CA LYS C 50 1.87 22.07 14.72
C LYS C 50 2.04 23.29 15.62
N ILE C 51 0.95 23.97 15.91
CA ILE C 51 1.02 25.16 16.76
C ILE C 51 0.30 24.79 18.05
N GLU C 52 1.02 24.84 19.17
CA GLU C 52 0.41 24.65 20.48
C GLU C 52 -0.03 25.96 21.12
N THR C 53 -1.04 25.88 21.98
CA THR C 53 -1.51 27.07 22.69
C THR C 53 -1.43 26.89 24.22
N ASN C 54 -1.75 27.94 24.96
CA ASN C 54 -1.85 27.83 26.43
C ASN C 54 -3.17 27.25 26.96
N GLU C 55 -4.04 26.80 26.05
CA GLU C 55 -5.26 26.10 26.41
C GLU C 55 -4.94 24.62 26.31
N PRO C 56 -5.00 23.87 27.44
CA PRO C 56 -4.56 22.47 27.37
C PRO C 56 -5.36 21.67 26.34
N GLY C 57 -4.66 20.88 25.54
CA GLY C 57 -5.31 20.04 24.54
C GLY C 57 -5.67 20.76 23.23
N LEU C 58 -5.58 22.09 23.20
CA LEU C 58 -5.92 22.87 22.00
C LEU C 58 -4.70 23.15 21.12
N TYR C 59 -4.66 22.54 19.95
CA TYR C 59 -3.60 22.84 19.01
C TYR C 59 -4.12 22.88 17.57
N GLY C 60 -3.30 23.36 16.62
CA GLY C 60 -3.67 23.30 15.21
C GLY C 60 -2.58 22.68 14.34
N LEU C 61 -2.99 22.11 13.20
CA LEU C 61 -2.07 21.60 12.19
C LEU C 61 -2.18 22.33 10.87
N GLY C 62 -1.04 22.52 10.22
CA GLY C 62 -1.02 23.12 8.86
C GLY C 62 -0.05 22.39 7.95
N CYS C 63 -0.26 22.52 6.64
CA CYS C 63 0.67 21.96 5.67
C CYS C 63 1.72 22.98 5.18
N ALA C 64 2.98 22.57 5.16
CA ALA C 64 4.06 23.39 4.62
C ALA C 64 4.82 22.60 3.56
N THR C 65 4.12 21.74 2.83
CA THR C 65 4.83 20.82 1.96
C THR C 65 5.26 21.43 0.62
N PHE C 66 6.53 21.85 0.58
CA PHE C 66 7.30 22.10 -0.65
C PHE C 66 8.36 21.00 -0.58
N THR C 67 8.08 19.88 -1.22
CA THR C 67 8.80 18.63 -0.94
C THR C 67 10.29 18.71 -1.32
N GLN C 68 10.60 19.42 -2.42
CA GLN C 68 11.97 19.54 -2.93
C GLN C 68 12.87 20.39 -2.04
N ARG C 69 12.29 21.17 -1.13
CA ARG C 69 13.09 22.04 -0.27
C ARG C 69 12.67 21.91 1.21
N ILE C 70 12.27 20.72 1.63
CA ILE C 70 11.71 20.54 2.99
C ILE C 70 12.61 21.03 4.11
N PHE C 71 13.93 20.84 3.99
CA PHE C 71 14.84 21.28 5.05
C PHE C 71 14.94 22.78 5.13
N ALA C 72 14.84 23.44 3.98
CA ALA C 72 14.86 24.89 3.99
C ALA C 72 13.53 25.46 4.55
N VAL C 73 12.41 24.81 4.22
CA VAL C 73 11.10 25.15 4.84
C VAL C 73 11.12 24.97 6.38
N LYS C 74 11.69 23.85 6.82
CA LYS C 74 11.91 23.63 8.26
C LYS C 74 12.70 24.76 8.91
N SER C 75 13.78 25.18 8.25
CA SER C 75 14.56 26.31 8.75
C SER C 75 13.73 27.60 8.85
N ALA C 76 12.95 27.91 7.80
CA ALA C 76 12.10 29.09 7.77
C ALA C 76 11.07 29.07 8.89
N ILE C 77 10.54 27.89 9.19
CA ILE C 77 9.56 27.75 10.27
C ILE C 77 10.25 27.87 11.65
N ASP C 78 11.25 27.01 11.89
CA ASP C 78 11.87 26.88 13.23
C ASP C 78 12.68 28.11 13.66
N GLU C 79 13.36 28.73 12.71
CA GLU C 79 14.24 29.86 13.05
C GLU C 79 13.52 31.19 13.01
N TYR C 80 12.43 31.28 12.25
CA TYR C 80 11.81 32.58 11.99
C TYR C 80 10.38 32.65 12.44
N MET C 81 9.53 31.71 12.00
CA MET C 81 8.11 31.74 12.39
C MET C 81 7.90 31.51 13.89
N ALA C 82 8.65 30.58 14.49
CA ALA C 82 8.50 30.32 15.93
C ALA C 82 8.70 31.57 16.85
N PRO C 83 9.85 32.29 16.75
CA PRO C 83 9.96 33.53 17.56
C PRO C 83 9.00 34.66 17.16
N PHE C 84 8.58 34.67 15.90
CA PHE C 84 7.57 35.63 15.45
C PHE C 84 6.22 35.40 16.13
N LEU C 85 5.88 34.14 16.42
CA LEU C 85 4.51 33.84 16.87
C LEU C 85 4.31 33.65 18.37
N VAL C 86 5.33 33.15 19.06
CA VAL C 86 5.13 32.78 20.46
C VAL C 86 4.64 33.98 21.25
N GLY C 87 3.54 33.77 21.97
CA GLY C 87 2.94 34.76 22.85
C GLY C 87 1.77 35.52 22.26
N LYS C 88 1.55 35.34 20.95
CA LYS C 88 0.48 36.07 20.23
C LYS C 88 -0.86 35.36 20.25
N ASP C 89 -1.94 36.12 20.11
CA ASP C 89 -3.30 35.60 20.13
C ASP C 89 -3.57 34.97 18.75
N PRO C 90 -3.78 33.63 18.70
CA PRO C 90 -3.94 32.89 17.42
C PRO C 90 -5.26 33.21 16.71
N THR C 91 -6.19 33.87 17.42
CA THR C 91 -7.50 34.30 16.90
CA THR C 91 -7.48 34.18 16.78
C THR C 91 -7.34 35.26 15.72
N ARG C 92 -6.26 36.04 15.75
CA ARG C 92 -6.08 37.11 14.77
C ARG C 92 -5.36 36.56 13.52
N ILE C 93 -6.06 35.71 12.79
CA ILE C 93 -5.43 35.01 11.65
C ILE C 93 -4.95 35.97 10.57
N GLU C 94 -5.81 36.91 10.19
CA GLU C 94 -5.47 37.84 9.12
C GLU C 94 -4.31 38.77 9.51
N ASP C 95 -4.34 39.31 10.72
CA ASP C 95 -3.24 40.16 11.22
C ASP C 95 -1.92 39.40 11.27
N ILE C 96 -1.95 38.15 11.73
CA ILE C 96 -0.75 37.32 11.77
C ILE C 96 -0.25 37.03 10.35
N TRP C 97 -1.20 36.78 9.44
CA TRP C 97 -0.83 36.55 8.05
C TRP C 97 -0.21 37.80 7.44
N GLN C 98 -0.88 38.95 7.57
CA GLN C 98 -0.42 40.19 6.92
C GLN C 98 0.95 40.65 7.47
N SER C 99 1.13 40.53 8.79
CA SER C 99 2.42 40.88 9.41
C SER C 99 3.48 39.83 9.13
N GLY C 100 3.12 38.56 9.19
CA GLY C 100 4.09 37.48 8.88
C GLY C 100 4.63 37.57 7.47
N VAL C 101 3.74 37.90 6.51
CA VAL C 101 4.13 37.91 5.10
CA VAL C 101 4.11 37.98 5.10
C VAL C 101 5.22 38.96 4.86
N VAL C 102 5.17 40.08 5.60
CA VAL C 102 6.18 41.13 5.41
C VAL C 102 7.31 41.11 6.46
N SER C 103 7.32 40.13 7.36
CA SER C 103 8.24 40.15 8.48
C SER C 103 9.74 40.10 8.06
N GLY C 104 10.02 39.46 6.94
CA GLY C 104 11.37 39.39 6.40
C GLY C 104 11.63 40.41 5.30
N TYR C 105 10.69 41.33 5.10
CA TYR C 105 10.71 42.38 4.04
C TYR C 105 10.50 41.77 2.66
N TRP C 106 11.50 41.04 2.17
CA TRP C 106 11.37 40.27 0.93
C TRP C 106 10.38 39.14 1.17
N ARG C 107 9.66 38.77 0.11
CA ARG C 107 8.48 37.89 0.24
C ARG C 107 8.13 37.32 -1.15
N ASN C 108 6.96 36.67 -1.25
CA ASN C 108 6.43 36.13 -2.53
C ASN C 108 7.29 35.02 -3.12
N GLY C 109 7.66 34.05 -2.29
CA GLY C 109 8.43 32.90 -2.75
C GLY C 109 7.95 31.63 -2.11
N PRO C 110 8.31 30.46 -2.71
CA PRO C 110 7.75 29.20 -2.29
C PRO C 110 8.20 28.77 -0.89
N ILE C 111 9.44 29.05 -0.50
CA ILE C 111 9.89 28.59 0.84
C ILE C 111 9.21 29.43 1.91
N MET C 112 9.25 30.75 1.73
CA MET C 112 8.58 31.74 2.61
C MET C 112 7.10 31.39 2.73
N ASN C 113 6.46 31.15 1.59
CA ASN C 113 5.00 30.94 1.58
C ASN C 113 4.57 29.68 2.33
N ASN C 114 5.33 28.60 2.14
CA ASN C 114 5.02 27.36 2.82
C ASN C 114 5.15 27.49 4.33
N ALA C 115 6.15 28.24 4.81
CA ALA C 115 6.29 28.51 6.24
C ALA C 115 5.03 29.22 6.75
N LEU C 116 4.54 30.22 6.00
CA LEU C 116 3.34 30.97 6.39
C LEU C 116 2.13 30.08 6.32
N SER C 117 2.08 29.20 5.32
CA SER C 117 0.94 28.30 5.17
C SER C 117 0.80 27.33 6.35
N GLY C 118 1.92 26.75 6.76
CA GLY C 118 1.90 25.85 7.93
C GLY C 118 1.26 26.51 9.14
N VAL C 119 1.63 27.76 9.38
CA VAL C 119 1.09 28.57 10.43
C VAL C 119 -0.40 28.90 10.19
N ASP C 120 -0.69 29.44 9.02
CA ASP C 120 -2.04 29.91 8.70
C ASP C 120 -3.09 28.81 8.80
N MET C 121 -2.81 27.65 8.21
CA MET C 121 -3.74 26.52 8.28
C MET C 121 -3.96 26.04 9.72
N ALA C 122 -2.89 26.01 10.50
CA ALA C 122 -2.97 25.63 11.92
C ALA C 122 -3.83 26.61 12.72
N LEU C 123 -3.77 27.89 12.35
CA LEU C 123 -4.64 28.88 12.98
C LEU C 123 -6.10 28.74 12.61
N TRP C 124 -6.39 28.43 11.34
CA TRP C 124 -7.75 28.11 10.95
C TRP C 124 -8.24 26.87 11.66
N ASP C 125 -7.36 25.88 11.77
CA ASP C 125 -7.65 24.64 12.50
C ASP C 125 -8.07 24.98 13.96
N ILE C 126 -7.27 25.77 14.65
CA ILE C 126 -7.56 26.23 16.02
C ILE C 126 -8.89 26.99 16.12
N LYS C 127 -9.15 27.89 15.15
CA LYS C 127 -10.40 28.65 15.20
C LYS C 127 -11.60 27.75 15.06
N GLY C 128 -11.50 26.75 14.19
CA GLY C 128 -12.62 25.83 14.00
C GLY C 128 -12.85 25.02 15.25
N LYS C 129 -11.76 24.61 15.90
CA LYS C 129 -11.85 23.89 17.21
C LYS C 129 -12.55 24.74 18.29
N LEU C 130 -12.15 25.99 18.39
CA LEU C 130 -12.75 26.98 19.30
C LEU C 130 -14.24 27.16 19.02
N ALA C 131 -14.62 27.17 17.74
CA ALA C 131 -16.01 27.37 17.32
C ALA C 131 -16.87 26.12 17.41
N GLY C 132 -16.22 24.97 17.56
CA GLY C 132 -16.89 23.69 17.39
C GLY C 132 -17.43 23.49 15.98
N MET C 133 -16.70 23.96 14.98
CA MET C 133 -17.16 23.95 13.59
C MET C 133 -16.03 23.57 12.66
N PRO C 134 -16.30 22.77 11.61
CA PRO C 134 -15.33 22.59 10.52
C PRO C 134 -15.00 23.91 9.87
N VAL C 135 -13.81 24.01 9.30
CA VAL C 135 -13.41 25.22 8.63
C VAL C 135 -14.39 25.60 7.50
N TYR C 136 -14.88 24.64 6.72
CA TYR C 136 -15.84 24.94 5.65
C TYR C 136 -17.04 25.67 6.20
N ASP C 137 -17.40 25.38 7.47
CA ASP C 137 -18.50 26.10 8.11
C ASP C 137 -18.17 27.53 8.53
N LEU C 138 -16.95 27.77 9.03
CA LEU C 138 -16.50 29.13 9.32
C LEU C 138 -16.55 29.96 8.04
N LEU C 139 -16.21 29.32 6.92
CA LEU C 139 -16.09 30.01 5.62
C LEU C 139 -17.42 30.23 4.89
N GLY C 140 -18.53 29.83 5.46
CA GLY C 140 -19.83 30.06 4.82
C GLY C 140 -20.70 28.84 4.61
N GLY C 141 -20.15 27.65 4.92
CA GLY C 141 -20.91 26.39 4.91
C GLY C 141 -20.85 25.68 3.56
N LYS C 142 -21.38 24.45 3.49
CA LYS C 142 -21.39 23.62 2.26
C LYS C 142 -22.13 24.26 1.08
N CYS C 143 -21.48 24.33 -0.08
CA CYS C 143 -22.11 24.74 -1.33
C CYS C 143 -22.38 23.54 -2.24
N ARG C 144 -22.03 22.34 -1.77
CA ARG C 144 -22.21 21.09 -2.54
C ARG C 144 -22.31 19.91 -1.59
N ASP C 145 -22.76 18.77 -2.13
CA ASP C 145 -23.04 17.59 -1.28
C ASP C 145 -21.89 16.60 -1.24
N GLY C 146 -20.90 16.82 -2.11
CA GLY C 146 -19.67 16.03 -2.11
C GLY C 146 -18.69 16.71 -3.05
N ILE C 147 -17.42 16.29 -3.01
CA ILE C 147 -16.39 16.93 -3.80
C ILE C 147 -15.98 16.01 -4.94
N PRO C 148 -16.35 16.36 -6.18
CA PRO C 148 -15.93 15.50 -7.31
C PRO C 148 -14.43 15.52 -7.51
N LEU C 149 -13.85 14.35 -7.83
CA LEU C 149 -12.41 14.20 -7.92
C LEU C 149 -11.96 13.82 -9.32
N TYR C 150 -10.71 14.17 -9.66
CA TYR C 150 -10.07 13.46 -10.75
C TYR C 150 -8.81 12.80 -10.27
N CYS C 151 -8.47 11.65 -10.85
CA CYS C 151 -7.23 10.99 -10.49
C CYS C 151 -6.38 10.82 -11.75
N HIS C 152 -5.14 10.36 -11.59
CA HIS C 152 -4.21 10.26 -12.70
C HIS C 152 -4.22 8.87 -13.35
N THR C 153 -4.16 8.84 -14.68
CA THR C 153 -3.94 7.61 -15.44
C THR C 153 -2.77 7.84 -16.36
N ASP C 154 -1.98 6.78 -16.55
CA ASP C 154 -0.76 6.91 -17.35
C ASP C 154 -0.51 5.60 -18.09
N GLY C 155 0.57 5.55 -18.86
CA GLY C 155 0.89 4.31 -19.55
C GLY C 155 1.92 4.56 -20.60
N GLY C 156 2.60 3.51 -21.04
CA GLY C 156 3.61 3.65 -22.08
C GLY C 156 3.07 3.72 -23.49
N ASP C 157 1.81 3.30 -23.69
CA ASP C 157 1.13 3.44 -24.98
C ASP C 157 -0.36 3.70 -24.74
N GLU C 158 -1.10 3.98 -25.82
CA GLU C 158 -2.49 4.39 -25.69
C GLU C 158 -3.36 3.30 -25.03
N VAL C 159 -3.05 2.04 -25.29
CA VAL C 159 -3.84 0.94 -24.73
C VAL C 159 -3.68 0.83 -23.23
N GLU C 160 -2.49 1.08 -22.72
CA GLU C 160 -2.26 1.00 -21.29
C GLU C 160 -2.98 2.16 -20.58
N VAL C 161 -2.93 3.34 -21.19
CA VAL C 161 -3.66 4.48 -20.67
C VAL C 161 -5.17 4.14 -20.62
N GLU C 162 -5.70 3.64 -21.74
CA GLU C 162 -7.10 3.16 -21.82
C GLU C 162 -7.44 2.17 -20.71
N ASP C 163 -6.62 1.13 -20.54
CA ASP C 163 -6.83 0.12 -19.48
C ASP C 163 -6.90 0.77 -18.09
N ASN C 164 -5.98 1.69 -17.80
CA ASN C 164 -5.97 2.37 -16.51
C ASN C 164 -7.21 3.23 -16.26
N ILE C 165 -7.66 3.93 -17.30
CA ILE C 165 -8.89 4.71 -17.18
C ILE C 165 -10.11 3.78 -16.94
N ARG C 166 -10.16 2.63 -17.61
CA ARG C 166 -11.28 1.69 -17.31
C ARG C 166 -11.31 1.26 -15.87
N ALA C 167 -10.13 0.98 -15.30
CA ALA C 167 -10.03 0.59 -13.88
C ALA C 167 -10.48 1.72 -12.93
N ARG C 168 -10.14 2.96 -13.29
CA ARG C 168 -10.57 4.08 -12.47
C ARG C 168 -12.06 4.33 -12.62
N MET C 169 -12.58 4.14 -13.83
CA MET C 169 -14.02 4.33 -14.04
C MET C 169 -14.84 3.30 -13.24
N GLU C 170 -14.29 2.10 -13.13
CA GLU C 170 -14.90 1.01 -12.36
C GLU C 170 -15.00 1.40 -10.89
N GLU C 171 -14.00 2.16 -10.41
CA GLU C 171 -13.96 2.65 -9.04
C GLU C 171 -14.89 3.86 -8.80
N GLY C 172 -15.45 4.40 -9.88
CA GLY C 172 -16.40 5.49 -9.76
C GLY C 172 -15.88 6.86 -10.17
N TYR C 173 -14.60 6.93 -10.58
CA TYR C 173 -14.09 8.23 -11.06
C TYR C 173 -14.81 8.66 -12.33
N GLN C 174 -15.26 9.90 -12.33
CA GLN C 174 -15.94 10.48 -13.49
C GLN C 174 -15.08 11.50 -14.25
N TYR C 175 -13.87 11.69 -13.75
CA TYR C 175 -12.90 12.63 -14.31
C TYR C 175 -11.54 12.00 -14.12
N VAL C 176 -10.73 12.04 -15.16
CA VAL C 176 -9.40 11.45 -15.14
C VAL C 176 -8.44 12.32 -15.95
N ARG C 177 -7.21 12.43 -15.48
CA ARG C 177 -6.13 13.00 -16.25
C ARG C 177 -5.47 11.88 -17.04
N CYS C 178 -5.16 12.13 -18.31
CA CYS C 178 -4.63 11.09 -19.22
C CYS C 178 -3.28 11.56 -19.79
N GLN C 179 -2.21 10.87 -19.42
CA GLN C 179 -0.88 11.15 -19.97
C GLN C 179 -0.37 9.84 -20.54
N MET C 180 0.45 9.93 -21.58
CA MET C 180 1.16 8.75 -22.09
C MET C 180 2.64 9.08 -21.91
N GLY C 181 3.30 8.44 -20.95
CA GLY C 181 4.70 8.80 -20.64
C GLY C 181 4.79 10.02 -19.75
N MET C 182 3.82 10.17 -18.84
CA MET C 182 3.77 11.30 -17.89
C MET C 182 3.93 12.69 -18.53
N TYR C 183 4.99 13.43 -18.20
CA TYR C 183 5.26 14.77 -18.79
C TYR C 183 6.27 14.74 -19.94
N GLY C 184 5.88 15.33 -21.06
CA GLY C 184 6.77 15.41 -22.23
C GLY C 184 7.12 14.05 -22.84
N GLY C 185 6.31 13.04 -22.49
CA GLY C 185 6.54 11.67 -22.94
C GLY C 185 7.71 10.95 -22.27
N ALA C 186 8.37 11.60 -21.31
CA ALA C 186 9.63 11.06 -20.75
C ALA C 186 9.43 9.95 -19.71
N GLY C 187 8.22 9.85 -19.14
CA GLY C 187 7.97 9.01 -17.95
C GLY C 187 8.77 9.52 -16.74
N THR C 188 8.96 8.67 -15.73
CA THR C 188 9.90 9.02 -14.65
C THR C 188 10.49 7.78 -14.00
N ASP C 189 11.78 7.83 -13.68
CA ASP C 189 12.42 6.82 -12.81
C ASP C 189 12.71 7.35 -11.41
N ASP C 190 12.30 8.59 -11.17
CA ASP C 190 12.64 9.30 -9.95
C ASP C 190 11.51 9.11 -8.96
N LEU C 191 11.75 8.34 -7.90
CA LEU C 191 10.71 8.08 -6.89
C LEU C 191 10.36 9.33 -6.05
N LYS C 192 11.16 10.38 -6.15
CA LYS C 192 10.86 11.61 -5.38
C LYS C 192 9.61 12.34 -5.93
N LEU C 193 9.26 12.05 -7.18
CA LEU C 193 8.12 12.72 -7.83
C LEU C 193 6.76 12.23 -7.32
N ILE C 194 6.44 10.96 -7.52
CA ILE C 194 5.16 10.42 -7.05
C ILE C 194 5.30 9.07 -6.33
N ALA C 195 6.53 8.72 -5.96
CA ALA C 195 6.83 7.49 -5.20
C ALA C 195 6.66 6.22 -6.02
N THR C 196 6.53 6.36 -7.35
CA THR C 196 6.30 5.22 -8.27
CA THR C 196 6.41 5.20 -8.25
C THR C 196 6.98 5.55 -9.60
N GLN C 197 7.58 4.55 -10.25
CA GLN C 197 8.16 4.77 -11.58
C GLN C 197 7.06 4.70 -12.63
N LEU C 198 7.15 5.55 -13.64
CA LEU C 198 6.23 5.48 -14.79
C LEU C 198 7.02 5.36 -16.08
N ALA C 199 6.58 4.44 -16.93
CA ALA C 199 7.20 4.21 -18.22
C ALA C 199 7.25 5.47 -19.10
N ARG C 200 8.39 5.65 -19.77
CA ARG C 200 8.51 6.54 -20.93
C ARG C 200 7.52 6.10 -22.01
N ALA C 201 7.02 7.03 -22.81
CA ALA C 201 6.18 6.67 -23.96
C ALA C 201 6.96 5.76 -24.91
N LYS C 202 6.38 4.60 -25.20
CA LYS C 202 7.11 3.52 -25.89
C LYS C 202 7.36 3.84 -27.36
N ASN C 203 6.37 4.47 -28.02
CA ASN C 203 6.34 4.55 -29.47
C ASN C 203 6.62 5.94 -30.04
N ILE C 204 6.83 6.89 -29.15
CA ILE C 204 7.25 8.22 -29.55
C ILE C 204 8.69 8.06 -30.02
N GLN C 205 8.95 8.49 -31.25
CA GLN C 205 10.30 8.47 -31.83
C GLN C 205 10.92 9.85 -31.70
N PRO C 206 11.80 10.04 -30.70
CA PRO C 206 12.38 11.34 -30.49
C PRO C 206 13.47 11.61 -31.52
N LYS C 207 13.81 12.88 -31.71
CA LYS C 207 14.95 13.23 -32.54
CA LYS C 207 14.97 13.27 -32.51
C LYS C 207 16.26 12.65 -31.97
N ARG C 208 17.21 12.41 -32.87
CA ARG C 208 18.56 11.99 -32.48
C ARG C 208 19.27 13.15 -31.80
N SER C 209 19.94 12.86 -30.68
CA SER C 209 20.72 13.84 -29.91
C SER C 209 22.11 14.02 -30.55
N PRO C 210 22.87 15.09 -30.16
CA PRO C 210 24.29 15.18 -30.54
C PRO C 210 25.10 13.97 -30.06
N ARG C 211 26.33 13.86 -30.56
CA ARG C 211 27.17 12.69 -30.29
C ARG C 211 27.63 12.44 -28.84
N SER C 212 27.57 13.47 -28.00
CA SER C 212 27.77 13.26 -26.57
C SER C 212 26.63 14.02 -25.90
N LYS C 213 26.15 13.51 -24.78
CA LYS C 213 25.01 14.16 -24.13
C LYS C 213 25.42 14.51 -22.72
N THR C 214 25.07 15.72 -22.29
CA THR C 214 25.16 16.12 -20.92
C THR C 214 24.06 15.40 -20.13
N PRO C 215 24.37 14.91 -18.90
CA PRO C 215 23.33 14.11 -18.20
C PRO C 215 22.03 14.87 -17.95
N GLY C 216 20.91 14.17 -18.15
CA GLY C 216 19.61 14.73 -17.86
C GLY C 216 18.54 13.70 -18.20
N ILE C 217 17.29 14.07 -17.94
CA ILE C 217 16.17 13.26 -18.41
C ILE C 217 15.77 13.82 -19.75
N TYR C 218 16.09 13.09 -20.82
CA TYR C 218 15.87 13.62 -22.16
C TYR C 218 14.41 13.45 -22.60
N PHE C 219 13.90 14.42 -23.33
CA PHE C 219 12.55 14.36 -23.87
C PHE C 219 12.49 15.13 -25.19
N ASP C 220 11.51 14.82 -26.02
CA ASP C 220 11.34 15.55 -27.28
C ASP C 220 10.00 16.25 -27.27
N PRO C 221 10.02 17.58 -27.09
CA PRO C 221 8.78 18.35 -26.97
C PRO C 221 7.88 18.23 -28.19
N ASP C 222 8.46 18.15 -29.39
CA ASP C 222 7.67 18.09 -30.60
C ASP C 222 7.07 16.71 -30.84
N ALA C 223 7.85 15.67 -30.56
CA ALA C 223 7.33 14.30 -30.62
C ALA C 223 6.25 14.10 -29.56
N TYR C 224 6.45 14.71 -28.39
CA TYR C 224 5.40 14.68 -27.35
C TYR C 224 4.13 15.36 -27.88
N ALA C 225 4.28 16.57 -28.43
CA ALA C 225 3.11 17.39 -28.80
C ALA C 225 2.26 16.67 -29.84
N LYS C 226 2.91 16.07 -30.81
CA LYS C 226 2.26 15.31 -31.86
C LYS C 226 1.53 14.07 -31.36
N SER C 227 2.00 13.50 -30.25
CA SER C 227 1.42 12.28 -29.70
C SER C 227 0.11 12.56 -28.95
N VAL C 228 -0.10 13.80 -28.51
CA VAL C 228 -1.26 14.05 -27.60
C VAL C 228 -2.60 13.92 -28.34
N PRO C 229 -2.75 14.59 -29.51
CA PRO C 229 -3.99 14.39 -30.23
C PRO C 229 -4.25 12.95 -30.66
N ARG C 230 -3.20 12.21 -30.99
CA ARG C 230 -3.33 10.77 -31.28
C ARG C 230 -3.83 9.98 -30.07
N LEU C 231 -3.29 10.30 -28.89
CA LEU C 231 -3.76 9.68 -27.66
C LEU C 231 -5.26 9.94 -27.45
N PHE C 232 -5.70 11.19 -27.61
CA PHE C 232 -7.11 11.48 -27.33
C PHE C 232 -8.07 10.97 -28.38
N ASP C 233 -7.61 10.92 -29.62
CA ASP C 233 -8.39 10.30 -30.67
C ASP C 233 -8.71 8.85 -30.33
N HIS C 234 -7.67 8.10 -29.96
CA HIS C 234 -7.83 6.75 -29.44
C HIS C 234 -8.77 6.66 -28.25
N LEU C 235 -8.52 7.47 -27.21
CA LEU C 235 -9.29 7.36 -25.95
C LEU C 235 -10.75 7.71 -26.19
N ARG C 236 -11.02 8.72 -27.01
CA ARG C 236 -12.42 9.07 -27.29
C ARG C 236 -13.16 7.98 -28.09
N ASN C 237 -12.46 7.38 -29.06
CA ASN C 237 -12.98 6.25 -29.82
CA ASN C 237 -13.03 6.27 -29.81
C ASN C 237 -13.35 5.07 -28.89
N LYS C 238 -12.44 4.77 -27.96
CA LYS C 238 -12.62 3.58 -27.10
C LYS C 238 -13.55 3.82 -25.92
N LEU C 239 -13.61 5.05 -25.41
CA LEU C 239 -14.28 5.31 -24.14
C LEU C 239 -15.47 6.25 -24.21
N GLY C 240 -15.63 6.95 -25.33
CA GLY C 240 -16.75 7.89 -25.48
C GLY C 240 -16.52 9.26 -24.83
N PHE C 241 -17.57 10.09 -24.83
CA PHE C 241 -17.50 11.47 -24.38
C PHE C 241 -18.13 11.76 -23.02
N GLY C 242 -18.62 10.74 -22.34
CA GLY C 242 -19.21 10.91 -21.01
C GLY C 242 -18.15 11.15 -19.94
N ILE C 243 -17.08 10.39 -20.03
CA ILE C 243 -15.94 10.51 -19.12
C ILE C 243 -15.21 11.86 -19.37
N GLU C 244 -14.86 12.56 -18.28
CA GLU C 244 -14.17 13.83 -18.41
C GLU C 244 -12.67 13.57 -18.44
N PHE C 245 -11.98 14.26 -19.34
CA PHE C 245 -10.54 14.09 -19.56
C PHE C 245 -9.77 15.37 -19.30
N ILE C 246 -8.63 15.23 -18.61
CA ILE C 246 -7.67 16.30 -18.40
C ILE C 246 -6.35 15.88 -19.02
N HIS C 247 -5.61 16.83 -19.55
CA HIS C 247 -4.23 16.59 -19.97
C HIS C 247 -3.34 17.72 -19.45
N ASP C 248 -2.14 17.37 -18.99
CA ASP C 248 -1.21 18.31 -18.39
C ASP C 248 0.00 18.46 -19.32
N VAL C 249 0.14 19.64 -19.91
CA VAL C 249 1.28 20.00 -20.79
C VAL C 249 2.57 20.19 -19.97
N HIS C 250 2.39 20.63 -18.72
CA HIS C 250 3.45 20.72 -17.71
C HIS C 250 4.62 21.51 -18.25
N GLU C 251 4.27 22.62 -18.89
CA GLU C 251 5.21 23.62 -19.44
C GLU C 251 6.26 23.04 -20.40
N ARG C 252 5.94 21.92 -21.08
CA ARG C 252 6.98 21.18 -21.81
C ARG C 252 7.26 21.60 -23.25
N VAL C 253 6.46 22.54 -23.79
CA VAL C 253 6.58 22.93 -25.21
C VAL C 253 6.64 24.44 -25.38
N THR C 254 7.03 24.90 -26.58
CA THR C 254 7.07 26.34 -26.80
C THR C 254 5.63 26.86 -26.80
N PRO C 255 5.44 28.17 -26.53
CA PRO C 255 4.06 28.63 -26.43
C PRO C 255 3.23 28.44 -27.72
N VAL C 256 3.80 28.70 -28.89
CA VAL C 256 3.02 28.50 -30.12
C VAL C 256 2.65 27.03 -30.35
N THR C 257 3.53 26.14 -29.93
CA THR C 257 3.20 24.71 -29.96
C THR C 257 2.02 24.38 -29.06
N ALA C 258 2.04 24.94 -27.84
CA ALA C 258 0.91 24.76 -26.93
C ALA C 258 -0.40 25.33 -27.48
N ILE C 259 -0.34 26.48 -28.16
CA ILE C 259 -1.49 27.07 -28.78
C ILE C 259 -2.02 26.14 -29.84
N ASN C 260 -1.13 25.66 -30.70
CA ASN C 260 -1.58 24.72 -31.71
C ASN C 260 -2.19 23.46 -31.11
N LEU C 261 -1.60 23.02 -29.99
CA LEU C 261 -2.08 21.82 -29.33
C LEU C 261 -3.51 22.06 -28.83
N ALA C 262 -3.72 23.22 -28.23
CA ALA C 262 -5.04 23.54 -27.65
C ALA C 262 -6.11 23.51 -28.77
N LYS C 263 -5.73 24.01 -29.95
CA LYS C 263 -6.67 24.10 -31.08
C LYS C 263 -7.00 22.69 -31.59
N THR C 264 -5.97 21.84 -31.72
CA THR C 264 -6.20 20.48 -32.24
CA THR C 264 -6.14 20.47 -32.22
C THR C 264 -6.93 19.62 -31.21
N LEU C 265 -6.90 20.01 -29.94
CA LEU C 265 -7.62 19.20 -28.93
C LEU C 265 -9.06 19.63 -28.72
N GLU C 266 -9.50 20.75 -29.32
CA GLU C 266 -10.90 21.22 -29.19
C GLU C 266 -11.94 20.14 -29.45
N GLN C 267 -11.69 19.35 -30.50
CA GLN C 267 -12.58 18.28 -30.90
C GLN C 267 -12.76 17.19 -29.84
N TYR C 268 -11.79 17.03 -28.93
CA TYR C 268 -11.86 15.98 -27.90
C TYR C 268 -12.48 16.43 -26.57
N GLN C 269 -12.83 17.71 -26.52
CA GLN C 269 -13.63 18.29 -25.44
C GLN C 269 -13.10 17.96 -24.03
N LEU C 270 -11.85 18.38 -23.78
CA LEU C 270 -11.22 18.17 -22.47
C LEU C 270 -11.91 19.01 -21.43
N PHE C 271 -11.90 18.53 -20.18
CA PHE C 271 -12.37 19.29 -19.06
C PHE C 271 -11.44 20.50 -18.87
N TYR C 272 -10.14 20.23 -18.92
CA TYR C 272 -9.13 21.28 -19.15
C TYR C 272 -7.82 20.76 -19.67
N LEU C 273 -7.12 21.65 -20.37
CA LEU C 273 -5.72 21.49 -20.74
C LEU C 273 -4.88 22.33 -19.77
N GLU C 274 -3.94 21.70 -19.07
CA GLU C 274 -3.27 22.30 -17.93
C GLU C 274 -1.86 22.76 -18.26
N ASP C 275 -1.47 23.93 -17.72
CA ASP C 275 -0.10 24.46 -17.82
C ASP C 275 0.47 24.45 -19.24
N PRO C 276 -0.28 25.06 -20.19
CA PRO C 276 0.27 25.16 -21.55
C PRO C 276 1.55 26.02 -21.63
N VAL C 277 1.68 26.94 -20.69
CA VAL C 277 2.87 27.78 -20.64
C VAL C 277 3.46 27.79 -19.22
N ALA C 278 4.75 28.13 -19.16
CA ALA C 278 5.45 28.42 -17.91
C ALA C 278 4.91 29.74 -17.31
N PRO C 279 5.03 29.92 -15.98
CA PRO C 279 4.69 31.22 -15.36
C PRO C 279 5.45 32.38 -16.01
N GLU C 280 6.69 32.13 -16.43
CA GLU C 280 7.50 33.14 -17.08
C GLU C 280 6.97 33.51 -18.48
N ASN C 281 6.03 32.73 -19.01
CA ASN C 281 5.48 33.00 -20.35
C ASN C 281 3.97 33.27 -20.32
N ILE C 282 3.44 33.79 -19.21
CA ILE C 282 1.99 33.97 -19.09
C ILE C 282 1.38 34.92 -20.13
N ASP C 283 2.17 35.87 -20.64
CA ASP C 283 1.70 36.76 -21.70
C ASP C 283 1.20 36.01 -22.93
N TRP C 284 1.79 34.84 -23.23
CA TRP C 284 1.37 34.08 -24.38
C TRP C 284 -0.08 33.58 -24.34
N LEU C 285 -0.70 33.56 -23.16
CA LEU C 285 -2.10 33.16 -23.05
C LEU C 285 -3.02 34.16 -23.75
N LYS C 286 -2.58 35.40 -23.92
CA LYS C 286 -3.35 36.38 -24.71
C LYS C 286 -3.58 35.86 -26.12
N MET C 287 -2.51 35.36 -26.76
CA MET C 287 -2.62 34.77 -28.08
C MET C 287 -3.41 33.48 -28.05
N LEU C 288 -3.12 32.60 -27.08
CA LEU C 288 -3.86 31.33 -26.99
C LEU C 288 -5.38 31.59 -26.94
N ARG C 289 -5.80 32.55 -26.12
CA ARG C 289 -7.26 32.73 -25.89
C ARG C 289 -7.97 33.50 -27.02
N GLN C 290 -7.20 34.11 -27.93
CA GLN C 290 -7.77 34.68 -29.15
C GLN C 290 -8.17 33.58 -30.13
N GLN C 291 -7.53 32.41 -30.01
CA GLN C 291 -7.64 31.36 -31.01
C GLN C 291 -8.35 30.08 -30.57
N SER C 292 -8.18 29.67 -29.31
CA SER C 292 -8.69 28.37 -28.87
C SER C 292 -9.78 28.45 -27.84
N SER C 293 -10.72 27.49 -27.91
CA SER C 293 -11.80 27.39 -26.93
C SER C 293 -11.69 26.13 -26.06
N THR C 294 -10.54 25.46 -26.10
CA THR C 294 -10.25 24.36 -25.16
C THR C 294 -10.12 24.99 -23.77
N PRO C 295 -10.78 24.41 -22.75
CA PRO C 295 -10.65 25.04 -21.43
C PRO C 295 -9.21 24.93 -20.92
N ILE C 296 -8.75 25.98 -20.25
CA ILE C 296 -7.34 26.08 -19.86
C ILE C 296 -7.25 26.16 -18.35
N SER C 297 -6.33 25.40 -17.74
CA SER C 297 -5.97 25.65 -16.34
C SER C 297 -4.50 26.02 -16.23
N MET C 298 -4.18 26.84 -15.22
CA MET C 298 -2.80 27.28 -14.94
C MET C 298 -2.63 27.45 -13.43
N GLY C 299 -1.43 27.18 -12.92
CA GLY C 299 -1.01 27.86 -11.72
C GLY C 299 -0.44 27.08 -10.55
N GLU C 300 -0.27 25.75 -10.68
CA GLU C 300 0.41 25.04 -9.59
C GLU C 300 1.76 25.67 -9.21
N LEU C 301 2.45 26.27 -10.18
CA LEU C 301 3.76 26.86 -9.89
C LEU C 301 3.66 28.27 -9.32
N PHE C 302 2.45 28.85 -9.21
CA PHE C 302 2.40 30.29 -8.88
C PHE C 302 2.74 30.58 -7.41
N VAL C 303 3.47 31.67 -7.23
CA VAL C 303 3.85 32.17 -5.91
C VAL C 303 3.61 33.69 -5.75
N ASN C 304 3.08 34.34 -6.79
CA ASN C 304 3.03 35.80 -6.81
C ASN C 304 1.71 36.26 -7.36
N VAL C 305 1.13 37.30 -6.78
CA VAL C 305 -0.10 37.90 -7.31
C VAL C 305 0.05 38.37 -8.77
N ASN C 306 1.26 38.78 -9.15
CA ASN C 306 1.48 39.28 -10.51
C ASN C 306 1.58 38.18 -11.54
N GLU C 307 1.51 36.92 -11.07
CA GLU C 307 1.36 35.81 -11.98
C GLU C 307 -0.12 35.54 -12.26
N TRP C 308 -0.92 35.42 -11.22
CA TRP C 308 -2.30 34.99 -11.44
C TRP C 308 -3.27 36.13 -11.74
N LYS C 309 -3.00 37.33 -11.24
CA LYS C 309 -3.98 38.40 -11.38
CA LYS C 309 -3.95 38.43 -11.38
C LYS C 309 -4.21 38.83 -12.84
N PRO C 310 -3.14 39.04 -13.63
CA PRO C 310 -3.45 39.36 -15.05
C PRO C 310 -4.19 38.24 -15.77
N LEU C 311 -3.92 36.97 -15.43
CA LEU C 311 -4.64 35.89 -16.10
C LEU C 311 -6.13 35.91 -15.78
N ILE C 312 -6.46 36.08 -14.50
CA ILE C 312 -7.85 36.08 -14.05
C ILE C 312 -8.60 37.37 -14.50
N ASP C 313 -7.96 38.51 -14.32
CA ASP C 313 -8.49 39.82 -14.75
CA ASP C 313 -8.50 39.82 -14.76
C ASP C 313 -8.90 39.78 -16.22
N ASN C 314 -8.09 39.09 -17.02
CA ASN C 314 -8.33 39.03 -18.44
C ASN C 314 -9.00 37.75 -18.95
N ARG C 315 -9.47 36.90 -18.02
CA ARG C 315 -10.20 35.65 -18.39
C ARG C 315 -9.37 34.74 -19.31
N LEU C 316 -8.08 34.67 -19.01
CA LEU C 316 -7.13 33.92 -19.86
C LEU C 316 -7.03 32.47 -19.44
N ILE C 317 -7.74 32.12 -18.36
CA ILE C 317 -7.83 30.73 -17.89
C ILE C 317 -9.25 30.49 -17.39
N ASP C 318 -9.62 29.22 -17.29
CA ASP C 318 -10.93 28.79 -16.79
C ASP C 318 -10.86 28.19 -15.40
N TYR C 319 -9.66 27.79 -14.99
CA TYR C 319 -9.44 27.19 -13.68
C TYR C 319 -8.09 27.64 -13.14
N ILE C 320 -8.05 27.96 -11.84
CA ILE C 320 -6.79 28.34 -11.17
C ILE C 320 -6.31 27.15 -10.31
N ARG C 321 -5.04 26.84 -10.43
CA ARG C 321 -4.48 25.58 -9.99
C ARG C 321 -3.50 25.65 -8.81
N CYS C 322 -3.52 26.75 -8.06
CA CYS C 322 -2.45 26.97 -7.10
C CYS C 322 -2.33 25.87 -6.07
N HIS C 323 -1.09 25.64 -5.66
CA HIS C 323 -0.78 24.75 -4.54
C HIS C 323 -0.98 25.66 -3.30
N VAL C 324 -2.04 25.38 -2.55
CA VAL C 324 -2.48 26.25 -1.46
C VAL C 324 -1.35 26.62 -0.50
N SER C 325 -0.52 25.66 -0.12
CA SER C 325 0.53 26.00 0.83
C SER C 325 1.59 26.89 0.19
N THR C 326 1.77 26.75 -1.12
CA THR C 326 2.79 27.49 -1.83
C THR C 326 2.36 28.93 -2.16
N ILE C 327 1.07 29.23 -1.99
CA ILE C 327 0.65 30.64 -2.06
C ILE C 327 0.42 31.23 -0.67
N GLY C 328 0.61 30.42 0.37
CA GLY C 328 0.63 30.90 1.74
C GLY C 328 -0.50 30.50 2.64
N GLY C 329 -1.29 29.52 2.23
CA GLY C 329 -2.32 28.97 3.11
C GLY C 329 -3.72 29.29 2.72
N ILE C 330 -4.63 29.01 3.64
CA ILE C 330 -6.04 29.20 3.41
C ILE C 330 -6.38 30.70 3.27
N THR C 331 -5.73 31.54 4.08
CA THR C 331 -6.00 33.00 4.03
C THR C 331 -5.84 33.59 2.60
N PRO C 332 -4.67 33.40 1.96
CA PRO C 332 -4.60 33.87 0.57
C PRO C 332 -5.40 33.07 -0.46
N ALA C 333 -5.55 31.76 -0.26
CA ALA C 333 -6.37 30.93 -1.15
C ALA C 333 -7.84 31.37 -1.19
N ARG C 334 -8.38 31.74 -0.01
CA ARG C 334 -9.73 32.31 0.07
CA ARG C 334 -9.74 32.34 0.10
C ARG C 334 -9.86 33.50 -0.88
N LYS C 335 -8.88 34.38 -0.84
CA LYS C 335 -8.90 35.61 -1.61
CA LYS C 335 -8.88 35.62 -1.61
C LYS C 335 -8.80 35.33 -3.10
N LEU C 336 -7.95 34.37 -3.47
CA LEU C 336 -7.83 33.94 -4.85
C LEU C 336 -9.14 33.31 -5.35
N ALA C 337 -9.79 32.50 -4.51
CA ALA C 337 -11.03 31.83 -4.86
C ALA C 337 -12.12 32.87 -5.13
N VAL C 338 -12.14 33.91 -4.32
CA VAL C 338 -13.09 35.02 -4.52
C VAL C 338 -12.76 35.84 -5.79
N TYR C 339 -11.50 36.17 -6.01
CA TYR C 339 -11.12 36.96 -7.18
C TYR C 339 -11.51 36.22 -8.47
N SER C 340 -11.30 34.91 -8.44
CA SER C 340 -11.64 34.07 -9.59
CA SER C 340 -11.65 34.03 -9.58
C SER C 340 -13.16 33.98 -9.75
N GLU C 341 -13.86 33.79 -8.65
CA GLU C 341 -15.34 33.74 -8.64
C GLU C 341 -15.97 34.91 -9.39
N LEU C 342 -15.50 36.11 -9.07
CA LEU C 342 -16.10 37.33 -9.59
C LEU C 342 -15.77 37.53 -11.07
N ASN C 343 -14.77 36.78 -11.56
CA ASN C 343 -14.39 36.78 -12.97
C ASN C 343 -14.82 35.52 -13.73
N GLY C 344 -15.65 34.68 -13.09
CA GLY C 344 -16.21 33.46 -13.74
C GLY C 344 -15.19 32.34 -13.89
N VAL C 345 -14.09 32.42 -13.13
CA VAL C 345 -12.99 31.41 -13.15
C VAL C 345 -13.21 30.45 -11.97
N ARG C 346 -12.95 29.15 -12.18
CA ARG C 346 -13.23 28.15 -11.16
C ARG C 346 -11.97 27.63 -10.47
N THR C 347 -12.12 27.02 -9.29
CA THR C 347 -10.91 26.56 -8.60
C THR C 347 -10.56 25.13 -8.95
N ALA C 348 -9.26 24.84 -9.01
CA ALA C 348 -8.78 23.49 -9.20
C ALA C 348 -7.47 23.35 -8.42
N TRP C 349 -7.53 23.36 -7.08
CA TRP C 349 -6.31 23.39 -6.27
C TRP C 349 -5.45 22.16 -6.53
N HIS C 350 -4.17 22.39 -6.53
CA HIS C 350 -3.20 21.35 -6.75
C HIS C 350 -3.39 20.17 -5.75
N GLY C 351 -3.48 18.94 -6.27
CA GLY C 351 -3.69 17.76 -5.44
C GLY C 351 -2.74 16.62 -5.80
N PRO C 352 -1.41 16.86 -5.74
CA PRO C 352 -0.44 15.83 -6.18
C PRO C 352 -0.14 14.84 -5.05
N GLY C 353 0.99 14.12 -5.14
CA GLY C 353 1.44 13.29 -4.01
C GLY C 353 2.18 14.10 -2.95
N ASP C 354 2.80 15.19 -3.39
CA ASP C 354 3.56 16.08 -2.52
C ASP C 354 2.67 17.16 -1.86
N ILE C 355 1.77 16.69 -1.03
CA ILE C 355 0.89 17.51 -0.23
C ILE C 355 0.52 16.60 0.90
N SER C 356 0.50 17.11 2.13
CA SER C 356 0.17 16.24 3.26
C SER C 356 -1.35 16.08 3.32
N PRO C 357 -1.84 15.09 4.10
CA PRO C 357 -3.28 15.00 4.33
C PRO C 357 -3.88 16.26 4.96
N VAL C 358 -3.08 17.04 5.69
CA VAL C 358 -3.55 18.31 6.23
C VAL C 358 -3.87 19.29 5.06
N GLY C 359 -2.98 19.33 4.07
CA GLY C 359 -3.18 20.17 2.89
C GLY C 359 -4.35 19.68 2.05
N VAL C 360 -4.51 18.35 1.96
CA VAL C 360 -5.64 17.74 1.20
C VAL C 360 -6.96 18.18 1.86
N CYS C 361 -6.99 18.15 3.19
CA CYS C 361 -8.13 18.70 3.93
C CYS C 361 -8.32 20.18 3.69
N ALA C 362 -7.24 20.97 3.74
CA ALA C 362 -7.38 22.39 3.48
C ALA C 362 -7.98 22.69 2.09
N ASN C 363 -7.46 22.04 1.03
CA ASN C 363 -8.02 22.16 -0.32
C ASN C 363 -9.52 21.90 -0.27
N MET C 364 -9.90 20.85 0.46
CA MET C 364 -11.29 20.37 0.49
C MET C 364 -12.25 21.22 1.31
N HIS C 365 -11.77 21.82 2.39
CA HIS C 365 -12.59 22.81 3.10
C HIS C 365 -12.83 24.04 2.23
N LEU C 366 -11.81 24.45 1.46
CA LEU C 366 -12.03 25.52 0.46
C LEU C 366 -13.05 25.06 -0.59
N ASP C 367 -12.87 23.83 -1.09
CA ASP C 367 -13.71 23.29 -2.17
C ASP C 367 -15.19 23.29 -1.75
N LEU C 368 -15.46 22.85 -0.53
CA LEU C 368 -16.84 22.67 -0.10
C LEU C 368 -17.54 23.99 0.13
N SER C 369 -16.78 25.05 0.43
CA SER C 369 -17.34 26.36 0.72
C SER C 369 -17.29 27.35 -0.44
N SER C 370 -16.70 26.97 -1.58
CA SER C 370 -16.58 27.93 -2.68
C SER C 370 -17.70 27.75 -3.69
N PRO C 371 -18.44 28.83 -4.04
CA PRO C 371 -19.49 28.72 -5.08
C PRO C 371 -18.86 28.29 -6.42
N ASN C 372 -17.63 28.76 -6.67
CA ASN C 372 -16.94 28.53 -7.93
C ASN C 372 -15.89 27.41 -7.89
N PHE C 373 -16.06 26.45 -6.99
CA PHE C 373 -15.30 25.21 -7.11
C PHE C 373 -15.41 24.61 -8.52
N GLY C 374 -14.28 24.19 -9.07
CA GLY C 374 -14.27 23.48 -10.36
C GLY C 374 -14.10 21.96 -10.22
N ILE C 375 -12.96 21.54 -9.67
CA ILE C 375 -12.64 20.07 -9.54
C ILE C 375 -11.56 19.87 -8.49
N GLN C 376 -11.51 18.70 -7.86
CA GLN C 376 -10.40 18.40 -6.97
C GLN C 376 -9.52 17.26 -7.48
N GLU C 377 -8.33 17.63 -7.97
CA GLU C 377 -7.28 16.64 -8.23
C GLU C 377 -7.00 15.86 -6.94
N TYR C 378 -6.93 14.55 -7.09
CA TYR C 378 -6.73 13.69 -5.93
C TYR C 378 -5.71 12.59 -6.21
N THR C 379 -4.73 12.46 -5.31
CA THR C 379 -3.76 11.37 -5.36
C THR C 379 -4.05 10.40 -4.19
N PRO C 380 -4.55 9.21 -4.52
CA PRO C 380 -5.02 8.29 -3.49
C PRO C 380 -3.91 7.97 -2.50
N MET C 381 -4.32 7.78 -1.26
CA MET C 381 -3.41 7.57 -0.15
C MET C 381 -3.25 6.08 0.16
N ASN C 382 -2.15 5.74 0.84
CA ASN C 382 -1.96 4.37 1.28
C ASN C 382 -2.44 4.27 2.72
N ASP C 383 -2.40 3.06 3.27
CA ASP C 383 -2.83 2.86 4.67
C ASP C 383 -1.93 3.64 5.63
N ALA C 384 -0.63 3.72 5.35
CA ALA C 384 0.28 4.47 6.23
C ALA C 384 -0.13 5.94 6.39
N LEU C 385 -0.52 6.59 5.29
CA LEU C 385 -0.96 7.97 5.39
C LEU C 385 -2.21 8.11 6.27
N ARG C 386 -3.18 7.21 6.09
CA ARG C 386 -4.42 7.25 6.89
C ARG C 386 -4.14 7.02 8.38
N ASP C 387 -3.12 6.21 8.67
CA ASP C 387 -2.75 5.86 10.04
C ASP C 387 -2.02 7.02 10.73
N VAL C 388 -1.08 7.63 10.02
CA VAL C 388 -0.30 8.74 10.57
C VAL C 388 -1.18 9.99 10.69
N PHE C 389 -2.17 10.12 9.81
CA PHE C 389 -3.07 11.28 9.81
C PHE C 389 -4.55 10.90 9.99
N PRO C 390 -4.99 10.64 11.24
CA PRO C 390 -6.40 10.27 11.47
C PRO C 390 -7.32 11.39 11.00
N GLY C 391 -8.34 11.04 10.23
CA GLY C 391 -9.32 12.02 9.77
C GLY C 391 -9.25 12.31 8.29
N CYS C 392 -8.48 11.51 7.55
CA CYS C 392 -8.40 11.69 6.07
C CYS C 392 -9.82 11.60 5.47
N PRO C 393 -10.13 12.46 4.48
CA PRO C 393 -11.47 12.47 3.85
C PRO C 393 -11.85 11.10 3.30
N GLU C 394 -13.12 10.75 3.44
CA GLU C 394 -13.62 9.50 2.93
C GLU C 394 -13.79 9.61 1.40
N ILE C 395 -13.21 8.66 0.68
CA ILE C 395 -13.34 8.62 -0.75
C ILE C 395 -14.34 7.53 -1.13
N ASP C 396 -15.44 7.93 -1.75
CA ASP C 396 -16.52 6.99 -2.09
C ASP C 396 -17.02 7.25 -3.51
N HIS C 397 -16.71 6.30 -4.41
CA HIS C 397 -17.14 6.31 -5.81
CA HIS C 397 -17.16 6.31 -5.80
C HIS C 397 -16.93 7.66 -6.50
N GLY C 398 -15.67 8.11 -6.49
CA GLY C 398 -15.25 9.31 -7.24
C GLY C 398 -15.58 10.64 -6.59
N TYR C 399 -16.14 10.59 -5.37
CA TYR C 399 -16.37 11.80 -4.59
C TYR C 399 -15.64 11.75 -3.28
N ALA C 400 -15.16 12.91 -2.82
CA ALA C 400 -14.65 13.00 -1.43
C ALA C 400 -15.68 13.58 -0.46
N TYR C 401 -15.77 12.95 0.69
CA TYR C 401 -16.67 13.32 1.78
C TYR C 401 -15.87 13.67 3.03
N LEU C 402 -15.75 14.97 3.32
CA LEU C 402 -15.07 15.37 4.55
C LEU C 402 -15.88 14.97 5.77
N ASN C 403 -15.20 14.57 6.86
CA ASN C 403 -15.87 14.38 8.13
C ASN C 403 -16.33 15.75 8.64
N ASP C 404 -17.13 15.76 9.70
CA ASP C 404 -17.69 17.02 10.16
C ASP C 404 -17.10 17.45 11.50
N LYS C 405 -15.91 16.95 11.78
CA LYS C 405 -15.17 17.32 12.97
C LYS C 405 -14.68 18.79 12.92
N PRO C 406 -14.51 19.40 14.10
CA PRO C 406 -14.11 20.82 14.13
C PRO C 406 -12.74 21.10 13.52
N GLY C 407 -12.52 22.34 13.09
CA GLY C 407 -11.26 22.72 12.45
C GLY C 407 -11.10 22.04 11.09
N LEU C 408 -9.89 21.61 10.79
CA LEU C 408 -9.66 20.86 9.56
C LEU C 408 -10.12 19.39 9.63
N GLY C 409 -10.53 18.94 10.81
CA GLY C 409 -11.00 17.55 11.01
C GLY C 409 -9.91 16.50 10.81
N ILE C 410 -8.66 16.92 10.97
CA ILE C 410 -7.51 16.06 10.69
C ILE C 410 -6.55 16.15 11.91
N ASP C 411 -5.73 15.13 12.11
CA ASP C 411 -4.77 15.11 13.23
C ASP C 411 -3.49 14.43 12.75
N ILE C 412 -2.45 14.42 13.57
CA ILE C 412 -1.22 13.72 13.23
C ILE C 412 -0.78 12.96 14.48
N ASP C 413 -0.45 11.69 14.30
CA ASP C 413 0.16 10.93 15.36
C ASP C 413 1.68 11.06 15.21
N GLU C 414 2.28 11.85 16.09
CA GLU C 414 3.72 12.15 15.99
C GLU C 414 4.60 10.93 16.12
N ALA C 415 4.22 9.99 16.98
CA ALA C 415 5.01 8.76 17.13
C ALA C 415 4.98 7.94 15.84
N LYS C 416 3.79 7.80 15.24
CA LYS C 416 3.63 7.05 14.00
C LYS C 416 4.36 7.72 12.82
N ALA C 417 4.35 9.06 12.82
CA ALA C 417 5.03 9.86 11.78
C ALA C 417 6.52 9.58 11.78
N ALA C 418 7.06 9.34 12.98
CA ALA C 418 8.51 9.07 13.15
C ALA C 418 8.97 7.75 12.52
N LYS C 419 8.01 6.88 12.22
CA LYS C 419 8.28 5.62 11.54
C LYS C 419 8.62 5.79 10.06
N TYR C 420 8.31 6.97 9.53
CA TYR C 420 8.52 7.28 8.11
C TYR C 420 9.37 8.54 7.98
N PRO C 421 10.67 8.45 8.30
CA PRO C 421 11.54 9.62 8.19
C PRO C 421 11.71 10.07 6.73
N CYS C 422 11.85 11.37 6.53
CA CYS C 422 12.10 11.90 5.19
C CYS C 422 13.41 11.42 4.62
N GLU C 423 13.42 11.21 3.31
CA GLU C 423 14.60 10.75 2.61
C GLU C 423 15.55 11.95 2.34
N GLY C 424 14.99 13.14 2.19
CA GLY C 424 15.79 14.34 1.87
C GLY C 424 16.47 14.22 0.51
N GLY C 425 17.61 14.88 0.34
CA GLY C 425 18.28 14.84 -0.98
C GLY C 425 17.59 15.68 -2.06
N ILE C 426 17.96 15.46 -3.32
CA ILE C 426 17.50 16.33 -4.40
C ILE C 426 16.89 15.48 -5.50
N PRO C 427 15.89 16.00 -6.22
CA PRO C 427 15.25 15.20 -7.28
C PRO C 427 16.09 15.14 -8.52
N SER C 428 15.85 14.14 -9.36
CA SER C 428 16.52 14.01 -10.66
CA SER C 428 16.54 14.08 -10.64
C SER C 428 15.61 14.42 -11.82
N TRP C 429 14.29 14.31 -11.61
CA TRP C 429 13.33 14.52 -12.73
C TRP C 429 13.35 15.95 -13.26
N THR C 430 13.78 16.89 -12.42
CA THR C 430 13.71 18.31 -12.74
C THR C 430 14.86 18.75 -13.65
N MET C 431 15.77 17.82 -13.97
CA MET C 431 16.84 18.09 -14.94
C MET C 431 16.33 17.57 -16.30
N ALA C 432 15.56 18.38 -17.01
CA ALA C 432 14.95 17.92 -18.24
C ALA C 432 15.66 18.56 -19.42
N ARG C 433 16.09 17.73 -20.36
CA ARG C 433 16.85 18.26 -21.49
C ARG C 433 16.16 17.88 -22.80
N THR C 434 16.14 18.82 -23.75
CA THR C 434 15.59 18.54 -25.07
C THR C 434 16.65 17.79 -25.86
N PRO C 435 16.32 17.34 -27.09
CA PRO C 435 17.26 16.48 -27.82
C PRO C 435 18.68 17.04 -27.98
N ASP C 436 18.83 18.36 -28.13
CA ASP C 436 20.18 18.96 -28.29
C ASP C 436 20.94 19.13 -26.96
N GLY C 437 20.29 18.78 -25.85
CA GLY C 437 20.90 18.93 -24.53
C GLY C 437 20.54 20.19 -23.77
N THR C 438 19.56 20.98 -24.26
CA THR C 438 19.20 22.24 -23.57
C THR C 438 18.44 21.98 -22.26
N ALA C 439 18.89 22.59 -21.16
CA ALA C 439 18.18 22.47 -19.87
C ALA C 439 16.88 23.25 -19.95
N SER C 440 15.77 22.57 -19.68
CA SER C 440 14.43 23.07 -19.98
C SER C 440 13.59 23.13 -18.72
N ARG C 441 12.56 23.95 -18.76
CA ARG C 441 11.60 24.02 -17.67
C ARG C 441 10.84 22.68 -17.58
N PRO C 442 10.84 22.03 -16.39
CA PRO C 442 10.42 20.64 -16.36
C PRO C 442 8.93 20.49 -16.05
N SER D 27 41.62 21.47 -18.67
CA SER D 27 40.45 20.63 -18.86
C SER D 27 40.14 19.75 -17.66
N ASN D 28 38.97 19.13 -17.68
CA ASN D 28 38.55 18.35 -16.58
C ASN D 28 38.33 19.17 -15.32
N LEU D 29 38.01 20.43 -15.48
CA LEU D 29 37.72 21.31 -14.37
C LEU D 29 36.39 20.95 -13.73
N LYS D 30 36.39 20.77 -12.44
CA LYS D 30 35.17 20.36 -11.71
C LYS D 30 35.00 21.11 -10.40
N ILE D 31 33.75 21.38 -10.04
CA ILE D 31 33.41 21.86 -8.69
C ILE D 31 33.62 20.72 -7.69
N THR D 32 34.32 21.03 -6.59
CA THR D 32 34.62 20.01 -5.56
C THR D 32 33.93 20.26 -4.24
N ASN D 33 33.62 21.52 -3.95
CA ASN D 33 33.02 21.90 -2.66
C ASN D 33 32.21 23.19 -2.78
N VAL D 34 31.05 23.22 -2.15
CA VAL D 34 30.26 24.44 -2.08
C VAL D 34 29.93 24.69 -0.63
N LYS D 35 30.32 25.85 -0.11
CA LYS D 35 29.96 26.15 1.26
C LYS D 35 29.48 27.58 1.49
N THR D 36 28.75 27.74 2.59
CA THR D 36 28.18 29.00 3.01
C THR D 36 29.00 29.57 4.16
N ILE D 37 29.36 30.83 4.04
CA ILE D 37 30.04 31.56 5.11
C ILE D 37 29.08 32.61 5.65
N LEU D 38 28.74 32.52 6.93
CA LEU D 38 27.89 33.52 7.54
C LEU D 38 28.76 34.40 8.43
N THR D 39 28.72 35.71 8.18
CA THR D 39 29.55 36.66 8.91
C THR D 39 28.88 38.02 8.99
N ALA D 40 29.19 38.78 10.05
CA ALA D 40 28.59 40.11 10.24
C ALA D 40 29.61 41.19 10.61
N PRO D 41 30.65 41.41 9.76
CA PRO D 41 31.69 42.37 10.17
C PRO D 41 31.23 43.83 10.27
N GLY D 42 30.19 44.19 9.52
CA GLY D 42 29.60 45.53 9.57
C GLY D 42 28.34 45.60 10.43
N GLY D 43 28.15 44.59 11.26
CA GLY D 43 27.07 44.57 12.25
C GLY D 43 25.75 44.15 11.63
N ILE D 44 25.84 43.50 10.46
CA ILE D 44 24.67 43.09 9.66
C ILE D 44 24.97 41.70 9.11
N ASP D 45 24.07 40.76 9.38
CA ASP D 45 24.24 39.38 8.91
C ASP D 45 24.36 39.25 7.38
N LEU D 46 25.50 38.71 6.95
CA LEU D 46 25.82 38.43 5.53
C LEU D 46 25.94 36.94 5.25
N ALA D 47 25.61 36.54 4.03
CA ALA D 47 25.87 35.18 3.60
C ALA D 47 26.69 35.20 2.32
N VAL D 48 27.81 34.47 2.34
CA VAL D 48 28.68 34.38 1.17
C VAL D 48 28.84 32.90 0.81
N VAL D 49 28.84 32.63 -0.49
CA VAL D 49 29.11 31.28 -0.97
C VAL D 49 30.55 31.21 -1.49
N LYS D 50 31.26 30.14 -1.11
CA LYS D 50 32.57 29.85 -1.69
C LYS D 50 32.51 28.54 -2.45
N ILE D 51 32.90 28.57 -3.72
CA ILE D 51 32.97 27.37 -4.54
C ILE D 51 34.40 26.99 -4.81
N GLU D 52 34.80 25.80 -4.37
CA GLU D 52 36.14 25.27 -4.64
C GLU D 52 36.12 24.36 -5.85
N THR D 53 37.28 24.22 -6.49
CA THR D 53 37.41 23.39 -7.69
C THR D 53 38.57 22.42 -7.54
N ASN D 54 38.73 21.54 -8.52
CA ASN D 54 39.87 20.60 -8.51
C ASN D 54 41.18 21.22 -9.08
N GLU D 55 41.16 22.50 -9.42
CA GLU D 55 42.38 23.25 -9.74
C GLU D 55 42.88 23.91 -8.43
N PRO D 56 44.06 23.46 -7.94
CA PRO D 56 44.57 23.99 -6.67
C PRO D 56 44.66 25.53 -6.65
N GLY D 57 44.14 26.14 -5.59
CA GLY D 57 44.12 27.60 -5.49
C GLY D 57 42.98 28.33 -6.19
N LEU D 58 42.22 27.63 -7.03
CA LEU D 58 41.15 28.27 -7.84
C LEU D 58 39.77 28.12 -7.21
N TYR D 59 39.20 29.24 -6.76
CA TYR D 59 37.88 29.21 -6.16
C TYR D 59 37.15 30.46 -6.52
N GLY D 60 35.84 30.46 -6.26
CA GLY D 60 35.05 31.65 -6.48
C GLY D 60 34.20 32.02 -5.28
N LEU D 61 33.84 33.30 -5.21
CA LEU D 61 32.96 33.79 -4.15
C LEU D 61 31.73 34.46 -4.72
N GLY D 62 30.60 34.26 -4.04
CA GLY D 62 29.35 34.91 -4.41
C GLY D 62 28.58 35.41 -3.22
N CYS D 63 27.68 36.37 -3.44
CA CYS D 63 26.82 36.86 -2.37
C CYS D 63 25.43 36.20 -2.39
N ALA D 64 24.99 35.76 -1.22
CA ALA D 64 23.68 35.19 -1.04
C ALA D 64 22.96 35.95 0.09
N THR D 65 23.22 37.25 0.21
CA THR D 65 22.72 37.97 1.38
C THR D 65 21.24 38.41 1.29
N PHE D 66 20.40 37.60 1.95
CA PHE D 66 19.01 37.92 2.31
C PHE D 66 19.07 37.86 3.83
N THR D 67 19.36 39.02 4.42
CA THR D 67 19.79 39.12 5.82
C THR D 67 18.72 38.59 6.80
N GLN D 68 17.46 38.88 6.52
CA GLN D 68 16.36 38.49 7.44
C GLN D 68 16.13 36.98 7.43
N ARG D 69 16.66 36.28 6.44
CA ARG D 69 16.45 34.84 6.34
C ARG D 69 17.75 34.04 6.18
N ILE D 70 18.85 34.54 6.73
CA ILE D 70 20.17 33.94 6.46
C ILE D 70 20.25 32.43 6.72
N PHE D 71 19.58 31.95 7.76
CA PHE D 71 19.68 30.53 8.10
C PHE D 71 18.96 29.64 7.13
N ALA D 72 17.85 30.14 6.57
CA ALA D 72 17.14 29.39 5.51
C ALA D 72 17.93 29.41 4.20
N VAL D 73 18.60 30.53 3.94
CA VAL D 73 19.50 30.61 2.76
C VAL D 73 20.65 29.61 2.90
N LYS D 74 21.24 29.54 4.10
CA LYS D 74 22.31 28.57 4.35
CA LYS D 74 22.29 28.56 4.40
C LYS D 74 21.81 27.15 4.09
N SER D 75 20.60 26.83 4.54
CA SER D 75 20.02 25.51 4.26
C SER D 75 19.81 25.25 2.79
N ALA D 76 19.24 26.24 2.10
CA ALA D 76 19.08 26.15 0.66
C ALA D 76 20.43 25.92 -0.04
N ILE D 77 21.50 26.55 0.44
CA ILE D 77 22.80 26.35 -0.22
C ILE D 77 23.37 24.97 0.15
N ASP D 78 23.49 24.73 1.45
CA ASP D 78 24.18 23.55 1.94
C ASP D 78 23.48 22.23 1.63
N GLU D 79 22.16 22.22 1.77
CA GLU D 79 21.40 21.00 1.57
C GLU D 79 20.99 20.73 0.13
N TYR D 80 20.92 21.79 -0.69
CA TYR D 80 20.42 21.63 -2.05
C TYR D 80 21.41 21.99 -3.16
N MET D 81 22.04 23.16 -3.10
CA MET D 81 22.94 23.59 -4.15
CA MET D 81 22.94 23.59 -4.15
C MET D 81 24.22 22.75 -4.16
N ALA D 82 24.77 22.47 -2.97
CA ALA D 82 26.01 21.70 -2.86
C ALA D 82 25.92 20.32 -3.56
N PRO D 83 24.91 19.49 -3.25
CA PRO D 83 24.85 18.21 -3.99
C PRO D 83 24.46 18.37 -5.47
N PHE D 84 23.77 19.45 -5.81
CA PHE D 84 23.44 19.71 -7.22
C PHE D 84 24.69 20.00 -8.04
N LEU D 85 25.72 20.55 -7.41
CA LEU D 85 26.85 21.15 -8.15
C LEU D 85 28.15 20.35 -8.17
N VAL D 86 28.42 19.59 -7.12
CA VAL D 86 29.72 18.94 -7.01
C VAL D 86 29.90 17.94 -8.13
N GLY D 87 31.03 18.06 -8.81
CA GLY D 87 31.35 17.19 -9.95
C GLY D 87 31.14 17.87 -11.30
N LYS D 88 30.43 19.01 -11.30
CA LYS D 88 30.07 19.69 -12.56
C LYS D 88 31.14 20.67 -13.01
N ASP D 89 31.14 20.98 -14.30
CA ASP D 89 32.09 21.90 -14.94
C ASP D 89 31.60 23.34 -14.68
N PRO D 90 32.38 24.13 -13.90
CA PRO D 90 31.96 25.47 -13.50
C PRO D 90 31.94 26.52 -14.64
N THR D 91 32.53 26.16 -15.79
CA THR D 91 32.57 27.03 -16.96
CA THR D 91 32.56 27.10 -16.90
C THR D 91 31.18 27.26 -17.57
N ARG D 92 30.28 26.30 -17.38
CA ARG D 92 28.94 26.37 -17.97
C ARG D 92 28.00 27.13 -17.02
N ILE D 93 28.23 28.43 -16.91
CA ILE D 93 27.50 29.26 -15.96
C ILE D 93 25.99 29.30 -16.29
N GLU D 94 25.71 29.56 -17.55
CA GLU D 94 24.33 29.69 -17.99
C GLU D 94 23.59 28.38 -17.83
N ASP D 95 24.24 27.26 -18.20
CA ASP D 95 23.59 25.95 -18.04
C ASP D 95 23.30 25.63 -16.57
N ILE D 96 24.26 25.92 -15.70
CA ILE D 96 24.12 25.72 -14.27
C ILE D 96 22.99 26.60 -13.70
N TRP D 97 22.90 27.85 -14.18
CA TRP D 97 21.83 28.73 -13.73
C TRP D 97 20.46 28.24 -14.22
N GLN D 98 20.33 27.90 -15.50
CA GLN D 98 19.03 27.47 -16.07
C GLN D 98 18.58 26.16 -15.44
N SER D 99 19.51 25.22 -15.23
CA SER D 99 19.12 23.98 -14.57
C SER D 99 18.91 24.15 -13.06
N GLY D 100 19.72 24.98 -12.42
CA GLY D 100 19.59 25.22 -11.00
C GLY D 100 18.31 25.92 -10.62
N VAL D 101 17.88 26.87 -11.46
CA VAL D 101 16.69 27.64 -11.16
CA VAL D 101 16.67 27.63 -11.20
C VAL D 101 15.43 26.75 -11.12
N VAL D 102 15.41 25.68 -11.93
CA VAL D 102 14.23 24.82 -11.97
C VAL D 102 14.44 23.51 -11.18
N SER D 103 15.57 23.37 -10.51
CA SER D 103 15.91 22.11 -9.85
C SER D 103 14.91 21.64 -8.76
N GLY D 104 14.27 22.61 -8.12
CA GLY D 104 13.28 22.35 -7.07
C GLY D 104 11.87 22.47 -7.58
N TYR D 105 11.73 22.60 -8.91
CA TYR D 105 10.46 22.87 -9.66
C TYR D 105 9.89 24.27 -9.38
N TRP D 106 9.31 24.47 -8.19
CA TRP D 106 8.94 25.79 -7.69
C TRP D 106 10.20 26.65 -7.57
N ARG D 107 9.99 27.95 -7.74
CA ARG D 107 11.08 28.89 -8.02
C ARG D 107 10.54 30.29 -7.86
N ASN D 108 11.34 31.30 -8.25
CA ASN D 108 10.97 32.73 -8.18
C ASN D 108 10.72 33.23 -6.78
N GLY D 109 11.62 32.93 -5.87
CA GLY D 109 11.46 33.46 -4.53
C GLY D 109 12.76 33.96 -3.98
N PRO D 110 12.71 34.74 -2.89
CA PRO D 110 13.98 35.35 -2.41
C PRO D 110 15.01 34.36 -1.81
N ILE D 111 14.56 33.31 -1.14
CA ILE D 111 15.51 32.37 -0.55
C ILE D 111 16.18 31.54 -1.65
N MET D 112 15.37 30.99 -2.56
CA MET D 112 15.87 30.23 -3.73
C MET D 112 16.85 31.08 -4.57
N ASN D 113 16.47 32.32 -4.86
CA ASN D 113 17.27 33.19 -5.73
C ASN D 113 18.61 33.55 -5.11
N ASN D 114 18.62 33.77 -3.81
CA ASN D 114 19.87 34.06 -3.12
C ASN D 114 20.82 32.88 -3.10
N ALA D 115 20.31 31.67 -2.89
CA ALA D 115 21.15 30.46 -3.03
C ALA D 115 21.79 30.35 -4.44
N LEU D 116 20.99 30.63 -5.47
CA LEU D 116 21.43 30.60 -6.84
C LEU D 116 22.45 31.67 -7.13
N SER D 117 22.26 32.84 -6.53
CA SER D 117 23.16 33.97 -6.72
C SER D 117 24.54 33.68 -6.16
N GLY D 118 24.58 33.12 -4.95
CA GLY D 118 25.87 32.82 -4.31
C GLY D 118 26.70 31.94 -5.23
N VAL D 119 26.03 30.96 -5.84
CA VAL D 119 26.64 30.07 -6.82
C VAL D 119 27.01 30.81 -8.10
N ASP D 120 26.05 31.54 -8.68
CA ASP D 120 26.27 32.22 -9.94
C ASP D 120 27.46 33.21 -9.92
N MET D 121 27.49 34.05 -8.89
CA MET D 121 28.53 35.04 -8.73
C MET D 121 29.89 34.36 -8.53
N ALA D 122 29.93 33.27 -7.75
CA ALA D 122 31.15 32.47 -7.62
C ALA D 122 31.65 31.91 -8.96
N LEU D 123 30.73 31.50 -9.83
CA LEU D 123 31.12 30.97 -11.13
C LEU D 123 31.65 32.05 -12.04
N TRP D 124 31.04 33.25 -11.98
CA TRP D 124 31.59 34.38 -12.74
C TRP D 124 32.97 34.76 -12.23
N ASP D 125 33.15 34.76 -10.91
CA ASP D 125 34.45 34.98 -10.27
C ASP D 125 35.49 33.99 -10.82
N ILE D 126 35.15 32.69 -10.80
CA ILE D 126 36.04 31.64 -11.32
C ILE D 126 36.35 31.89 -12.79
N LYS D 127 35.32 32.20 -13.60
CA LYS D 127 35.54 32.48 -15.05
C LYS D 127 36.55 33.61 -15.24
N GLY D 128 36.39 34.70 -14.49
CA GLY D 128 37.36 35.80 -14.58
C GLY D 128 38.78 35.42 -14.18
N LYS D 129 38.89 34.62 -13.12
CA LYS D 129 40.21 34.13 -12.70
C LYS D 129 40.85 33.24 -13.75
N LEU D 130 40.06 32.39 -14.38
CA LEU D 130 40.55 31.57 -15.49
C LEU D 130 41.03 32.41 -16.69
N ALA D 131 40.29 33.49 -16.97
CA ALA D 131 40.55 34.35 -18.13
C ALA D 131 41.64 35.36 -17.85
N GLY D 132 41.97 35.54 -16.57
CA GLY D 132 42.88 36.60 -16.15
C GLY D 132 42.26 37.97 -16.39
N MET D 133 40.94 38.09 -16.22
CA MET D 133 40.24 39.35 -16.50
C MET D 133 39.18 39.65 -15.44
N PRO D 134 38.99 40.94 -15.10
CA PRO D 134 37.86 41.29 -14.23
C PRO D 134 36.55 40.89 -14.91
N VAL D 135 35.53 40.61 -14.11
CA VAL D 135 34.19 40.31 -14.66
C VAL D 135 33.66 41.41 -15.62
N TYR D 136 33.90 42.70 -15.32
CA TYR D 136 33.45 43.76 -16.24
C TYR D 136 34.05 43.63 -17.64
N ASP D 137 35.25 43.07 -17.72
CA ASP D 137 35.91 42.84 -19.00
C ASP D 137 35.34 41.65 -19.74
N LEU D 138 34.99 40.58 -19.02
CA LEU D 138 34.26 39.45 -19.64
C LEU D 138 32.94 39.95 -20.23
N LEU D 139 32.31 40.91 -19.55
CA LEU D 139 30.97 41.38 -19.91
C LEU D 139 30.95 42.40 -21.05
N GLY D 140 32.12 42.82 -21.50
CA GLY D 140 32.24 43.75 -22.62
C GLY D 140 33.12 44.97 -22.39
N GLY D 141 33.74 45.08 -21.21
CA GLY D 141 34.67 46.18 -20.93
C GLY D 141 34.01 47.39 -20.29
N LYS D 142 34.83 48.37 -19.91
CA LYS D 142 34.38 49.57 -19.23
C LYS D 142 33.59 50.49 -20.16
N CYS D 143 32.46 50.99 -19.67
CA CYS D 143 31.61 51.93 -20.42
C CYS D 143 31.72 53.29 -19.81
N ARG D 144 32.52 53.42 -18.75
CA ARG D 144 32.68 54.68 -18.03
C ARG D 144 34.01 54.65 -17.25
N ASP D 145 34.42 55.80 -16.75
CA ASP D 145 35.74 55.92 -16.11
C ASP D 145 35.71 55.81 -14.59
N GLY D 146 34.51 55.70 -14.06
CA GLY D 146 34.31 55.52 -12.61
C GLY D 146 32.83 55.38 -12.41
N ILE D 147 32.43 54.95 -11.22
CA ILE D 147 31.02 54.66 -10.93
C ILE D 147 30.48 55.71 -9.96
N PRO D 148 29.57 56.60 -10.43
CA PRO D 148 29.04 57.59 -9.50
C PRO D 148 28.15 56.96 -8.43
N LEU D 149 28.26 57.47 -7.22
CA LEU D 149 27.58 56.92 -6.05
C LEU D 149 26.56 57.89 -5.47
N TYR D 150 25.53 57.34 -4.81
CA TYR D 150 24.78 58.11 -3.86
C TYR D 150 24.81 57.46 -2.50
N CYS D 151 24.73 58.30 -1.48
CA CYS D 151 24.68 57.78 -0.13
C CYS D 151 23.46 58.33 0.59
N HIS D 152 23.25 57.85 1.81
CA HIS D 152 22.07 58.19 2.57
C HIS D 152 22.33 59.35 3.50
N THR D 153 21.37 60.26 3.57
CA THR D 153 21.39 61.32 4.56
C THR D 153 20.05 61.27 5.23
N ASP D 154 20.02 61.51 6.53
CA ASP D 154 18.79 61.44 7.33
C ASP D 154 18.85 62.50 8.42
N GLY D 155 17.79 62.57 9.22
CA GLY D 155 17.74 63.57 10.29
C GLY D 155 16.36 63.65 10.86
N GLY D 156 16.24 64.23 12.05
CA GLY D 156 14.93 64.36 12.72
C GLY D 156 14.17 65.60 12.26
N ASP D 157 14.90 66.56 11.68
CA ASP D 157 14.25 67.72 11.05
C ASP D 157 15.03 68.15 9.79
N GLU D 158 14.49 69.13 9.07
CA GLU D 158 15.03 69.60 7.77
C GLU D 158 16.46 70.08 7.87
N VAL D 159 16.78 70.70 9.01
CA VAL D 159 18.10 71.26 9.26
C VAL D 159 19.14 70.16 9.49
N GLU D 160 18.76 69.14 10.25
CA GLU D 160 19.67 68.04 10.46
C GLU D 160 19.95 67.30 9.13
N VAL D 161 18.91 67.13 8.30
CA VAL D 161 19.09 66.53 6.97
C VAL D 161 20.08 67.36 6.10
N GLU D 162 19.79 68.67 6.00
CA GLU D 162 20.65 69.62 5.29
C GLU D 162 22.11 69.55 5.76
N ASP D 163 22.31 69.53 7.09
CA ASP D 163 23.66 69.41 7.69
C ASP D 163 24.37 68.15 7.22
N ASN D 164 23.66 67.02 7.23
CA ASN D 164 24.22 65.76 6.74
C ASN D 164 24.57 65.74 5.26
N ILE D 165 23.71 66.32 4.44
CA ILE D 165 24.00 66.49 3.00
C ILE D 165 25.26 67.31 2.83
N ARG D 166 25.39 68.40 3.60
CA ARG D 166 26.61 69.24 3.46
C ARG D 166 27.89 68.45 3.75
N ALA D 167 27.85 67.61 4.78
CA ALA D 167 28.97 66.74 5.14
C ALA D 167 29.30 65.76 4.03
N ARG D 168 28.28 65.21 3.39
CA ARG D 168 28.51 64.27 2.29
C ARG D 168 29.00 64.98 1.06
N MET D 169 28.48 66.17 0.80
CA MET D 169 29.00 66.97 -0.33
C MET D 169 30.48 67.32 -0.18
N GLU D 170 30.89 67.61 1.06
CA GLU D 170 32.29 67.89 1.39
C GLU D 170 33.18 66.68 1.09
N GLU D 171 32.63 65.48 1.24
CA GLU D 171 33.34 64.24 0.89
C GLU D 171 33.33 63.94 -0.62
N GLY D 172 32.59 64.72 -1.40
CA GLY D 172 32.61 64.51 -2.85
C GLY D 172 31.37 63.88 -3.45
N TYR D 173 30.39 63.50 -2.62
CA TYR D 173 29.13 62.98 -3.14
C TYR D 173 28.36 64.05 -3.92
N GLN D 174 27.90 63.67 -5.12
CA GLN D 174 27.18 64.57 -6.02
C GLN D 174 25.71 64.14 -6.13
N TYR D 175 25.36 63.08 -5.40
CA TYR D 175 24.00 62.47 -5.36
C TYR D 175 23.74 61.98 -3.94
N VAL D 176 22.58 62.32 -3.37
CA VAL D 176 22.26 61.90 -2.01
C VAL D 176 20.80 61.54 -1.89
N ARG D 177 20.50 60.51 -1.11
CA ARG D 177 19.12 60.22 -0.73
C ARG D 177 18.79 61.04 0.52
N CYS D 178 17.61 61.63 0.55
CA CYS D 178 17.22 62.57 1.61
C CYS D 178 15.95 62.04 2.26
N GLN D 179 16.02 61.61 3.53
CA GLN D 179 14.83 61.21 4.30
C GLN D 179 14.79 61.99 5.60
N MET D 180 13.59 62.21 6.11
CA MET D 180 13.47 62.84 7.41
C MET D 180 12.66 61.88 8.25
N GLY D 181 13.35 61.17 9.14
CA GLY D 181 12.72 60.09 9.92
C GLY D 181 12.72 58.79 9.15
N MET D 182 13.77 58.57 8.35
CA MET D 182 13.92 57.36 7.49
C MET D 182 12.70 57.01 6.59
N TYR D 183 12.02 55.88 6.86
CA TYR D 183 10.84 55.50 6.06
C TYR D 183 9.52 55.75 6.77
N GLY D 184 8.60 56.46 6.11
CA GLY D 184 7.31 56.81 6.76
C GLY D 184 7.41 57.81 7.92
N GLY D 185 8.59 58.39 8.11
CA GLY D 185 8.81 59.35 9.19
C GLY D 185 9.06 58.67 10.53
N ALA D 186 9.07 57.34 10.54
CA ALA D 186 9.15 56.57 11.81
C ALA D 186 10.54 56.45 12.44
N GLY D 187 11.58 56.66 11.63
CA GLY D 187 12.96 56.40 12.06
C GLY D 187 13.14 54.92 12.28
N THR D 188 14.20 54.54 13.01
CA THR D 188 14.39 53.14 13.43
C THR D 188 15.26 53.03 14.68
N ASP D 189 14.88 52.09 15.56
CA ASP D 189 15.71 51.70 16.69
C ASP D 189 16.34 50.32 16.46
N ASP D 190 15.91 49.67 15.38
CA ASP D 190 16.27 48.30 15.06
C ASP D 190 17.63 48.25 14.34
N LEU D 191 18.67 47.83 15.07
CA LEU D 191 20.05 47.75 14.55
C LEU D 191 20.24 46.70 13.44
N LYS D 192 19.25 45.83 13.26
CA LYS D 192 19.30 44.81 12.19
CA LYS D 192 19.31 44.82 12.20
C LYS D 192 19.18 45.43 10.81
N LEU D 193 18.55 46.62 10.74
CA LEU D 193 18.30 47.30 9.46
C LEU D 193 19.56 47.90 8.80
N ILE D 194 20.24 48.80 9.49
CA ILE D 194 21.44 49.42 8.93
C ILE D 194 22.61 49.52 9.92
N ALA D 195 22.47 48.91 11.10
CA ALA D 195 23.49 48.99 12.17
C ALA D 195 23.66 50.42 12.73
N THR D 196 22.56 51.18 12.71
CA THR D 196 22.50 52.52 13.32
C THR D 196 21.08 52.88 13.70
N GLN D 197 20.91 53.55 14.83
CA GLN D 197 19.63 54.14 15.23
CA GLN D 197 19.62 54.10 15.19
C GLN D 197 19.43 55.48 14.51
N LEU D 198 18.27 55.66 13.89
CA LEU D 198 17.91 56.92 13.23
C LEU D 198 16.68 57.54 13.89
N ALA D 199 16.77 58.83 14.22
CA ALA D 199 15.63 59.56 14.82
C ALA D 199 14.36 59.54 13.96
N ARG D 200 13.24 59.27 14.63
CA ARG D 200 11.90 59.54 14.11
C ARG D 200 11.82 61.05 13.75
N ALA D 201 10.96 61.41 12.81
CA ALA D 201 10.80 62.81 12.45
C ALA D 201 10.20 63.55 13.66
N LYS D 202 10.89 64.59 14.12
CA LYS D 202 10.52 65.32 15.35
C LYS D 202 9.18 66.07 15.28
N ASN D 203 8.94 66.75 14.15
CA ASN D 203 7.85 67.73 14.02
C ASN D 203 6.58 67.22 13.33
N ILE D 204 6.71 66.05 12.72
CA ILE D 204 5.58 65.33 12.15
C ILE D 204 4.63 64.94 13.30
N GLN D 205 3.37 65.40 13.19
CA GLN D 205 2.31 65.17 14.19
C GLN D 205 1.35 64.06 13.74
N PRO D 206 1.55 62.83 14.24
CA PRO D 206 0.67 61.77 13.78
C PRO D 206 -0.76 61.89 14.33
N LYS D 207 -1.68 61.23 13.63
CA LYS D 207 -3.03 61.04 14.14
CA LYS D 207 -3.03 61.01 14.13
C LYS D 207 -2.99 60.28 15.46
N ARG D 208 -4.01 60.51 16.28
CA ARG D 208 -4.23 59.80 17.54
CA ARG D 208 -4.18 59.78 17.53
C ARG D 208 -4.64 58.36 17.20
N SER D 209 -4.05 57.38 17.89
CA SER D 209 -4.37 55.96 17.79
C SER D 209 -5.61 55.62 18.67
N PRO D 210 -6.23 54.42 18.48
CA PRO D 210 -7.22 53.93 19.43
C PRO D 210 -6.64 53.77 20.83
N ARG D 211 -7.52 53.50 21.79
CA ARG D 211 -7.18 53.57 23.22
C ARG D 211 -6.30 52.43 23.71
N SER D 212 -6.17 51.38 22.90
CA SER D 212 -5.11 50.39 23.14
C SER D 212 -4.44 50.10 21.80
N LYS D 213 -3.16 49.76 21.83
CA LYS D 213 -2.42 49.55 20.60
C LYS D 213 -1.81 48.17 20.63
N THR D 214 -1.98 47.44 19.53
CA THR D 214 -1.18 46.23 19.26
C THR D 214 0.28 46.62 19.02
N PRO D 215 1.23 45.84 19.58
CA PRO D 215 2.65 46.18 19.39
C PRO D 215 3.06 46.31 17.91
N GLY D 216 3.84 47.34 17.63
CA GLY D 216 4.48 47.53 16.32
C GLY D 216 5.21 48.86 16.29
N ILE D 217 5.81 49.18 15.14
CA ILE D 217 6.42 50.49 14.97
C ILE D 217 5.40 51.34 14.24
N TYR D 218 4.88 52.32 14.96
CA TYR D 218 3.79 53.13 14.44
C TYR D 218 4.31 54.24 13.54
N PHE D 219 3.57 54.50 12.46
CA PHE D 219 3.88 55.58 11.54
C PHE D 219 2.57 56.20 11.05
N ASP D 220 2.63 57.39 10.46
CA ASP D 220 1.39 57.98 9.94
C ASP D 220 1.69 58.29 8.48
N PRO D 221 1.08 57.55 7.53
CA PRO D 221 1.46 57.77 6.12
C PRO D 221 1.10 59.16 5.60
N ASP D 222 -0.01 59.71 6.09
CA ASP D 222 -0.47 61.03 5.63
C ASP D 222 0.40 62.16 6.15
N ALA D 223 0.82 62.03 7.41
CA ALA D 223 1.69 63.05 8.02
C ALA D 223 3.06 62.98 7.37
N TYR D 224 3.53 61.75 7.12
CA TYR D 224 4.74 61.54 6.32
C TYR D 224 4.60 62.20 4.92
N ALA D 225 3.54 61.86 4.17
CA ALA D 225 3.41 62.34 2.78
C ALA D 225 3.43 63.88 2.68
N LYS D 226 2.72 64.54 3.59
CA LYS D 226 2.69 66.01 3.65
C LYS D 226 4.04 66.64 4.02
N SER D 227 4.89 65.90 4.71
CA SER D 227 6.15 66.44 5.16
C SER D 227 7.20 66.47 4.04
N VAL D 228 7.07 65.59 3.05
CA VAL D 228 8.13 65.46 2.04
C VAL D 228 8.32 66.69 1.14
N PRO D 229 7.22 67.27 0.60
CA PRO D 229 7.49 68.47 -0.21
C PRO D 229 8.08 69.66 0.61
N ARG D 230 7.73 69.74 1.90
CA ARG D 230 8.29 70.76 2.81
C ARG D 230 9.78 70.55 2.98
N LEU D 231 10.18 69.29 3.14
CA LEU D 231 11.60 68.95 3.28
C LEU D 231 12.37 69.37 2.02
N PHE D 232 11.85 68.99 0.86
CA PHE D 232 12.52 69.38 -0.37
C PHE D 232 12.50 70.86 -0.70
N ASP D 233 11.44 71.56 -0.30
CA ASP D 233 11.41 73.00 -0.44
C ASP D 233 12.56 73.65 0.34
N HIS D 234 12.73 73.21 1.60
CA HIS D 234 13.86 73.65 2.42
C HIS D 234 15.20 73.28 1.79
N LEU D 235 15.40 72.00 1.47
CA LEU D 235 16.66 71.56 0.89
C LEU D 235 17.05 72.27 -0.41
N ARG D 236 16.10 72.45 -1.34
CA ARG D 236 16.41 73.18 -2.58
C ARG D 236 16.76 74.66 -2.33
N ASN D 237 16.06 75.27 -1.39
CA ASN D 237 16.37 76.66 -0.99
CA ASN D 237 16.37 76.67 -1.01
C ASN D 237 17.80 76.79 -0.46
N LYS D 238 18.17 75.88 0.44
CA LYS D 238 19.46 75.96 1.14
CA LYS D 238 19.46 75.96 1.14
C LYS D 238 20.62 75.42 0.31
N LEU D 239 20.36 74.43 -0.54
CA LEU D 239 21.44 73.70 -1.27
C LEU D 239 21.51 73.91 -2.78
N GLY D 240 20.44 74.43 -3.39
CA GLY D 240 20.41 74.71 -4.82
C GLY D 240 20.07 73.46 -5.62
N PHE D 241 20.16 73.55 -6.95
CA PHE D 241 19.70 72.46 -7.81
C PHE D 241 20.83 71.68 -8.49
N GLY D 242 22.08 71.96 -8.12
CA GLY D 242 23.24 71.24 -8.67
C GLY D 242 23.38 69.85 -8.09
N ILE D 243 23.16 69.74 -6.78
CA ILE D 243 23.21 68.47 -6.06
C ILE D 243 22.03 67.57 -6.51
N GLU D 244 22.28 66.28 -6.69
CA GLU D 244 21.16 65.39 -7.04
C GLU D 244 20.52 64.75 -5.80
N PHE D 245 19.19 64.76 -5.78
CA PHE D 245 18.40 64.27 -4.65
C PHE D 245 17.58 63.05 -5.03
N ILE D 246 17.60 62.05 -4.14
CA ILE D 246 16.76 60.86 -4.23
C ILE D 246 15.84 60.83 -2.99
N HIS D 247 14.59 60.41 -3.15
CA HIS D 247 13.73 60.17 -1.99
C HIS D 247 13.10 58.80 -2.09
N ASP D 248 13.00 58.09 -0.97
CA ASP D 248 12.50 56.71 -0.97
C ASP D 248 11.17 56.67 -0.23
N VAL D 249 10.10 56.38 -0.97
CA VAL D 249 8.76 56.28 -0.40
C VAL D 249 8.62 54.95 0.32
N HIS D 250 9.40 53.95 -0.09
CA HIS D 250 9.48 52.67 0.61
C HIS D 250 8.09 52.07 0.87
N GLU D 251 7.24 52.12 -0.15
CA GLU D 251 5.89 51.51 -0.19
C GLU D 251 4.97 51.95 0.98
N ARG D 252 5.27 53.10 1.58
CA ARG D 252 4.58 53.51 2.82
C ARG D 252 3.18 54.14 2.72
N VAL D 253 2.70 54.45 1.52
CA VAL D 253 1.46 55.24 1.41
C VAL D 253 0.55 54.59 0.37
N THR D 254 -0.70 55.04 0.29
CA THR D 254 -1.64 54.47 -0.69
C THR D 254 -1.18 54.88 -2.08
N PRO D 255 -1.55 54.12 -3.12
CA PRO D 255 -1.03 54.54 -4.42
C PRO D 255 -1.41 55.94 -4.87
N VAL D 256 -2.65 56.38 -4.64
CA VAL D 256 -2.99 57.70 -5.16
C VAL D 256 -2.28 58.80 -4.36
N THR D 257 -1.95 58.51 -3.10
CA THR D 257 -1.16 59.44 -2.31
C THR D 257 0.27 59.53 -2.87
N ALA D 258 0.84 58.39 -3.27
CA ALA D 258 2.15 58.40 -3.95
C ALA D 258 2.11 59.12 -5.25
N ILE D 259 1.01 58.96 -5.99
CA ILE D 259 0.88 59.68 -7.26
C ILE D 259 0.86 61.20 -7.02
N ASN D 260 0.05 61.64 -6.06
CA ASN D 260 0.02 63.05 -5.72
C ASN D 260 1.36 63.56 -5.19
N LEU D 261 2.06 62.71 -4.45
CA LEU D 261 3.39 63.06 -3.98
C LEU D 261 4.34 63.26 -5.17
N ALA D 262 4.31 62.34 -6.13
CA ALA D 262 5.12 62.49 -7.36
C ALA D 262 4.84 63.84 -8.04
N LYS D 263 3.56 64.21 -8.14
CA LYS D 263 3.23 65.45 -8.83
C LYS D 263 3.73 66.68 -8.06
N THR D 264 3.54 66.68 -6.75
CA THR D 264 3.98 67.81 -5.92
CA THR D 264 3.97 67.79 -5.89
C THR D 264 5.51 67.92 -5.85
N LEU D 265 6.21 66.81 -6.07
CA LEU D 265 7.68 66.84 -6.05
C LEU D 265 8.34 67.20 -7.38
N GLU D 266 7.54 67.29 -8.46
CA GLU D 266 8.12 67.59 -9.78
C GLU D 266 8.98 68.83 -9.79
N GLN D 267 8.52 69.88 -9.10
CA GLN D 267 9.21 71.15 -9.06
C GLN D 267 10.63 71.06 -8.44
N TYR D 268 10.89 69.99 -7.65
CA TYR D 268 12.16 69.87 -6.99
C TYR D 268 13.16 69.03 -7.76
N GLN D 269 12.73 68.48 -8.91
CA GLN D 269 13.62 67.81 -9.87
C GLN D 269 14.52 66.77 -9.22
N LEU D 270 13.87 65.77 -8.63
CA LEU D 270 14.60 64.69 -7.99
C LEU D 270 15.27 63.82 -9.06
N PHE D 271 16.39 63.22 -8.71
CA PHE D 271 17.04 62.22 -9.57
C PHE D 271 16.11 61.02 -9.73
N TYR D 272 15.55 60.55 -8.61
CA TYR D 272 14.37 59.70 -8.65
C TYR D 272 13.65 59.63 -7.34
N LEU D 273 12.36 59.34 -7.47
CA LEU D 273 11.47 58.98 -6.38
C LEU D 273 11.33 57.48 -6.41
N GLU D 274 11.67 56.85 -5.30
CA GLU D 274 11.85 55.40 -5.23
C GLU D 274 10.68 54.67 -4.56
N ASP D 275 10.31 53.52 -5.12
CA ASP D 275 9.26 52.66 -4.58
C ASP D 275 7.98 53.38 -4.18
N PRO D 276 7.36 54.13 -5.12
CA PRO D 276 6.07 54.75 -4.77
C PRO D 276 4.97 53.72 -4.48
N VAL D 277 5.11 52.52 -5.04
CA VAL D 277 4.16 51.45 -4.78
C VAL D 277 4.87 50.16 -4.35
N ALA D 278 4.12 49.29 -3.69
CA ALA D 278 4.50 47.91 -3.40
C ALA D 278 4.54 47.10 -4.69
N PRO D 279 5.33 46.01 -4.73
CA PRO D 279 5.27 45.12 -5.90
C PRO D 279 3.83 44.61 -6.15
N GLU D 280 3.05 44.45 -5.08
CA GLU D 280 1.69 43.92 -5.24
C GLU D 280 0.77 44.96 -5.88
N ASN D 281 1.23 46.22 -5.97
CA ASN D 281 0.44 47.30 -6.57
C ASN D 281 1.04 47.91 -7.84
N ILE D 282 1.83 47.14 -8.58
CA ILE D 282 2.55 47.75 -9.77
C ILE D 282 1.61 48.31 -10.83
N ASP D 283 0.38 47.79 -10.89
CA ASP D 283 -0.60 48.30 -11.89
C ASP D 283 -0.87 49.79 -11.72
N TRP D 284 -0.73 50.29 -10.49
CA TRP D 284 -0.96 51.71 -10.22
C TRP D 284 0.04 52.66 -10.89
N LEU D 285 1.20 52.14 -11.30
CA LEU D 285 2.16 52.97 -12.05
C LEU D 285 1.62 53.41 -13.39
N LYS D 286 0.64 52.67 -13.93
CA LYS D 286 -0.01 53.12 -15.16
C LYS D 286 -0.64 54.47 -14.94
N MET D 287 -1.35 54.63 -13.83
CA MET D 287 -1.97 55.92 -13.52
C MET D 287 -0.90 56.97 -13.18
N LEU D 288 0.09 56.60 -12.36
CA LEU D 288 1.16 57.57 -12.00
C LEU D 288 1.82 58.21 -13.23
N ARG D 289 2.10 57.37 -14.22
CA ARG D 289 2.89 57.79 -15.38
C ARG D 289 2.06 58.53 -16.43
N GLN D 290 0.73 58.48 -16.30
CA GLN D 290 -0.15 59.36 -17.10
C GLN D 290 -0.08 60.80 -16.60
N GLN D 291 0.35 60.99 -15.35
CA GLN D 291 0.17 62.29 -14.68
C GLN D 291 1.47 62.98 -14.30
N SER D 292 2.49 62.21 -13.93
CA SER D 292 3.70 62.80 -13.37
C SER D 292 4.94 62.55 -14.19
N SER D 293 5.85 63.53 -14.17
CA SER D 293 7.14 63.46 -14.86
C SER D 293 8.32 63.45 -13.88
N THR D 294 8.06 63.20 -12.60
CA THR D 294 9.13 62.94 -11.62
C THR D 294 9.71 61.59 -11.96
N PRO D 295 11.07 61.49 -12.09
CA PRO D 295 11.62 60.18 -12.43
C PRO D 295 11.33 59.15 -11.32
N ILE D 296 11.08 57.91 -11.70
CA ILE D 296 10.65 56.89 -10.76
C ILE D 296 11.63 55.74 -10.77
N SER D 297 11.94 55.22 -9.59
CA SER D 297 12.62 53.94 -9.54
C SER D 297 11.77 52.94 -8.78
N MET D 298 11.90 51.65 -9.15
CA MET D 298 11.23 50.56 -8.44
C MET D 298 12.12 49.35 -8.44
N GLY D 299 11.96 48.50 -7.43
CA GLY D 299 12.38 47.11 -7.62
C GLY D 299 13.29 46.38 -6.64
N GLU D 300 13.75 47.03 -5.58
CA GLU D 300 14.57 46.29 -4.60
C GLU D 300 13.88 45.04 -4.06
N LEU D 301 12.54 45.08 -4.01
CA LEU D 301 11.78 43.92 -3.56
C LEU D 301 11.52 42.84 -4.61
N PHE D 302 11.83 43.12 -5.88
CA PHE D 302 11.42 42.17 -6.94
C PHE D 302 12.15 40.83 -6.91
N VAL D 303 11.39 39.76 -7.15
CA VAL D 303 11.89 38.39 -7.24
C VAL D 303 11.36 37.65 -8.46
N ASN D 304 10.55 38.32 -9.29
CA ASN D 304 9.80 37.60 -10.33
C ASN D 304 9.79 38.45 -11.60
N VAL D 305 10.06 37.84 -12.75
CA VAL D 305 9.99 38.53 -14.03
C VAL D 305 8.62 39.22 -14.24
N ASN D 306 7.55 38.66 -13.67
CA ASN D 306 6.23 39.22 -13.87
C ASN D 306 6.01 40.47 -13.05
N GLU D 307 6.98 40.83 -12.21
CA GLU D 307 6.94 42.14 -11.56
C GLU D 307 7.60 43.22 -12.41
N TRP D 308 8.80 42.98 -12.91
CA TRP D 308 9.54 44.06 -13.56
C TRP D 308 9.25 44.14 -15.04
N LYS D 309 8.91 43.02 -15.68
CA LYS D 309 8.70 43.01 -17.13
C LYS D 309 7.58 43.92 -17.59
N PRO D 310 6.40 43.89 -16.93
CA PRO D 310 5.40 44.88 -17.37
C PRO D 310 5.78 46.34 -17.16
N LEU D 311 6.56 46.63 -16.11
CA LEU D 311 6.99 47.99 -15.84
C LEU D 311 7.95 48.49 -16.91
N ILE D 312 8.87 47.64 -17.33
CA ILE D 312 9.89 48.08 -18.29
C ILE D 312 9.31 48.12 -19.71
N ASP D 313 8.54 47.10 -20.08
CA ASP D 313 7.83 47.05 -21.37
C ASP D 313 6.98 48.29 -21.63
N ASN D 314 6.39 48.83 -20.57
CA ASN D 314 5.51 50.00 -20.67
C ASN D 314 6.11 51.31 -20.20
N ARG D 315 7.44 51.31 -19.95
CA ARG D 315 8.18 52.53 -19.56
C ARG D 315 7.54 53.20 -18.36
N LEU D 316 7.18 52.37 -17.37
CA LEU D 316 6.52 52.89 -16.17
C LEU D 316 7.53 53.27 -15.07
N ILE D 317 8.82 53.01 -15.32
CA ILE D 317 9.89 53.41 -14.41
C ILE D 317 11.05 53.89 -15.25
N ASP D 318 11.95 54.64 -14.62
CA ASP D 318 13.15 55.15 -15.28
C ASP D 318 14.41 54.44 -14.82
N TYR D 319 14.33 53.80 -13.65
CA TYR D 319 15.44 53.04 -13.05
C TYR D 319 14.93 51.78 -12.43
N ILE D 320 15.66 50.69 -12.65
CA ILE D 320 15.34 49.39 -12.04
C ILE D 320 16.27 49.14 -10.85
N ARG D 321 15.69 48.72 -9.72
CA ARG D 321 16.38 48.76 -8.41
C ARG D 321 16.69 47.41 -7.81
N CYS D 322 16.69 46.37 -8.64
CA CYS D 322 16.80 45.01 -8.06
C CYS D 322 18.03 44.78 -7.18
N HIS D 323 17.82 43.96 -6.17
CA HIS D 323 18.86 43.44 -5.30
C HIS D 323 19.41 42.25 -6.09
N VAL D 324 20.61 42.38 -6.60
CA VAL D 324 21.14 41.41 -7.57
C VAL D 324 21.07 39.98 -7.06
N SER D 325 21.42 39.77 -5.80
CA SER D 325 21.38 38.40 -5.28
C SER D 325 19.95 37.85 -5.17
N THR D 326 19.01 38.76 -4.94
CA THR D 326 17.61 38.40 -4.74
C THR D 326 16.88 38.12 -6.07
N ILE D 327 17.48 38.50 -7.20
CA ILE D 327 16.97 38.04 -8.51
C ILE D 327 17.80 36.90 -9.09
N GLY D 328 18.78 36.41 -8.32
CA GLY D 328 19.50 35.19 -8.69
C GLY D 328 20.92 35.35 -9.21
N GLY D 329 21.50 36.54 -9.08
CA GLY D 329 22.92 36.75 -9.41
C GLY D 329 23.23 37.59 -10.64
N ILE D 330 24.47 37.46 -11.12
CA ILE D 330 24.93 38.26 -12.27
C ILE D 330 24.24 37.82 -13.57
N THR D 331 24.10 36.51 -13.76
CA THR D 331 23.42 35.96 -14.94
C THR D 331 22.03 36.59 -15.20
N PRO D 332 21.12 36.55 -14.21
CA PRO D 332 19.83 37.26 -14.46
C PRO D 332 19.87 38.80 -14.44
N ALA D 333 20.80 39.39 -13.69
CA ALA D 333 20.89 40.85 -13.66
C ALA D 333 21.36 41.41 -14.98
N ARG D 334 22.27 40.71 -15.64
CA ARG D 334 22.72 41.14 -16.94
CA ARG D 334 22.75 41.10 -16.95
C ARG D 334 21.53 41.17 -17.95
N LYS D 335 20.71 40.16 -17.89
CA LYS D 335 19.55 40.08 -18.78
CA LYS D 335 19.55 40.06 -18.78
C LYS D 335 18.58 41.22 -18.50
N LEU D 336 18.38 41.50 -17.21
CA LEU D 336 17.51 42.61 -16.80
C LEU D 336 18.09 43.99 -17.24
N ALA D 337 19.41 44.16 -17.14
CA ALA D 337 20.07 45.38 -17.60
C ALA D 337 19.88 45.58 -19.12
N VAL D 338 20.00 44.49 -19.90
CA VAL D 338 19.82 44.58 -21.34
C VAL D 338 18.36 44.91 -21.70
N TYR D 339 17.42 44.20 -21.05
CA TYR D 339 15.99 44.46 -21.28
C TYR D 339 15.62 45.93 -20.98
N SER D 340 16.15 46.44 -19.88
CA SER D 340 16.01 47.86 -19.54
C SER D 340 16.68 48.76 -20.59
N GLU D 341 17.90 48.40 -20.99
CA GLU D 341 18.64 49.20 -21.97
C GLU D 341 17.80 49.42 -23.24
N LEU D 342 17.18 48.34 -23.74
CA LEU D 342 16.42 48.40 -25.00
C LEU D 342 15.13 49.22 -24.90
N ASN D 343 14.71 49.49 -23.67
CA ASN D 343 13.54 50.30 -23.36
C ASN D 343 13.86 51.69 -22.81
N GLY D 344 15.13 52.09 -22.89
CA GLY D 344 15.57 53.37 -22.34
C GLY D 344 15.50 53.48 -20.81
N VAL D 345 15.48 52.35 -20.10
CA VAL D 345 15.43 52.33 -18.63
C VAL D 345 16.87 52.07 -18.13
N ARG D 346 17.26 52.77 -17.06
CA ARG D 346 18.63 52.69 -16.57
C ARG D 346 18.73 51.85 -15.29
N THR D 347 19.95 51.43 -14.94
CA THR D 347 20.08 50.54 -13.75
C THR D 347 20.40 51.29 -12.45
N ALA D 348 19.87 50.82 -11.34
CA ALA D 348 20.21 51.39 -10.03
C ALA D 348 20.17 50.26 -9.01
N TRP D 349 21.16 49.38 -9.10
CA TRP D 349 21.12 48.13 -8.28
C TRP D 349 21.10 48.49 -6.81
N HIS D 350 20.40 47.70 -6.05
CA HIS D 350 20.24 47.95 -4.65
C HIS D 350 21.59 47.87 -3.94
N GLY D 351 21.89 48.87 -3.13
CA GLY D 351 23.17 48.95 -2.42
C GLY D 351 23.04 49.36 -0.96
N PRO D 352 22.37 48.54 -0.13
CA PRO D 352 22.09 48.89 1.27
C PRO D 352 23.24 48.42 2.17
N GLY D 353 23.02 48.35 3.48
CA GLY D 353 24.02 47.70 4.36
C GLY D 353 23.95 46.17 4.28
N ASP D 354 22.76 45.64 3.96
CA ASP D 354 22.57 44.18 3.89
C ASP D 354 22.91 43.60 2.51
N ILE D 355 24.19 43.68 2.17
CA ILE D 355 24.78 43.16 0.94
C ILE D 355 26.24 42.99 1.34
N SER D 356 26.85 41.87 0.98
CA SER D 356 28.25 41.65 1.36
C SER D 356 29.12 42.45 0.40
N PRO D 357 30.43 42.63 0.74
CA PRO D 357 31.29 43.28 -0.25
C PRO D 357 31.42 42.53 -1.55
N VAL D 358 31.18 41.21 -1.55
CA VAL D 358 31.17 40.44 -2.78
C VAL D 358 30.01 40.92 -3.65
N GLY D 359 28.85 41.13 -3.04
CA GLY D 359 27.69 41.68 -3.77
C GLY D 359 27.91 43.10 -4.25
N VAL D 360 28.55 43.91 -3.40
CA VAL D 360 28.88 45.28 -3.80
C VAL D 360 29.74 45.27 -5.08
N CYS D 361 30.75 44.39 -5.11
CA CYS D 361 31.58 44.23 -6.30
C CYS D 361 30.79 43.77 -7.54
N ALA D 362 29.92 42.77 -7.34
CA ALA D 362 29.04 42.29 -8.43
C ALA D 362 28.20 43.43 -9.01
N ASN D 363 27.54 44.23 -8.16
CA ASN D 363 26.81 45.44 -8.61
C ASN D 363 27.71 46.32 -9.50
N MET D 364 28.96 46.51 -9.07
CA MET D 364 29.86 47.44 -9.72
C MET D 364 30.46 46.93 -11.02
N HIS D 365 30.71 45.61 -11.10
CA HIS D 365 31.09 44.99 -12.35
C HIS D 365 29.99 45.12 -13.37
N LEU D 366 28.75 44.95 -12.96
CA LEU D 366 27.62 45.25 -13.87
C LEU D 366 27.63 46.73 -14.22
N ASP D 367 27.82 47.58 -13.21
CA ASP D 367 27.73 49.02 -13.41
C ASP D 367 28.71 49.50 -14.47
N LEU D 368 29.91 48.97 -14.44
CA LEU D 368 30.97 49.48 -15.28
C LEU D 368 30.78 48.99 -16.73
N SER D 369 30.14 47.84 -16.90
CA SER D 369 29.99 47.25 -18.22
C SER D 369 28.64 47.55 -18.91
N SER D 370 27.73 48.23 -18.21
CA SER D 370 26.38 48.50 -18.77
C SER D 370 26.34 49.86 -19.43
N PRO D 371 25.89 49.94 -20.70
CA PRO D 371 25.71 51.25 -21.30
C PRO D 371 24.63 52.08 -20.58
N ASN D 372 23.60 51.42 -20.06
CA ASN D 372 22.47 52.10 -19.45
C ASN D 372 22.61 52.13 -17.93
N PHE D 373 23.84 52.13 -17.39
CA PHE D 373 24.02 52.37 -15.94
C PHE D 373 23.36 53.70 -15.55
N GLY D 374 22.66 53.72 -14.40
CA GLY D 374 22.02 54.96 -13.90
C GLY D 374 22.80 55.56 -12.72
N ILE D 375 22.88 54.82 -11.62
CA ILE D 375 23.55 55.30 -10.40
C ILE D 375 23.82 54.11 -9.52
N GLN D 376 24.82 54.21 -8.63
CA GLN D 376 25.05 53.14 -7.65
C GLN D 376 24.88 53.63 -6.21
N GLU D 377 23.78 53.19 -5.59
CA GLU D 377 23.57 53.33 -4.15
C GLU D 377 24.74 52.73 -3.38
N TYR D 378 25.26 53.48 -2.41
CA TYR D 378 26.41 52.98 -1.69
C TYR D 378 26.29 53.22 -0.18
N THR D 379 26.48 52.15 0.60
CA THR D 379 26.52 52.21 2.07
C THR D 379 27.98 51.99 2.54
N PRO D 380 28.62 53.04 3.07
CA PRO D 380 30.03 52.95 3.50
C PRO D 380 30.29 51.81 4.46
N MET D 381 31.47 51.21 4.30
CA MET D 381 31.91 50.06 5.09
C MET D 381 32.81 50.52 6.23
N ASN D 382 32.90 49.69 7.27
CA ASN D 382 33.86 49.95 8.36
C ASN D 382 35.17 49.22 8.09
N ASP D 383 36.15 49.38 8.98
CA ASP D 383 37.43 48.71 8.78
C ASP D 383 37.32 47.19 8.79
N ALA D 384 36.42 46.65 9.62
CA ALA D 384 36.27 45.20 9.75
C ALA D 384 35.82 44.58 8.43
N LEU D 385 34.87 45.21 7.73
CA LEU D 385 34.47 44.69 6.41
C LEU D 385 35.64 44.65 5.43
N ARG D 386 36.43 45.73 5.41
CA ARG D 386 37.58 45.81 4.53
C ARG D 386 38.66 44.78 4.84
N ASP D 387 38.79 44.48 6.13
CA ASP D 387 39.74 43.50 6.62
C ASP D 387 39.27 42.05 6.32
N VAL D 388 37.99 41.77 6.55
CA VAL D 388 37.41 40.45 6.26
C VAL D 388 37.34 40.19 4.74
N PHE D 389 37.14 41.25 3.97
CA PHE D 389 36.99 41.13 2.51
C PHE D 389 38.05 41.95 1.74
N PRO D 390 39.30 41.43 1.63
CA PRO D 390 40.33 42.13 0.85
C PRO D 390 39.90 42.37 -0.62
N GLY D 391 40.12 43.59 -1.10
CA GLY D 391 39.71 43.95 -2.47
C GLY D 391 38.48 44.84 -2.56
N CYS D 392 37.95 45.32 -1.43
CA CYS D 392 36.84 46.27 -1.47
C CYS D 392 37.13 47.44 -2.44
N PRO D 393 36.12 47.86 -3.22
CA PRO D 393 36.31 48.95 -4.17
C PRO D 393 36.80 50.22 -3.49
N GLU D 394 37.68 50.93 -4.18
CA GLU D 394 38.15 52.22 -3.71
C GLU D 394 37.08 53.31 -3.89
N ILE D 395 36.78 54.05 -2.81
CA ILE D 395 35.81 55.16 -2.87
C ILE D 395 36.60 56.48 -2.81
N ASP D 396 36.50 57.30 -3.85
CA ASP D 396 37.34 58.49 -3.95
C ASP D 396 36.49 59.62 -4.50
N HIS D 397 36.17 60.56 -3.61
CA HIS D 397 35.40 61.77 -3.92
CA HIS D 397 35.41 61.76 -3.93
C HIS D 397 34.13 61.48 -4.72
N GLY D 398 33.31 60.56 -4.19
CA GLY D 398 31.99 60.34 -4.77
C GLY D 398 31.90 59.33 -5.90
N TYR D 399 33.05 58.76 -6.30
CA TYR D 399 33.09 57.69 -7.28
C TYR D 399 33.70 56.46 -6.70
N ALA D 400 33.22 55.30 -7.17
CA ALA D 400 33.91 54.05 -6.87
C ALA D 400 34.78 53.62 -8.03
N TYR D 401 35.95 53.10 -7.65
CA TYR D 401 36.96 52.64 -8.58
C TYR D 401 37.29 51.18 -8.22
N LEU D 402 36.76 50.26 -9.04
CA LEU D 402 37.08 48.84 -8.90
C LEU D 402 38.55 48.63 -9.17
N ASN D 403 39.15 47.71 -8.43
CA ASN D 403 40.46 47.23 -8.79
C ASN D 403 40.36 46.45 -10.12
N ASP D 404 41.49 46.18 -10.75
CA ASP D 404 41.50 45.46 -12.02
C ASP D 404 41.94 44.00 -11.87
N LYS D 405 41.76 43.45 -10.66
CA LYS D 405 42.10 42.03 -10.37
C LYS D 405 41.15 41.10 -11.10
N PRO D 406 41.63 39.88 -11.45
CA PRO D 406 40.73 38.99 -12.17
C PRO D 406 39.48 38.57 -11.35
N GLY D 407 38.43 38.17 -12.07
CA GLY D 407 37.15 37.82 -11.48
C GLY D 407 36.46 39.02 -10.87
N LEU D 408 35.90 38.84 -9.68
CA LEU D 408 35.26 39.95 -8.97
C LEU D 408 36.24 40.87 -8.23
N GLY D 409 37.52 40.48 -8.20
CA GLY D 409 38.58 41.27 -7.54
C GLY D 409 38.43 41.32 -6.02
N ILE D 410 37.72 40.35 -5.45
CA ILE D 410 37.38 40.35 -4.02
C ILE D 410 37.75 38.99 -3.41
N ASP D 411 38.15 39.01 -2.14
CA ASP D 411 38.42 37.77 -1.45
C ASP D 411 37.74 37.79 -0.10
N ILE D 412 37.78 36.68 0.63
CA ILE D 412 37.31 36.64 2.01
C ILE D 412 38.36 35.93 2.87
N ASP D 413 38.68 36.52 4.03
CA ASP D 413 39.56 35.87 4.97
C ASP D 413 38.62 35.11 5.91
N GLU D 414 38.61 33.78 5.77
CA GLU D 414 37.69 32.94 6.54
C GLU D 414 37.91 32.98 8.06
N ALA D 415 39.17 33.04 8.50
CA ALA D 415 39.49 33.09 9.94
C ALA D 415 38.99 34.41 10.49
N LYS D 416 39.18 35.49 9.72
CA LYS D 416 38.74 36.79 10.17
C LYS D 416 37.20 36.88 10.13
N ALA D 417 36.56 36.24 9.14
CA ALA D 417 35.09 36.17 9.09
C ALA D 417 34.47 35.49 10.32
N ALA D 418 35.16 34.46 10.83
CA ALA D 418 34.73 33.69 11.98
C ALA D 418 34.68 34.52 13.29
N LYS D 419 35.45 35.62 13.32
CA LYS D 419 35.47 36.53 14.47
C LYS D 419 34.23 37.41 14.54
N TYR D 420 33.40 37.40 13.49
CA TYR D 420 32.16 38.19 13.45
C TYR D 420 30.95 37.28 13.22
N PRO D 421 30.59 36.45 14.23
CA PRO D 421 29.43 35.58 14.04
C PRO D 421 28.12 36.34 13.84
N CYS D 422 27.19 35.72 13.12
CA CYS D 422 25.89 36.33 12.86
C CYS D 422 25.03 36.39 14.11
N GLU D 423 24.26 37.46 14.23
CA GLU D 423 23.37 37.67 15.37
C GLU D 423 22.14 36.80 15.24
N GLY D 424 21.59 36.69 14.03
CA GLY D 424 20.39 35.89 13.82
C GLY D 424 19.17 36.62 14.37
N GLY D 425 18.14 35.87 14.74
CA GLY D 425 16.92 36.49 15.26
C GLY D 425 16.08 37.14 14.17
N ILE D 426 15.14 37.98 14.57
CA ILE D 426 14.15 38.56 13.64
C ILE D 426 14.08 40.09 13.78
N PRO D 427 13.84 40.81 12.67
CA PRO D 427 13.81 42.28 12.82
C PRO D 427 12.52 42.80 13.46
N SER D 428 12.56 44.03 13.96
CA SER D 428 11.38 44.66 14.55
CA SER D 428 11.37 44.67 14.55
C SER D 428 10.76 45.72 13.63
N TRP D 429 11.57 46.30 12.75
CA TRP D 429 11.12 47.40 11.88
C TRP D 429 10.09 46.97 10.86
N THR D 430 10.07 45.67 10.53
CA THR D 430 9.12 45.16 9.54
C THR D 430 7.71 45.01 10.11
N MET D 431 7.54 45.21 11.42
CA MET D 431 6.19 45.28 12.02
C MET D 431 5.76 46.75 12.03
N ALA D 432 5.29 47.22 10.88
CA ALA D 432 4.90 48.63 10.72
C ALA D 432 3.40 48.77 10.82
N ARG D 433 2.92 49.64 11.72
CA ARG D 433 1.47 49.76 11.89
C ARG D 433 1.03 51.21 11.70
N THR D 434 -0.06 51.43 10.95
CA THR D 434 -0.65 52.77 10.82
C THR D 434 -1.34 53.20 12.13
N PRO D 435 -1.86 54.45 12.22
CA PRO D 435 -2.38 54.85 13.53
C PRO D 435 -3.51 53.99 14.11
N ASP D 436 -4.34 53.40 13.27
CA ASP D 436 -5.42 52.55 13.81
C ASP D 436 -4.95 51.13 14.22
N GLY D 437 -3.69 50.82 13.95
CA GLY D 437 -3.14 49.49 14.30
C GLY D 437 -2.99 48.51 13.13
N THR D 438 -3.31 48.95 11.91
CA THR D 438 -3.21 48.04 10.72
C THR D 438 -1.76 47.65 10.39
N ALA D 439 -1.50 46.34 10.28
CA ALA D 439 -0.21 45.85 9.84
C ALA D 439 0.02 46.23 8.38
N SER D 440 1.10 46.96 8.13
CA SER D 440 1.31 47.59 6.83
C SER D 440 2.58 47.10 6.15
N ARG D 441 2.64 47.25 4.82
CA ARG D 441 3.84 46.88 4.09
C ARG D 441 4.94 47.88 4.46
N PRO D 442 6.08 47.36 4.96
CA PRO D 442 7.03 48.26 5.62
C PRO D 442 8.03 48.83 4.62
N ASN E 28 -14.66 -63.54 -26.47
CA ASN E 28 -16.08 -63.66 -26.91
C ASN E 28 -16.95 -62.50 -26.40
N LEU E 29 -16.57 -61.27 -26.77
CA LEU E 29 -17.19 -60.06 -26.25
C LEU E 29 -18.59 -59.79 -26.82
N LYS E 30 -19.56 -59.56 -25.93
CA LYS E 30 -20.97 -59.33 -26.29
C LYS E 30 -21.59 -58.16 -25.54
N ILE E 31 -22.60 -57.52 -26.15
CA ILE E 31 -23.44 -56.50 -25.49
C ILE E 31 -24.55 -57.15 -24.64
N THR E 32 -24.66 -56.72 -23.38
CA THR E 32 -25.59 -57.31 -22.42
C THR E 32 -26.79 -56.42 -22.05
N ASN E 33 -26.60 -55.11 -22.02
CA ASN E 33 -27.63 -54.18 -21.58
C ASN E 33 -27.52 -52.80 -22.26
N VAL E 34 -28.66 -52.17 -22.55
CA VAL E 34 -28.72 -50.86 -23.19
C VAL E 34 -29.80 -50.03 -22.48
N LYS E 35 -29.36 -48.99 -21.77
CA LYS E 35 -30.29 -48.13 -21.03
C LYS E 35 -30.13 -46.64 -21.32
N THR E 36 -31.25 -45.93 -21.21
CA THR E 36 -31.33 -44.51 -21.41
C THR E 36 -31.34 -43.81 -20.06
N ILE E 37 -30.37 -42.92 -19.84
CA ILE E 37 -30.34 -42.08 -18.63
C ILE E 37 -30.77 -40.64 -18.95
N LEU E 38 -31.95 -40.26 -18.45
CA LEU E 38 -32.45 -38.89 -18.59
C LEU E 38 -32.11 -38.08 -17.33
N THR E 39 -31.37 -36.99 -17.52
CA THR E 39 -30.95 -36.10 -16.41
C THR E 39 -30.80 -34.64 -16.85
N ALA E 40 -31.03 -33.69 -15.93
CA ALA E 40 -30.93 -32.26 -16.26
C ALA E 40 -30.16 -31.41 -15.24
N PRO E 41 -28.86 -31.72 -15.02
CA PRO E 41 -28.08 -31.04 -13.98
C PRO E 41 -27.71 -29.60 -14.32
N GLY E 42 -27.52 -29.31 -15.61
CA GLY E 42 -27.32 -27.94 -16.06
C GLY E 42 -28.64 -27.25 -16.38
N GLY E 43 -29.74 -27.83 -15.92
CA GLY E 43 -31.07 -27.22 -16.07
C GLY E 43 -31.68 -27.46 -17.44
N ILE E 44 -31.02 -28.33 -18.21
CA ILE E 44 -31.44 -28.65 -19.58
C ILE E 44 -31.48 -30.18 -19.73
N ASP E 45 -32.64 -30.71 -20.14
CA ASP E 45 -32.83 -32.18 -20.30
C ASP E 45 -31.85 -32.82 -21.26
N LEU E 46 -31.06 -33.75 -20.73
CA LEU E 46 -30.11 -34.51 -21.51
C LEU E 46 -30.59 -35.96 -21.67
N ALA E 47 -29.98 -36.68 -22.63
CA ALA E 47 -30.14 -38.13 -22.76
C ALA E 47 -28.79 -38.80 -22.97
N VAL E 48 -28.48 -39.75 -22.10
CA VAL E 48 -27.22 -40.47 -22.18
C VAL E 48 -27.58 -41.95 -22.37
N VAL E 49 -26.78 -42.66 -23.16
CA VAL E 49 -26.98 -44.09 -23.35
C VAL E 49 -25.82 -44.82 -22.73
N LYS E 50 -26.14 -45.84 -21.92
CA LYS E 50 -25.13 -46.69 -21.33
C LYS E 50 -25.28 -48.09 -21.89
N ILE E 51 -24.17 -48.60 -22.42
CA ILE E 51 -24.13 -49.93 -23.01
C ILE E 51 -23.21 -50.78 -22.17
N GLU E 52 -23.77 -51.84 -21.59
CA GLU E 52 -23.01 -52.77 -20.77
C GLU E 52 -22.58 -54.00 -21.53
N THR E 53 -21.42 -54.56 -21.23
CA THR E 53 -20.93 -55.73 -21.93
C THR E 53 -20.86 -56.97 -21.06
N ASN E 54 -20.45 -58.10 -21.64
CA ASN E 54 -20.27 -59.31 -20.87
C ASN E 54 -19.06 -59.30 -19.96
N GLU E 55 -18.06 -58.49 -20.31
CA GLU E 55 -16.87 -58.22 -19.51
C GLU E 55 -17.33 -57.43 -18.27
N PRO E 56 -16.88 -57.85 -17.06
CA PRO E 56 -17.31 -57.33 -15.76
C PRO E 56 -17.33 -55.80 -15.64
N GLY E 57 -16.17 -55.17 -15.84
CA GLY E 57 -16.07 -53.73 -15.63
C GLY E 57 -15.98 -52.89 -16.89
N LEU E 58 -16.33 -53.48 -18.03
CA LEU E 58 -16.29 -52.78 -19.31
C LEU E 58 -17.67 -52.27 -19.73
N TYR E 59 -17.73 -50.97 -20.02
CA TYR E 59 -18.96 -50.34 -20.52
C TYR E 59 -18.68 -49.09 -21.36
N GLY E 60 -19.72 -48.56 -22.00
CA GLY E 60 -19.60 -47.40 -22.86
C GLY E 60 -20.69 -46.38 -22.67
N LEU E 61 -20.33 -45.10 -22.87
CA LEU E 61 -21.31 -44.02 -22.75
C LEU E 61 -21.45 -43.22 -24.04
N GLY E 62 -22.67 -42.79 -24.32
CA GLY E 62 -22.91 -42.00 -25.51
C GLY E 62 -23.96 -40.93 -25.31
N CYS E 63 -23.89 -39.89 -26.14
CA CYS E 63 -24.88 -38.83 -26.06
C CYS E 63 -25.99 -39.03 -27.09
N ALA E 64 -27.21 -38.78 -26.64
CA ALA E 64 -28.39 -38.88 -27.46
C ALA E 64 -29.29 -37.66 -27.21
N THR E 65 -28.67 -36.52 -26.92
CA THR E 65 -29.45 -35.36 -26.51
C THR E 65 -30.09 -34.61 -27.67
N PHE E 66 -31.40 -34.78 -27.79
CA PHE E 66 -32.27 -33.99 -28.63
C PHE E 66 -33.31 -33.54 -27.62
N THR E 67 -33.01 -32.38 -27.01
CA THR E 67 -33.66 -31.98 -25.77
C THR E 67 -35.16 -31.78 -25.87
N GLN E 68 -35.62 -31.29 -27.03
CA GLN E 68 -37.03 -30.94 -27.23
C GLN E 68 -37.91 -32.20 -27.36
N ARG E 69 -37.26 -33.36 -27.57
CA ARG E 69 -38.00 -34.59 -27.85
C ARG E 69 -37.40 -35.75 -27.08
N ILE E 70 -37.02 -35.47 -25.83
CA ILE E 70 -36.22 -36.39 -25.04
C ILE E 70 -36.95 -37.72 -24.70
N PHE E 71 -38.26 -37.67 -24.56
CA PHE E 71 -39.04 -38.87 -24.20
C PHE E 71 -39.23 -39.79 -25.40
N ALA E 72 -39.36 -39.19 -26.58
CA ALA E 72 -39.40 -39.93 -27.84
C ALA E 72 -38.08 -40.61 -28.17
N VAL E 73 -36.97 -39.96 -27.81
CA VAL E 73 -35.62 -40.55 -27.96
C VAL E 73 -35.42 -41.73 -27.02
N LYS E 74 -35.89 -41.57 -25.77
CA LYS E 74 -35.90 -42.64 -24.77
C LYS E 74 -36.63 -43.88 -25.29
N SER E 75 -37.87 -43.67 -25.77
CA SER E 75 -38.69 -44.68 -26.43
C SER E 75 -37.96 -45.36 -27.57
N ALA E 76 -37.29 -44.57 -28.43
CA ALA E 76 -36.55 -45.08 -29.57
C ALA E 76 -35.36 -45.95 -29.16
N ILE E 77 -34.74 -45.65 -28.03
CA ILE E 77 -33.59 -46.45 -27.54
C ILE E 77 -34.05 -47.71 -26.80
N ASP E 78 -34.99 -47.53 -25.86
CA ASP E 78 -35.42 -48.62 -24.96
C ASP E 78 -36.26 -49.69 -25.68
N GLU E 79 -37.20 -49.24 -26.51
CA GLU E 79 -38.08 -50.16 -27.24
C GLU E 79 -37.44 -50.83 -28.45
N TYR E 80 -36.43 -50.19 -29.05
CA TYR E 80 -35.94 -50.65 -30.36
C TYR E 80 -34.44 -50.93 -30.44
N MET E 81 -33.62 -50.00 -29.97
CA MET E 81 -32.16 -50.20 -30.02
C MET E 81 -31.69 -51.32 -29.09
N ALA E 82 -32.26 -51.39 -27.89
CA ALA E 82 -31.90 -52.44 -26.92
C ALA E 82 -32.13 -53.91 -27.42
N PRO E 83 -33.35 -54.24 -27.94
CA PRO E 83 -33.48 -55.58 -28.54
C PRO E 83 -32.67 -55.81 -29.81
N PHE E 84 -32.36 -54.74 -30.54
CA PHE E 84 -31.52 -54.82 -31.73
C PHE E 84 -30.06 -55.16 -31.40
N LEU E 85 -29.62 -54.76 -30.20
CA LEU E 85 -28.20 -54.81 -29.85
C LEU E 85 -27.73 -55.95 -28.93
N VAL E 86 -28.57 -56.36 -27.99
CA VAL E 86 -28.14 -57.35 -27.00
C VAL E 86 -27.81 -58.68 -27.67
N GLY E 87 -26.56 -59.10 -27.52
CA GLY E 87 -26.05 -60.36 -28.06
C GLY E 87 -24.87 -60.16 -28.99
N LYS E 88 -24.76 -58.96 -29.55
CA LYS E 88 -23.81 -58.67 -30.64
C LYS E 88 -22.47 -58.19 -30.15
N ASP E 89 -21.43 -58.52 -30.91
CA ASP E 89 -20.06 -58.05 -30.68
C ASP E 89 -19.99 -56.51 -30.85
N PRO E 90 -19.62 -55.79 -29.77
CA PRO E 90 -19.53 -54.33 -29.82
C PRO E 90 -18.34 -53.75 -30.59
N THR E 91 -17.35 -54.57 -30.95
CA THR E 91 -16.18 -54.09 -31.72
C THR E 91 -16.45 -53.81 -33.20
N ARG E 92 -17.62 -54.22 -33.68
CA ARG E 92 -17.99 -54.01 -35.07
C ARG E 92 -18.87 -52.76 -35.17
N ILE E 93 -18.24 -51.61 -34.98
CA ILE E 93 -18.99 -50.37 -34.82
C ILE E 93 -19.67 -49.98 -36.14
N GLU E 94 -18.91 -50.09 -37.21
CA GLU E 94 -19.38 -49.72 -38.53
C GLU E 94 -20.52 -50.63 -38.98
N ASP E 95 -20.36 -51.94 -38.81
CA ASP E 95 -21.45 -52.88 -39.14
C ASP E 95 -22.71 -52.58 -38.33
N ILE E 96 -22.55 -52.29 -37.04
CA ILE E 96 -23.70 -51.96 -36.20
C ILE E 96 -24.40 -50.66 -36.60
N TRP E 97 -23.61 -49.66 -37.00
CA TRP E 97 -24.16 -48.38 -37.47
C TRP E 97 -24.91 -48.58 -38.79
N GLN E 98 -24.25 -49.23 -39.76
CA GLN E 98 -24.85 -49.48 -41.06
C GLN E 98 -26.14 -50.30 -40.95
N SER E 99 -26.12 -51.40 -40.19
CA SER E 99 -27.34 -52.18 -39.96
C SER E 99 -28.39 -51.46 -39.12
N GLY E 100 -27.97 -50.70 -38.10
CA GLY E 100 -28.91 -49.99 -37.26
C GLY E 100 -29.66 -48.87 -37.95
N VAL E 101 -28.95 -48.18 -38.86
CA VAL E 101 -29.53 -47.00 -39.49
C VAL E 101 -30.71 -47.40 -40.40
N VAL E 102 -30.65 -48.60 -40.96
CA VAL E 102 -31.72 -49.11 -41.83
C VAL E 102 -32.67 -50.08 -41.13
N SER E 103 -32.48 -50.30 -39.82
CA SER E 103 -33.23 -51.32 -39.07
C SER E 103 -34.73 -51.04 -39.04
N GLY E 104 -35.10 -49.77 -39.13
CA GLY E 104 -36.50 -49.40 -39.18
C GLY E 104 -36.93 -49.01 -40.58
N TYR E 105 -36.09 -49.31 -41.56
CA TYR E 105 -36.31 -48.93 -42.98
C TYR E 105 -36.25 -47.40 -43.24
N TRP E 106 -37.29 -46.67 -42.82
CA TRP E 106 -37.23 -45.21 -42.78
C TRP E 106 -36.16 -44.75 -41.79
N ARG E 107 -35.61 -43.57 -42.07
CA ARG E 107 -34.37 -43.13 -41.45
C ARG E 107 -34.15 -41.65 -41.74
N ASN E 108 -32.96 -41.14 -41.42
CA ASN E 108 -32.56 -39.75 -41.68
C ASN E 108 -33.44 -38.73 -40.96
N GLY E 109 -33.55 -38.90 -39.65
CA GLY E 109 -34.32 -37.96 -38.83
C GLY E 109 -33.68 -37.76 -37.47
N PRO E 110 -34.09 -36.69 -36.76
CA PRO E 110 -33.36 -36.33 -35.52
C PRO E 110 -33.52 -37.34 -34.36
N ILE E 111 -34.75 -37.84 -34.16
CA ILE E 111 -35.01 -38.85 -33.12
C ILE E 111 -34.26 -40.15 -33.43
N MET E 112 -34.47 -40.66 -34.65
CA MET E 112 -33.71 -41.80 -35.19
C MET E 112 -32.21 -41.65 -34.95
N ASN E 113 -31.64 -40.50 -35.38
CA ASN E 113 -30.20 -40.34 -35.36
C ASN E 113 -29.64 -40.26 -33.95
N ASN E 114 -30.36 -39.60 -33.06
CA ASN E 114 -29.91 -39.51 -31.65
C ASN E 114 -29.81 -40.88 -30.97
N ALA E 115 -30.82 -41.72 -31.22
CA ALA E 115 -30.82 -43.10 -30.76
C ALA E 115 -29.59 -43.85 -31.25
N LEU E 116 -29.30 -43.75 -32.55
CA LEU E 116 -28.10 -44.37 -33.12
C LEU E 116 -26.80 -43.79 -32.57
N SER E 117 -26.83 -42.52 -32.21
CA SER E 117 -25.66 -41.79 -31.71
C SER E 117 -25.25 -42.27 -30.31
N GLY E 118 -26.24 -42.32 -29.41
CA GLY E 118 -26.04 -42.84 -28.06
C GLY E 118 -25.31 -44.17 -28.09
N VAL E 119 -25.78 -45.06 -28.98
CA VAL E 119 -25.13 -46.34 -29.24
C VAL E 119 -23.73 -46.19 -29.83
N ASP E 120 -23.59 -45.42 -30.91
CA ASP E 120 -22.33 -45.33 -31.65
C ASP E 120 -21.17 -44.83 -30.80
N MET E 121 -21.43 -43.76 -30.06
CA MET E 121 -20.46 -43.13 -29.17
C MET E 121 -20.06 -44.11 -28.05
N ALA E 122 -21.07 -44.72 -27.44
CA ALA E 122 -20.84 -45.78 -26.44
C ALA E 122 -19.93 -46.87 -26.95
N LEU E 123 -20.14 -47.28 -28.20
CA LEU E 123 -19.30 -48.32 -28.79
C LEU E 123 -17.89 -47.83 -29.01
N TRP E 124 -17.76 -46.57 -29.44
CA TRP E 124 -16.45 -45.94 -29.57
C TRP E 124 -15.72 -45.83 -28.21
N ASP E 125 -16.49 -45.50 -27.18
CA ASP E 125 -16.03 -45.43 -25.79
C ASP E 125 -15.48 -46.82 -25.36
N ILE E 126 -16.28 -47.87 -25.58
CA ILE E 126 -15.88 -49.27 -25.35
C ILE E 126 -14.59 -49.63 -26.10
N LYS E 127 -14.48 -49.21 -27.37
CA LYS E 127 -13.32 -49.57 -28.19
C LYS E 127 -12.02 -48.95 -27.67
N GLY E 128 -12.12 -47.70 -27.21
CA GLY E 128 -10.95 -47.01 -26.68
C GLY E 128 -10.46 -47.63 -25.37
N LYS E 129 -11.42 -47.91 -24.48
CA LYS E 129 -11.17 -48.62 -23.22
C LYS E 129 -10.46 -49.95 -23.48
N LEU E 130 -11.01 -50.73 -24.41
CA LEU E 130 -10.36 -51.98 -24.85
C LEU E 130 -8.96 -51.78 -25.37
N ALA E 131 -8.75 -50.68 -26.10
CA ALA E 131 -7.47 -50.44 -26.74
C ALA E 131 -6.50 -49.75 -25.77
N GLY E 132 -7.06 -49.25 -24.67
CA GLY E 132 -6.29 -48.44 -23.73
C GLY E 132 -5.78 -47.15 -24.37
N MET E 133 -6.61 -46.56 -25.23
CA MET E 133 -6.32 -45.25 -25.83
C MET E 133 -7.57 -44.38 -25.94
N PRO E 134 -7.40 -43.04 -25.89
CA PRO E 134 -8.60 -42.20 -26.08
C PRO E 134 -9.11 -42.31 -27.53
N VAL E 135 -10.41 -42.05 -27.73
CA VAL E 135 -11.01 -42.07 -29.08
C VAL E 135 -10.17 -41.27 -30.09
N TYR E 136 -9.70 -40.07 -29.72
CA TYR E 136 -8.86 -39.27 -30.62
C TYR E 136 -7.63 -40.01 -31.12
N ASP E 137 -7.11 -40.91 -30.29
CA ASP E 137 -5.93 -41.68 -30.67
C ASP E 137 -6.27 -42.83 -31.61
N LEU E 138 -7.45 -43.41 -31.45
CA LEU E 138 -7.97 -44.41 -32.38
C LEU E 138 -8.09 -43.75 -33.76
N LEU E 139 -8.64 -42.53 -33.79
CA LEU E 139 -8.96 -41.81 -35.02
C LEU E 139 -7.76 -41.21 -35.78
N GLY E 140 -6.57 -41.37 -35.25
CA GLY E 140 -5.33 -41.03 -35.96
C GLY E 140 -4.38 -40.14 -35.14
N GLY E 141 -4.84 -39.74 -33.95
CA GLY E 141 -4.00 -38.99 -33.00
C GLY E 141 -4.24 -37.49 -32.98
N LYS E 142 -3.50 -36.79 -32.14
CA LYS E 142 -3.57 -35.32 -32.02
C LYS E 142 -3.03 -34.61 -33.25
N CYS E 143 -3.81 -33.65 -33.75
CA CYS E 143 -3.38 -32.80 -34.86
C CYS E 143 -3.10 -31.39 -34.35
N ARG E 144 -3.44 -31.15 -33.09
CA ARG E 144 -3.17 -29.87 -32.44
C ARG E 144 -2.90 -30.06 -30.96
N ASP E 145 -2.43 -29.00 -30.31
CA ASP E 145 -2.00 -29.07 -28.92
C ASP E 145 -3.08 -28.65 -27.95
N GLY E 146 -4.22 -28.18 -28.48
CA GLY E 146 -5.33 -27.69 -27.66
C GLY E 146 -6.48 -27.29 -28.58
N ILE E 147 -7.68 -27.16 -28.02
CA ILE E 147 -8.88 -26.89 -28.82
C ILE E 147 -9.42 -25.48 -28.62
N PRO E 148 -9.19 -24.58 -29.60
CA PRO E 148 -9.75 -23.21 -29.46
C PRO E 148 -11.25 -23.20 -29.38
N LEU E 149 -11.76 -22.37 -28.47
CA LEU E 149 -13.17 -22.27 -28.19
C LEU E 149 -13.80 -20.93 -28.58
N TYR E 150 -15.11 -20.94 -28.77
CA TYR E 150 -15.85 -19.69 -28.66
C TYR E 150 -17.03 -19.78 -27.77
N CYS E 151 -17.37 -18.65 -27.15
CA CYS E 151 -18.51 -18.64 -26.26
C CYS E 151 -19.50 -17.56 -26.66
N HIS E 152 -20.67 -17.59 -26.03
CA HIS E 152 -21.79 -16.71 -26.32
C HIS E 152 -21.72 -15.41 -25.52
N THR E 153 -21.89 -14.27 -26.20
CA THR E 153 -22.11 -12.99 -25.53
C THR E 153 -23.38 -12.37 -26.07
N ASP E 154 -24.16 -11.80 -25.16
CA ASP E 154 -25.46 -11.25 -25.49
C ASP E 154 -25.66 -9.93 -24.76
N GLY E 155 -26.79 -9.27 -25.02
CA GLY E 155 -27.06 -7.97 -24.42
C GLY E 155 -28.30 -7.35 -24.98
N GLY E 156 -28.95 -6.52 -24.16
CA GLY E 156 -30.07 -5.74 -24.61
C GLY E 156 -29.67 -4.62 -25.54
N ASP E 157 -28.42 -4.15 -25.42
CA ASP E 157 -27.93 -3.07 -26.29
C ASP E 157 -26.46 -3.29 -26.58
N GLU E 158 -25.88 -2.47 -27.47
CA GLU E 158 -24.49 -2.61 -27.91
C GLU E 158 -23.48 -2.58 -26.77
N VAL E 159 -23.70 -1.67 -25.84
CA VAL E 159 -22.82 -1.48 -24.70
C VAL E 159 -22.82 -2.73 -23.80
N GLU E 160 -23.99 -3.29 -23.58
CA GLU E 160 -24.08 -4.52 -22.80
C GLU E 160 -23.30 -5.68 -23.45
N VAL E 161 -23.46 -5.84 -24.76
CA VAL E 161 -22.74 -6.86 -25.50
C VAL E 161 -21.25 -6.62 -25.38
N GLU E 162 -20.85 -5.36 -25.56
CA GLU E 162 -19.46 -4.93 -25.43
C GLU E 162 -18.86 -5.35 -24.08
N ASP E 163 -19.55 -5.02 -22.98
CA ASP E 163 -19.10 -5.39 -21.62
C ASP E 163 -18.93 -6.89 -21.44
N ASN E 164 -19.87 -7.65 -22.00
CA ASN E 164 -19.83 -9.10 -21.92
C ASN E 164 -18.66 -9.72 -22.68
N ILE E 165 -18.35 -9.17 -23.85
CA ILE E 165 -17.15 -9.56 -24.60
C ILE E 165 -15.88 -9.28 -23.82
N ARG E 166 -15.81 -8.08 -23.23
CA ARG E 166 -14.63 -7.71 -22.42
C ARG E 166 -14.39 -8.73 -21.30
N ALA E 167 -15.47 -9.11 -20.63
CA ALA E 167 -15.42 -10.11 -19.56
C ALA E 167 -14.91 -11.46 -20.06
N ARG E 168 -15.44 -11.94 -21.19
CA ARG E 168 -14.98 -13.22 -21.75
C ARG E 168 -13.54 -13.13 -22.23
N MET E 169 -13.14 -11.98 -22.76
CA MET E 169 -11.74 -11.78 -23.17
C MET E 169 -10.73 -11.85 -22.01
N GLU E 170 -11.14 -11.35 -20.85
CA GLU E 170 -10.34 -11.40 -19.63
C GLU E 170 -10.06 -12.85 -19.23
N GLU E 171 -11.07 -13.72 -19.40
CA GLU E 171 -10.94 -15.19 -19.21
C GLU E 171 -10.08 -15.90 -20.26
N GLY E 172 -9.70 -15.19 -21.32
CA GLY E 172 -8.79 -15.75 -22.32
C GLY E 172 -9.43 -16.22 -23.62
N TYR E 173 -10.73 -15.98 -23.79
CA TYR E 173 -11.44 -16.32 -25.05
C TYR E 173 -11.00 -15.37 -26.16
N GLN E 174 -10.63 -15.96 -27.29
CA GLN E 174 -10.12 -15.22 -28.45
C GLN E 174 -11.14 -15.22 -29.62
N TYR E 175 -12.28 -15.88 -29.37
CA TYR E 175 -13.37 -16.02 -30.33
C TYR E 175 -14.64 -15.88 -29.53
N VAL E 176 -15.53 -15.01 -29.95
CA VAL E 176 -16.83 -14.89 -29.30
C VAL E 176 -17.96 -14.76 -30.31
N ARG E 177 -19.13 -15.24 -29.92
CA ARG E 177 -20.35 -15.01 -30.65
C ARG E 177 -21.04 -13.80 -30.05
N CYS E 178 -21.52 -12.92 -30.91
CA CYS E 178 -22.08 -11.64 -30.51
C CYS E 178 -23.51 -11.48 -31.01
N GLN E 179 -24.45 -11.52 -30.10
CA GLN E 179 -25.85 -11.28 -30.44
C GLN E 179 -26.36 -10.13 -29.59
N MET E 180 -27.28 -9.35 -30.15
CA MET E 180 -27.94 -8.33 -29.39
C MET E 180 -29.42 -8.67 -29.37
N GLY E 181 -29.83 -9.34 -28.29
CA GLY E 181 -31.20 -9.84 -28.16
C GLY E 181 -31.38 -11.24 -28.75
N MET E 182 -30.41 -12.12 -28.50
CA MET E 182 -30.46 -13.55 -28.87
C MET E 182 -30.66 -13.72 -30.40
N TYR E 183 -31.79 -14.31 -30.81
CA TYR E 183 -32.08 -14.57 -32.23
C TYR E 183 -33.22 -13.69 -32.72
N GLY E 184 -32.99 -13.02 -33.86
CA GLY E 184 -33.96 -12.03 -34.38
C GLY E 184 -34.25 -10.82 -33.50
N GLY E 185 -33.41 -10.58 -32.50
CA GLY E 185 -33.57 -9.44 -31.59
C GLY E 185 -34.59 -9.70 -30.48
N ALA E 186 -35.14 -10.92 -30.46
CA ALA E 186 -36.29 -11.27 -29.61
C ALA E 186 -35.92 -11.51 -28.15
N GLY E 187 -34.68 -11.94 -27.91
CA GLY E 187 -34.26 -12.41 -26.59
C GLY E 187 -34.89 -13.76 -26.32
N THR E 188 -34.84 -14.19 -25.07
CA THR E 188 -35.58 -15.38 -24.62
C THR E 188 -35.96 -15.30 -23.13
N ASP E 189 -37.22 -15.62 -22.83
CA ASP E 189 -37.67 -15.79 -21.44
C ASP E 189 -37.84 -17.27 -21.08
N ASP E 190 -37.98 -18.10 -22.13
CA ASP E 190 -38.10 -19.54 -22.02
C ASP E 190 -36.82 -20.17 -21.44
N LEU E 191 -36.91 -20.64 -20.19
CA LEU E 191 -35.80 -21.27 -19.46
C LEU E 191 -35.26 -22.56 -20.08
N LYS E 192 -36.07 -23.15 -20.94
CA LYS E 192 -35.76 -24.33 -21.71
C LYS E 192 -34.70 -24.11 -22.77
N LEU E 193 -34.63 -22.93 -23.39
CA LEU E 193 -33.61 -22.75 -24.41
C LEU E 193 -32.18 -22.80 -23.93
N ILE E 194 -31.88 -21.98 -22.94
CA ILE E 194 -30.54 -21.85 -22.43
C ILE E 194 -30.35 -21.91 -20.89
N ALA E 195 -31.41 -22.05 -20.16
CA ALA E 195 -31.30 -22.07 -18.70
C ALA E 195 -30.89 -20.65 -18.21
N THR E 196 -30.99 -19.66 -19.08
CA THR E 196 -30.71 -18.28 -18.69
C THR E 196 -31.62 -17.38 -19.52
N GLN E 197 -32.23 -16.40 -18.89
CA GLN E 197 -33.15 -15.53 -19.60
C GLN E 197 -32.42 -14.34 -20.17
N LEU E 198 -32.35 -14.30 -21.47
CA LEU E 198 -31.61 -13.24 -22.17
C LEU E 198 -32.58 -12.15 -22.66
N ALA E 199 -32.22 -10.89 -22.44
CA ALA E 199 -33.08 -9.74 -22.74
C ALA E 199 -33.34 -9.52 -24.25
N ARG E 200 -34.56 -9.06 -24.57
CA ARG E 200 -34.90 -8.52 -25.89
C ARG E 200 -34.05 -7.27 -26.19
N ALA E 201 -33.76 -7.04 -27.48
CA ALA E 201 -33.11 -5.81 -27.95
C ALA E 201 -33.97 -4.58 -27.63
N LYS E 202 -33.40 -3.68 -26.83
CA LYS E 202 -34.07 -2.46 -26.33
C LYS E 202 -34.47 -1.44 -27.41
N ASN E 203 -33.53 -1.11 -28.29
CA ASN E 203 -33.65 0.07 -29.16
C ASN E 203 -34.07 -0.23 -30.60
N ILE E 204 -34.16 -1.52 -30.91
CA ILE E 204 -34.85 -2.02 -32.10
C ILE E 204 -36.29 -1.47 -32.07
N GLN E 205 -36.68 -0.79 -33.15
CA GLN E 205 -38.02 -0.23 -33.33
C GLN E 205 -38.83 -1.14 -34.27
N PRO E 206 -39.48 -2.18 -33.70
CA PRO E 206 -40.16 -3.14 -34.57
C PRO E 206 -41.43 -2.57 -35.18
N LYS E 207 -41.87 -3.15 -36.29
CA LYS E 207 -43.14 -2.77 -36.92
C LYS E 207 -44.28 -3.02 -35.95
N ARG E 208 -45.32 -2.21 -36.06
CA ARG E 208 -46.57 -2.40 -35.33
CA ARG E 208 -46.52 -2.46 -35.27
C ARG E 208 -47.31 -3.62 -35.87
N SER E 209 -47.84 -4.46 -34.98
CA SER E 209 -48.62 -5.63 -35.32
C SER E 209 -50.07 -5.27 -35.67
N PRO E 210 -50.83 -6.24 -36.25
CA PRO E 210 -52.28 -6.06 -36.40
C PRO E 210 -53.02 -5.94 -35.05
N ARG E 211 -54.29 -5.53 -35.09
CA ARG E 211 -55.08 -5.22 -33.88
C ARG E 211 -55.38 -6.36 -32.88
N SER E 212 -54.93 -7.57 -33.18
CA SER E 212 -54.92 -8.68 -32.24
C SER E 212 -53.78 -9.59 -32.65
N LYS E 213 -53.31 -10.42 -31.74
CA LYS E 213 -52.11 -11.20 -32.01
C LYS E 213 -52.30 -12.62 -31.54
N THR E 214 -52.08 -13.57 -32.45
CA THR E 214 -51.98 -14.96 -32.04
C THR E 214 -50.78 -15.08 -31.09
N PRO E 215 -50.93 -15.83 -29.98
CA PRO E 215 -49.82 -16.06 -29.06
C PRO E 215 -48.52 -16.49 -29.75
N GLY E 216 -47.40 -15.99 -29.25
CA GLY E 216 -46.08 -16.36 -29.76
C GLY E 216 -45.01 -15.36 -29.37
N ILE E 217 -43.75 -15.73 -29.58
CA ILE E 217 -42.62 -14.84 -29.33
C ILE E 217 -42.41 -14.00 -30.59
N TYR E 218 -42.87 -12.75 -30.53
CA TYR E 218 -42.79 -11.86 -31.68
C TYR E 218 -41.39 -11.26 -31.92
N PHE E 219 -41.06 -11.09 -33.19
CA PHE E 219 -39.78 -10.52 -33.60
C PHE E 219 -39.96 -9.80 -34.91
N ASP E 220 -39.05 -8.88 -35.22
CA ASP E 220 -39.08 -8.16 -36.48
C ASP E 220 -37.80 -8.45 -37.25
N PRO E 221 -37.89 -9.29 -38.30
CA PRO E 221 -36.68 -9.68 -39.05
C PRO E 221 -35.95 -8.50 -39.71
N ASP E 222 -36.71 -7.50 -40.20
CA ASP E 222 -36.13 -6.34 -40.85
C ASP E 222 -35.41 -5.40 -39.88
N ALA E 223 -36.02 -5.18 -38.71
CA ALA E 223 -35.39 -4.36 -37.66
C ALA E 223 -34.13 -5.08 -37.16
N TYR E 224 -34.23 -6.40 -36.98
CA TYR E 224 -33.10 -7.22 -36.60
C TYR E 224 -31.97 -7.12 -37.61
N ALA E 225 -32.28 -7.30 -38.90
CA ALA E 225 -31.24 -7.33 -39.93
C ALA E 225 -30.46 -6.04 -39.97
N LYS E 226 -31.17 -4.92 -39.83
CA LYS E 226 -30.57 -3.59 -39.86
C LYS E 226 -29.71 -3.27 -38.63
N SER E 227 -29.98 -4.00 -37.55
CA SER E 227 -29.32 -3.74 -36.27
C SER E 227 -27.95 -4.41 -36.20
N VAL E 228 -27.76 -5.48 -36.97
CA VAL E 228 -26.51 -6.24 -36.98
C VAL E 228 -25.28 -5.43 -37.46
N PRO E 229 -25.35 -4.74 -38.62
CA PRO E 229 -24.16 -3.94 -38.97
C PRO E 229 -23.86 -2.81 -37.97
N ARG E 230 -24.90 -2.22 -37.39
CA ARG E 230 -24.73 -1.18 -36.35
C ARG E 230 -24.01 -1.73 -35.13
N LEU E 231 -24.43 -2.92 -34.70
CA LEU E 231 -23.78 -3.63 -33.61
C LEU E 231 -22.29 -3.88 -33.88
N PHE E 232 -21.97 -4.46 -35.04
CA PHE E 232 -20.58 -4.75 -35.34
C PHE E 232 -19.69 -3.53 -35.58
N ASP E 233 -20.28 -2.44 -36.06
CA ASP E 233 -19.56 -1.18 -36.20
C ASP E 233 -19.13 -0.68 -34.83
N HIS E 234 -20.06 -0.71 -33.87
CA HIS E 234 -19.77 -0.33 -32.51
C HIS E 234 -18.76 -1.28 -31.87
N LEU E 235 -18.97 -2.58 -32.02
CA LEU E 235 -18.03 -3.56 -31.45
C LEU E 235 -16.61 -3.46 -32.01
N ARG E 236 -16.47 -3.25 -33.32
CA ARG E 236 -15.12 -3.16 -33.91
C ARG E 236 -14.45 -1.85 -33.50
N ASN E 237 -15.22 -0.78 -33.41
CA ASN E 237 -14.69 0.48 -32.89
C ASN E 237 -14.16 0.34 -31.46
N LYS E 238 -14.98 -0.26 -30.57
CA LYS E 238 -14.64 -0.34 -29.16
C LYS E 238 -13.63 -1.42 -28.84
N LEU E 239 -13.57 -2.49 -29.64
CA LEU E 239 -12.75 -3.67 -29.31
C LEU E 239 -11.65 -4.06 -30.31
N GLY E 240 -11.64 -3.45 -31.49
CA GLY E 240 -10.58 -3.75 -32.45
C GLY E 240 -10.82 -5.01 -33.25
N PHE E 241 -9.84 -5.36 -34.07
CA PHE E 241 -9.96 -6.46 -35.04
C PHE E 241 -9.16 -7.71 -34.66
N GLY E 242 -8.53 -7.70 -33.50
CA GLY E 242 -7.77 -8.85 -33.02
C GLY E 242 -8.70 -9.97 -32.57
N ILE E 243 -9.73 -9.62 -31.82
CA ILE E 243 -10.74 -10.57 -31.36
C ILE E 243 -11.59 -11.13 -32.53
N GLU E 244 -11.87 -12.43 -32.51
CA GLU E 244 -12.71 -13.05 -33.53
C GLU E 244 -14.19 -12.98 -33.18
N PHE E 245 -15.00 -12.59 -34.17
CA PHE E 245 -16.43 -12.41 -33.99
C PHE E 245 -17.25 -13.39 -34.83
N ILE E 246 -18.27 -13.97 -34.20
CA ILE E 246 -19.24 -14.86 -34.86
C ILE E 246 -20.60 -14.24 -34.65
N HIS E 247 -21.43 -14.33 -35.68
CA HIS E 247 -22.81 -13.94 -35.50
C HIS E 247 -23.76 -14.97 -36.09
N ASP E 248 -24.84 -15.26 -35.36
CA ASP E 248 -25.80 -16.31 -35.74
C ASP E 248 -27.11 -15.68 -36.20
N VAL E 249 -27.42 -15.81 -37.50
CA VAL E 249 -28.65 -15.33 -38.11
C VAL E 249 -29.83 -16.23 -37.70
N HIS E 250 -29.53 -17.50 -37.46
CA HIS E 250 -30.51 -18.46 -36.93
C HIS E 250 -31.76 -18.54 -37.81
N GLU E 251 -31.55 -18.66 -39.12
CA GLU E 251 -32.64 -18.74 -40.12
C GLU E 251 -33.77 -17.69 -39.98
N ARG E 252 -33.47 -16.53 -39.39
CA ARG E 252 -34.50 -15.54 -39.04
C ARG E 252 -34.96 -14.56 -40.13
N VAL E 253 -34.29 -14.51 -41.28
CA VAL E 253 -34.65 -13.51 -42.28
C VAL E 253 -34.88 -14.17 -43.67
N THR E 254 -35.43 -13.43 -44.62
CA THR E 254 -35.58 -13.96 -45.99
C THR E 254 -34.17 -14.15 -46.60
N PRO E 255 -34.04 -15.08 -47.57
CA PRO E 255 -32.70 -15.34 -48.06
C PRO E 255 -32.00 -14.11 -48.63
N VAL E 256 -32.71 -13.29 -49.39
CA VAL E 256 -32.04 -12.11 -49.98
C VAL E 256 -31.61 -11.10 -48.90
N THR E 257 -32.38 -10.99 -47.83
CA THR E 257 -31.98 -10.19 -46.66
C THR E 257 -30.70 -10.75 -46.06
N ALA E 258 -30.60 -12.08 -45.94
CA ALA E 258 -29.37 -12.71 -45.45
C ALA E 258 -28.16 -12.44 -46.38
N ILE E 259 -28.40 -12.45 -47.69
CA ILE E 259 -27.31 -12.18 -48.64
C ILE E 259 -26.83 -10.75 -48.48
N ASN E 260 -27.78 -9.81 -48.34
CA ASN E 260 -27.41 -8.43 -48.17
C ASN E 260 -26.67 -8.22 -46.87
N LEU E 261 -27.15 -8.89 -45.83
CA LEU E 261 -26.47 -8.91 -44.52
C LEU E 261 -25.02 -9.39 -44.59
N ALA E 262 -24.77 -10.53 -45.25
CA ALA E 262 -23.43 -11.05 -45.46
C ALA E 262 -22.52 -10.03 -46.19
N LYS E 263 -23.06 -9.37 -47.21
CA LYS E 263 -22.29 -8.36 -47.93
C LYS E 263 -21.95 -7.14 -47.03
N THR E 264 -22.92 -6.64 -46.28
CA THR E 264 -22.72 -5.46 -45.42
C THR E 264 -21.76 -5.77 -44.26
N LEU E 265 -21.68 -7.05 -43.86
CA LEU E 265 -20.79 -7.43 -42.76
C LEU E 265 -19.36 -7.75 -43.17
N GLU E 266 -19.07 -7.79 -44.47
CA GLU E 266 -17.72 -8.13 -44.94
C GLU E 266 -16.64 -7.25 -44.32
N GLN E 267 -16.94 -5.96 -44.22
CA GLN E 267 -16.00 -4.99 -43.64
C GLN E 267 -15.63 -5.28 -42.18
N TYR E 268 -16.52 -5.96 -41.45
CA TYR E 268 -16.24 -6.27 -40.04
C TYR E 268 -15.51 -7.59 -39.81
N GLN E 269 -15.27 -8.33 -40.89
CA GLN E 269 -14.35 -9.50 -40.87
C GLN E 269 -14.69 -10.54 -39.79
N LEU E 270 -15.91 -11.04 -39.91
CA LEU E 270 -16.39 -12.08 -39.02
C LEU E 270 -15.64 -13.37 -39.25
N PHE E 271 -15.44 -14.13 -38.18
CA PHE E 271 -14.88 -15.46 -38.28
C PHE E 271 -15.87 -16.35 -39.06
N TYR E 272 -17.14 -16.26 -38.70
CA TYR E 272 -18.22 -16.69 -39.60
C TYR E 272 -19.57 -16.11 -39.28
N LEU E 273 -20.42 -16.07 -40.32
CA LEU E 273 -21.83 -15.75 -40.19
C LEU E 273 -22.59 -17.07 -40.31
N GLU E 274 -23.43 -17.33 -39.31
CA GLU E 274 -23.97 -18.66 -39.11
C GLU E 274 -25.43 -18.76 -39.51
N ASP E 275 -25.78 -19.91 -40.11
CA ASP E 275 -27.17 -20.18 -40.54
C ASP E 275 -27.88 -19.00 -41.23
N PRO E 276 -27.27 -18.45 -42.29
CA PRO E 276 -28.00 -17.38 -42.97
C PRO E 276 -29.32 -17.85 -43.63
N VAL E 277 -29.42 -19.14 -43.94
CA VAL E 277 -30.67 -19.71 -44.45
C VAL E 277 -31.12 -20.94 -43.64
N ALA E 278 -32.41 -21.27 -43.73
CA ALA E 278 -32.95 -22.55 -43.25
C ALA E 278 -32.44 -23.73 -44.10
N PRO E 279 -32.40 -24.97 -43.55
CA PRO E 279 -32.04 -26.14 -44.37
C PRO E 279 -32.94 -26.29 -45.62
N GLU E 280 -34.18 -25.86 -45.49
CA GLU E 280 -35.16 -25.93 -46.59
C GLU E 280 -34.87 -24.93 -47.71
N ASN E 281 -34.01 -23.95 -47.42
CA ASN E 281 -33.61 -22.94 -48.41
C ASN E 281 -32.14 -23.00 -48.82
N ILE E 282 -31.48 -24.13 -48.64
CA ILE E 282 -30.06 -24.29 -49.00
C ILE E 282 -29.67 -23.84 -50.42
N ASP E 283 -30.57 -23.96 -51.39
CA ASP E 283 -30.32 -23.51 -52.79
C ASP E 283 -29.93 -22.03 -52.87
N TRP E 284 -30.45 -21.21 -51.96
CA TRP E 284 -30.12 -19.79 -51.93
C TRP E 284 -28.65 -19.46 -51.63
N LEU E 285 -27.90 -20.42 -51.09
CA LEU E 285 -26.46 -20.21 -50.84
C LEU E 285 -25.66 -20.11 -52.14
N LYS E 286 -26.19 -20.68 -53.24
CA LYS E 286 -25.60 -20.43 -54.57
C LYS E 286 -25.50 -18.95 -54.87
N MET E 287 -26.60 -18.23 -54.63
CA MET E 287 -26.61 -16.79 -54.92
C MET E 287 -25.74 -16.06 -53.90
N LEU E 288 -25.85 -16.45 -52.63
CA LEU E 288 -25.04 -15.82 -51.58
C LEU E 288 -23.54 -15.86 -51.93
N ARG E 289 -23.07 -17.03 -52.36
CA ARG E 289 -21.64 -17.24 -52.56
C ARG E 289 -21.11 -16.63 -53.87
N GLN E 290 -22.02 -16.22 -54.75
CA GLN E 290 -21.68 -15.47 -55.97
CA GLN E 290 -21.65 -15.47 -55.96
C GLN E 290 -21.34 -14.02 -55.62
N GLN E 291 -21.84 -13.56 -54.48
CA GLN E 291 -21.77 -12.16 -54.12
C GLN E 291 -20.97 -11.80 -52.89
N SER E 292 -20.94 -12.69 -51.89
CA SER E 292 -20.31 -12.32 -50.61
C SER E 292 -19.11 -13.18 -50.26
N SER E 293 -18.12 -12.55 -49.62
CA SER E 293 -16.92 -13.24 -49.13
C SER E 293 -16.82 -13.29 -47.59
N THR E 294 -17.89 -12.92 -46.90
CA THR E 294 -18.06 -13.21 -45.45
C THR E 294 -18.07 -14.71 -45.24
N PRO E 295 -17.23 -15.22 -44.29
CA PRO E 295 -17.25 -16.69 -44.10
C PRO E 295 -18.60 -17.19 -43.61
N ILE E 296 -19.01 -18.37 -44.08
CA ILE E 296 -20.35 -18.87 -43.80
C ILE E 296 -20.24 -20.21 -43.07
N SER E 297 -21.11 -20.37 -42.08
CA SER E 297 -21.31 -21.70 -41.49
C SER E 297 -22.78 -22.07 -41.54
N MET E 298 -23.04 -23.37 -41.60
CA MET E 298 -24.39 -23.91 -41.68
C MET E 298 -24.38 -25.28 -41.02
N GLY E 299 -25.52 -25.63 -40.45
CA GLY E 299 -25.81 -27.06 -40.31
C GLY E 299 -26.14 -27.70 -38.98
N GLU E 300 -26.34 -26.91 -37.93
CA GLU E 300 -26.74 -27.50 -36.62
C GLU E 300 -28.04 -28.29 -36.72
N LEU E 301 -28.87 -27.89 -37.66
CA LEU E 301 -30.18 -28.49 -37.92
C LEU E 301 -30.17 -29.66 -38.90
N PHE E 302 -29.03 -29.95 -39.51
CA PHE E 302 -28.97 -30.97 -40.58
C PHE E 302 -29.12 -32.37 -40.02
N VAL E 303 -29.86 -33.21 -40.73
CA VAL E 303 -30.11 -34.60 -40.33
C VAL E 303 -30.00 -35.54 -41.55
N ASN E 304 -29.65 -34.98 -42.70
CA ASN E 304 -29.74 -35.70 -43.97
C ASN E 304 -28.55 -35.34 -44.86
N VAL E 305 -27.90 -36.35 -45.44
CA VAL E 305 -26.80 -36.16 -46.39
C VAL E 305 -27.17 -35.20 -47.55
N ASN E 306 -28.42 -35.21 -47.97
CA ASN E 306 -28.88 -34.34 -49.05
C ASN E 306 -29.00 -32.86 -48.63
N GLU E 307 -28.80 -32.58 -47.34
CA GLU E 307 -28.68 -31.21 -46.84
C GLU E 307 -27.26 -30.68 -46.93
N TRP E 308 -26.30 -31.45 -46.47
CA TRP E 308 -24.95 -30.93 -46.39
C TRP E 308 -24.10 -31.25 -47.60
N LYS E 309 -24.39 -32.35 -48.29
CA LYS E 309 -23.57 -32.75 -49.42
C LYS E 309 -23.55 -31.73 -50.57
N PRO E 310 -24.71 -31.16 -50.97
CA PRO E 310 -24.65 -30.12 -52.02
C PRO E 310 -23.85 -28.87 -51.60
N LEU E 311 -23.93 -28.50 -50.34
CA LEU E 311 -23.20 -27.33 -49.84
C LEU E 311 -21.70 -27.55 -49.88
N ILE E 312 -21.27 -28.71 -49.41
CA ILE E 312 -19.84 -29.00 -49.34
C ILE E 312 -19.22 -29.20 -50.73
N ASP E 313 -19.89 -30.00 -51.57
CA ASP E 313 -19.51 -30.23 -52.98
C ASP E 313 -19.28 -28.96 -53.78
N ASN E 314 -20.13 -27.98 -53.51
CA ASN E 314 -20.07 -26.73 -54.24
C ASN E 314 -19.42 -25.57 -53.48
N ARG E 315 -18.78 -25.90 -52.35
CA ARG E 315 -18.03 -24.91 -51.54
C ARG E 315 -18.89 -23.72 -51.15
N LEU E 316 -20.12 -24.02 -50.75
CA LEU E 316 -21.12 -22.98 -50.44
C LEU E 316 -21.07 -22.54 -48.97
N ILE E 317 -20.25 -23.25 -48.19
CA ILE E 317 -19.98 -22.93 -46.78
C ILE E 317 -18.49 -23.13 -46.47
N ASP E 318 -18.06 -22.54 -45.36
CA ASP E 318 -16.66 -22.65 -44.94
C ASP E 318 -16.51 -23.49 -43.67
N TYR E 319 -17.62 -23.63 -42.93
CA TYR E 319 -17.67 -24.46 -41.73
C TYR E 319 -18.98 -25.23 -41.70
N ILE E 320 -18.87 -26.54 -41.41
CA ILE E 320 -20.03 -27.40 -41.17
C ILE E 320 -20.32 -27.47 -39.66
N ARG E 321 -21.58 -27.28 -39.29
CA ARG E 321 -22.00 -27.05 -37.90
C ARG E 321 -22.81 -28.16 -37.24
N CYS E 322 -22.75 -29.38 -37.78
CA CYS E 322 -23.70 -30.42 -37.35
C CYS E 322 -23.64 -30.73 -35.85
N HIS E 323 -24.79 -30.95 -35.29
CA HIS E 323 -24.95 -31.52 -33.97
C HIS E 323 -24.65 -33.02 -34.07
N VAL E 324 -23.51 -33.41 -33.57
CA VAL E 324 -22.94 -34.74 -33.79
C VAL E 324 -23.94 -35.87 -33.48
N SER E 325 -24.70 -35.73 -32.41
CA SER E 325 -25.69 -36.74 -32.05
C SER E 325 -26.88 -36.77 -33.03
N THR E 326 -27.21 -35.62 -33.58
CA THR E 326 -28.37 -35.48 -34.46
C THR E 326 -28.06 -35.91 -35.91
N ILE E 327 -26.79 -36.20 -36.21
CA ILE E 327 -26.44 -36.86 -37.47
C ILE E 327 -26.03 -38.31 -37.29
N GLY E 328 -26.10 -38.79 -36.05
CA GLY E 328 -26.00 -40.23 -35.80
C GLY E 328 -24.76 -40.71 -35.05
N GLY E 329 -23.96 -39.77 -34.55
CA GLY E 329 -22.80 -40.13 -33.74
C GLY E 329 -21.47 -39.84 -34.36
N ILE E 330 -20.43 -40.44 -33.78
CA ILE E 330 -19.05 -40.27 -34.23
C ILE E 330 -18.81 -40.87 -35.62
N THR E 331 -19.37 -42.06 -35.86
CA THR E 331 -19.17 -42.75 -37.13
C THR E 331 -19.56 -41.85 -38.34
N PRO E 332 -20.81 -41.34 -38.40
CA PRO E 332 -21.08 -40.45 -39.53
C PRO E 332 -20.37 -39.08 -39.45
N ALA E 333 -20.11 -38.55 -38.24
CA ALA E 333 -19.37 -37.27 -38.10
C ALA E 333 -17.96 -37.36 -38.67
N ARG E 334 -17.30 -38.48 -38.45
CA ARG E 334 -15.97 -38.72 -39.01
CA ARG E 334 -15.98 -38.71 -39.01
C ARG E 334 -16.02 -38.60 -40.54
N LYS E 335 -17.02 -39.25 -41.15
CA LYS E 335 -17.20 -39.24 -42.61
CA LYS E 335 -17.17 -39.24 -42.61
C LYS E 335 -17.37 -37.81 -43.12
N LEU E 336 -18.23 -37.08 -42.43
CA LEU E 336 -18.53 -35.70 -42.76
C LEU E 336 -17.28 -34.81 -42.62
N ALA E 337 -16.50 -35.04 -41.57
CA ALA E 337 -15.25 -34.31 -41.37
C ALA E 337 -14.31 -34.53 -42.54
N VAL E 338 -14.20 -35.78 -43.00
CA VAL E 338 -13.35 -36.12 -44.12
C VAL E 338 -13.84 -35.50 -45.46
N TYR E 339 -15.16 -35.58 -45.68
CA TYR E 339 -15.77 -35.05 -46.90
C TYR E 339 -15.51 -33.53 -46.98
N SER E 340 -15.71 -32.88 -45.84
CA SER E 340 -15.38 -31.45 -45.67
C SER E 340 -13.91 -31.15 -45.95
N GLU E 341 -13.01 -31.92 -45.31
CA GLU E 341 -11.56 -31.76 -45.46
C GLU E 341 -11.11 -31.75 -46.90
N LEU E 342 -11.66 -32.68 -47.68
CA LEU E 342 -11.26 -32.83 -49.06
C LEU E 342 -11.77 -31.69 -49.94
N ASN E 343 -12.76 -30.96 -49.43
CA ASN E 343 -13.30 -29.78 -50.10
C ASN E 343 -12.85 -28.47 -49.47
N GLY E 344 -11.85 -28.55 -48.59
CA GLY E 344 -11.31 -27.37 -47.88
C GLY E 344 -12.29 -26.69 -46.94
N VAL E 345 -13.26 -27.46 -46.46
CA VAL E 345 -14.27 -26.94 -45.55
C VAL E 345 -13.86 -27.43 -44.16
N ARG E 346 -14.08 -26.59 -43.16
CA ARG E 346 -13.64 -26.90 -41.79
C ARG E 346 -14.79 -27.27 -40.85
N THR E 347 -14.45 -27.90 -39.71
CA THR E 347 -15.50 -28.35 -38.78
C THR E 347 -15.81 -27.32 -37.69
N ALA E 348 -17.06 -27.25 -37.31
CA ALA E 348 -17.49 -26.39 -36.20
C ALA E 348 -18.67 -27.06 -35.50
N TRP E 349 -18.42 -28.21 -34.89
CA TRP E 349 -19.51 -29.00 -34.28
C TRP E 349 -20.34 -28.18 -33.31
N HIS E 350 -21.63 -28.40 -33.35
CA HIS E 350 -22.57 -27.70 -32.51
C HIS E 350 -22.20 -27.94 -31.05
N GLY E 351 -22.10 -26.89 -30.26
CA GLY E 351 -21.83 -27.03 -28.81
C GLY E 351 -22.64 -26.11 -27.93
N PRO E 352 -23.98 -26.29 -27.87
CA PRO E 352 -24.85 -25.44 -27.09
C PRO E 352 -24.99 -25.90 -25.61
N GLY E 353 -26.05 -25.46 -24.94
CA GLY E 353 -26.37 -26.01 -23.62
C GLY E 353 -26.95 -27.41 -23.76
N ASP E 354 -27.79 -27.61 -24.78
CA ASP E 354 -28.47 -28.91 -25.02
C ASP E 354 -27.64 -29.99 -25.69
N ILE E 355 -26.59 -30.37 -24.98
CA ILE E 355 -25.68 -31.42 -25.32
C ILE E 355 -25.18 -31.87 -23.96
N SER E 356 -25.05 -33.17 -23.75
CA SER E 356 -24.52 -33.70 -22.51
C SER E 356 -22.99 -33.59 -22.58
N PRO E 357 -22.31 -33.65 -21.42
CA PRO E 357 -20.83 -33.65 -21.39
C PRO E 357 -20.18 -34.81 -22.15
N VAL E 358 -20.91 -35.91 -22.34
CA VAL E 358 -20.43 -37.00 -23.19
C VAL E 358 -20.35 -36.52 -24.66
N GLY E 359 -21.38 -35.81 -25.10
CA GLY E 359 -21.38 -35.21 -26.44
C GLY E 359 -20.30 -34.17 -26.66
N VAL E 360 -20.10 -33.33 -25.65
CA VAL E 360 -19.00 -32.35 -25.64
C VAL E 360 -17.67 -33.07 -25.84
N CYS E 361 -17.49 -34.21 -25.17
CA CYS E 361 -16.26 -34.98 -25.31
C CYS E 361 -16.13 -35.56 -26.71
N ALA E 362 -17.23 -36.10 -27.23
CA ALA E 362 -17.27 -36.63 -28.61
C ALA E 362 -16.81 -35.58 -29.65
N ASN E 363 -17.44 -34.39 -29.60
CA ASN E 363 -17.00 -33.20 -30.39
C ASN E 363 -15.50 -33.01 -30.38
N MET E 364 -14.91 -33.02 -29.18
CA MET E 364 -13.51 -32.64 -28.99
C MET E 364 -12.54 -33.74 -29.37
N HIS E 365 -12.95 -34.99 -29.23
CA HIS E 365 -12.19 -36.10 -29.79
C HIS E 365 -12.11 -36.04 -31.32
N LEU E 366 -13.23 -35.71 -31.95
CA LEU E 366 -13.22 -35.39 -33.39
C LEU E 366 -12.33 -34.16 -33.65
N ASP E 367 -12.53 -33.12 -32.84
CA ASP E 367 -11.76 -31.87 -32.98
C ASP E 367 -10.24 -32.08 -32.98
N LEU E 368 -9.77 -32.92 -32.07
CA LEU E 368 -8.34 -33.15 -31.90
C LEU E 368 -7.69 -33.92 -33.04
N SER E 369 -8.48 -34.78 -33.68
CA SER E 369 -7.94 -35.68 -34.70
C SER E 369 -8.23 -35.26 -36.13
N SER E 370 -9.04 -34.21 -36.30
CA SER E 370 -9.34 -33.69 -37.65
C SER E 370 -8.34 -32.64 -38.07
N PRO E 371 -7.68 -32.85 -39.21
CA PRO E 371 -6.77 -31.84 -39.77
C PRO E 371 -7.52 -30.54 -40.09
N ASN E 372 -8.79 -30.65 -40.52
CA ASN E 372 -9.62 -29.53 -40.93
C ASN E 372 -10.55 -29.04 -39.81
N PHE E 373 -10.15 -29.23 -38.56
CA PHE E 373 -10.86 -28.59 -37.44
C PHE E 373 -10.90 -27.06 -37.67
N GLY E 374 -12.03 -26.42 -37.37
CA GLY E 374 -12.18 -24.96 -37.48
C GLY E 374 -12.27 -24.28 -36.12
N ILE E 375 -13.35 -24.57 -35.38
CA ILE E 375 -13.61 -23.96 -34.06
C ILE E 375 -14.56 -24.84 -33.21
N GLN E 376 -14.49 -24.71 -31.89
CA GLN E 376 -15.45 -25.37 -31.02
C GLN E 376 -16.27 -24.43 -30.18
N GLU E 377 -17.56 -24.34 -30.52
CA GLU E 377 -18.56 -23.67 -29.70
C GLU E 377 -18.58 -24.33 -28.35
N TYR E 378 -18.60 -23.52 -27.32
CA TYR E 378 -18.56 -24.04 -25.97
C TYR E 378 -19.51 -23.30 -25.04
N THR E 379 -20.31 -24.09 -24.32
CA THR E 379 -21.22 -23.52 -23.36
C THR E 379 -20.78 -24.03 -21.98
N PRO E 380 -20.28 -23.11 -21.12
CA PRO E 380 -19.72 -23.48 -19.81
C PRO E 380 -20.72 -24.23 -18.94
N MET E 381 -20.21 -25.16 -18.13
CA MET E 381 -21.07 -26.01 -17.30
C MET E 381 -21.10 -25.54 -15.84
N ASN E 382 -22.19 -25.85 -15.13
CA ASN E 382 -22.24 -25.66 -13.67
C ASN E 382 -21.56 -26.78 -12.92
N ASP E 383 -21.50 -26.64 -11.59
CA ASP E 383 -20.88 -27.62 -10.71
C ASP E 383 -21.57 -28.98 -10.83
N ALA E 384 -22.91 -28.96 -10.84
CA ALA E 384 -23.74 -30.15 -10.97
C ALA E 384 -23.37 -31.02 -12.18
N LEU E 385 -23.11 -30.40 -13.33
CA LEU E 385 -22.68 -31.12 -14.54
C LEU E 385 -21.31 -31.79 -14.38
N ARG E 386 -20.34 -31.06 -13.85
CA ARG E 386 -19.01 -31.62 -13.59
C ARG E 386 -19.07 -32.72 -12.52
N ASP E 387 -20.08 -32.62 -11.66
CA ASP E 387 -20.31 -33.57 -10.56
C ASP E 387 -20.85 -34.88 -11.12
N VAL E 388 -22.02 -34.79 -11.78
CA VAL E 388 -22.70 -35.92 -12.43
C VAL E 388 -21.85 -36.59 -13.52
N PHE E 389 -20.98 -35.81 -14.18
CA PHE E 389 -20.18 -36.34 -15.28
C PHE E 389 -18.67 -36.25 -15.08
N PRO E 390 -18.07 -37.17 -14.29
CA PRO E 390 -16.61 -37.15 -14.09
C PRO E 390 -15.77 -37.26 -15.35
N GLY E 391 -14.86 -36.31 -15.55
CA GLY E 391 -13.90 -36.38 -16.66
C GLY E 391 -14.08 -35.29 -17.70
N CYS E 392 -15.06 -34.41 -17.45
CA CYS E 392 -15.35 -33.21 -18.26
C CYS E 392 -14.06 -32.48 -18.66
N PRO E 393 -14.00 -31.95 -19.90
CA PRO E 393 -12.74 -31.38 -20.36
C PRO E 393 -12.33 -30.14 -19.57
N GLU E 394 -11.04 -29.91 -19.50
CA GLU E 394 -10.48 -28.80 -18.75
C GLU E 394 -10.43 -27.56 -19.64
N ILE E 395 -11.06 -26.50 -19.17
CA ILE E 395 -11.11 -25.24 -19.89
C ILE E 395 -10.07 -24.27 -19.31
N ASP E 396 -9.03 -23.97 -20.10
CA ASP E 396 -7.99 -23.03 -19.66
C ASP E 396 -7.66 -21.96 -20.71
N HIS E 397 -8.15 -20.75 -20.43
CA HIS E 397 -7.78 -19.54 -21.16
C HIS E 397 -8.17 -19.65 -22.64
N GLY E 398 -9.47 -19.87 -22.86
CA GLY E 398 -10.03 -20.00 -24.23
C GLY E 398 -9.66 -21.25 -25.02
N TYR E 399 -8.99 -22.20 -24.39
CA TYR E 399 -8.74 -23.52 -25.01
C TYR E 399 -9.34 -24.62 -24.14
N ALA E 400 -9.85 -25.68 -24.79
CA ALA E 400 -10.29 -26.88 -24.07
C ALA E 400 -9.20 -27.93 -24.09
N TYR E 401 -9.00 -28.61 -22.97
CA TYR E 401 -7.95 -29.63 -22.91
C TYR E 401 -8.56 -30.94 -22.43
N LEU E 402 -8.48 -31.95 -23.30
CA LEU E 402 -9.01 -33.26 -22.96
C LEU E 402 -8.04 -34.03 -22.07
N ASN E 403 -8.60 -34.79 -21.12
CA ASN E 403 -7.80 -35.73 -20.34
C ASN E 403 -7.37 -36.88 -21.25
N ASP E 404 -6.27 -37.55 -20.93
CA ASP E 404 -5.80 -38.62 -21.81
C ASP E 404 -6.30 -40.04 -21.42
N LYS E 405 -7.44 -40.10 -20.72
CA LYS E 405 -8.05 -41.39 -20.36
C LYS E 405 -8.49 -42.17 -21.61
N PRO E 406 -8.44 -43.52 -21.53
CA PRO E 406 -8.90 -44.34 -22.66
C PRO E 406 -10.39 -44.14 -22.93
N GLY E 407 -10.80 -44.34 -24.19
CA GLY E 407 -12.21 -44.12 -24.56
C GLY E 407 -12.55 -42.65 -24.71
N LEU E 408 -13.76 -42.27 -24.31
CA LEU E 408 -14.15 -40.87 -24.37
C LEU E 408 -13.62 -40.04 -23.18
N GLY E 409 -12.97 -40.72 -22.23
CA GLY E 409 -12.43 -40.09 -21.01
C GLY E 409 -13.49 -39.49 -20.11
N ILE E 410 -14.74 -39.93 -20.25
CA ILE E 410 -15.88 -39.40 -19.50
C ILE E 410 -16.69 -40.55 -18.85
N ASP E 411 -17.38 -40.24 -17.75
CA ASP E 411 -18.20 -41.20 -17.05
C ASP E 411 -19.45 -40.50 -16.55
N ILE E 412 -20.43 -41.26 -16.09
CA ILE E 412 -21.62 -40.73 -15.45
C ILE E 412 -21.79 -41.40 -14.09
N ASP E 413 -22.24 -40.63 -13.10
CA ASP E 413 -22.64 -41.16 -11.80
C ASP E 413 -24.16 -41.21 -11.78
N GLU E 414 -24.69 -42.43 -11.85
CA GLU E 414 -26.12 -42.67 -12.00
C GLU E 414 -26.92 -42.27 -10.77
N ALA E 415 -26.27 -42.41 -9.61
CA ALA E 415 -26.82 -42.00 -8.32
C ALA E 415 -27.05 -40.48 -8.30
N LYS E 416 -26.01 -39.75 -8.70
CA LYS E 416 -26.08 -38.28 -8.81
C LYS E 416 -27.05 -37.80 -9.90
N ALA E 417 -26.98 -38.41 -11.09
CA ALA E 417 -27.86 -38.09 -12.22
C ALA E 417 -29.36 -38.16 -11.88
N ALA E 418 -29.72 -39.14 -11.05
CA ALA E 418 -31.10 -39.35 -10.61
C ALA E 418 -31.63 -38.23 -9.71
N LYS E 419 -30.72 -37.49 -9.08
CA LYS E 419 -31.07 -36.32 -8.26
C LYS E 419 -31.46 -35.08 -9.07
N TYR E 420 -31.33 -35.17 -10.40
CA TYR E 420 -31.77 -34.11 -11.29
C TYR E 420 -32.73 -34.66 -12.35
N PRO E 421 -34.04 -34.76 -12.02
CA PRO E 421 -35.03 -35.24 -12.98
C PRO E 421 -35.24 -34.30 -14.15
N CYS E 422 -35.80 -34.81 -15.24
CA CYS E 422 -36.09 -33.99 -16.40
C CYS E 422 -37.43 -33.27 -16.27
N GLU E 423 -37.45 -32.00 -16.66
CA GLU E 423 -38.64 -31.16 -16.58
C GLU E 423 -39.69 -31.53 -17.63
N GLY E 424 -39.24 -32.06 -18.76
CA GLY E 424 -40.12 -32.42 -19.87
C GLY E 424 -40.81 -31.21 -20.47
N GLY E 425 -42.03 -31.42 -20.97
CA GLY E 425 -42.83 -30.34 -21.54
C GLY E 425 -42.30 -29.79 -22.86
N ILE E 426 -42.96 -28.74 -23.37
CA ILE E 426 -42.62 -28.16 -24.67
C ILE E 426 -41.97 -26.78 -24.53
N PRO E 427 -41.01 -26.43 -25.42
CA PRO E 427 -40.45 -25.08 -25.32
C PRO E 427 -41.42 -24.00 -25.79
N SER E 428 -41.05 -22.75 -25.56
CA SER E 428 -41.90 -21.63 -25.93
C SER E 428 -41.24 -20.82 -27.05
N TRP E 429 -39.91 -20.87 -27.10
CA TRP E 429 -39.13 -20.02 -28.01
C TRP E 429 -39.29 -20.36 -29.49
N THR E 430 -39.62 -21.63 -29.75
CA THR E 430 -39.84 -22.18 -31.09
C THR E 430 -41.14 -21.72 -31.75
N MET E 431 -42.01 -21.10 -30.96
CA MET E 431 -43.16 -20.41 -31.51
C MET E 431 -42.77 -18.97 -31.79
N ALA E 432 -42.25 -18.74 -32.99
CA ALA E 432 -41.71 -17.43 -33.34
C ALA E 432 -42.60 -16.82 -34.42
N ARG E 433 -43.06 -15.60 -34.18
CA ARG E 433 -43.95 -14.93 -35.12
C ARG E 433 -43.44 -13.56 -35.55
N THR E 434 -43.53 -13.28 -36.85
CA THR E 434 -43.19 -11.98 -37.41
C THR E 434 -44.28 -10.95 -37.05
N PRO E 435 -44.07 -9.63 -37.33
CA PRO E 435 -45.06 -8.64 -36.92
C PRO E 435 -46.52 -8.93 -37.31
N ASP E 436 -46.78 -9.47 -38.49
CA ASP E 436 -48.17 -9.77 -38.87
C ASP E 436 -48.82 -11.01 -38.19
N GLY E 437 -48.02 -11.80 -37.46
CA GLY E 437 -48.50 -13.05 -36.85
C GLY E 437 -47.98 -14.36 -37.46
N THR E 438 -47.16 -14.29 -38.50
CA THR E 438 -46.76 -15.50 -39.24
C THR E 438 -45.82 -16.42 -38.46
N ALA E 439 -46.23 -17.68 -38.30
CA ALA E 439 -45.40 -18.69 -37.68
C ALA E 439 -44.14 -18.90 -38.52
N SER E 440 -42.98 -18.71 -37.90
CA SER E 440 -41.72 -18.60 -38.66
C SER E 440 -40.74 -19.64 -38.20
N ARG E 441 -39.77 -19.95 -39.06
CA ARG E 441 -38.68 -20.83 -38.66
C ARG E 441 -37.86 -20.09 -37.58
N PRO E 442 -37.69 -20.72 -36.41
CA PRO E 442 -37.13 -20.06 -35.23
C PRO E 442 -35.61 -20.17 -35.12
#